data_8RQ4
#
_entry.id   8RQ4
#
_cell.length_a   1.00
_cell.length_b   1.00
_cell.length_c   1.00
_cell.angle_alpha   90.00
_cell.angle_beta   90.00
_cell.angle_gamma   90.00
#
_symmetry.space_group_name_H-M   'P 1'
#
loop_
_entity.id
_entity.type
_entity.pdbx_description
1 polymer 'ATP-binding cassette sub-family C member 2'
2 non-polymer 'CHOLESTEROL HEMISUCCINATE'
3 non-polymer '4-(dipropylsulfamoyl)benzoic acid'
#
_entity_poly.entity_id   1
_entity_poly.type   'polypeptide(L)'
_entity_poly.pdbx_seq_one_letter_code
;MDKFCNSTFWDLSLLESPEADLPLCFEQTVLVWIPLGFLWLLAPWQLYSVYRSRTKRSSITKFYLAKQVFVVFLLILAAI
DLSLALTEDTGQATVPPVRYTNPILYLCTWLLVLAVQHSRQWCVRKNSWFLSLFWILSVLCGVFQFQTLIRALLKDSKSN
MAYSYLFFVSYGFQIVLLILTAFSGPSDSTQTPSVTASFLSSITFSWYDRTVLKGYKHPLTLEDVWDIDEGFKTRSVTSK
FEAAMTKDLQKARQAFQRRLQKSQRKPEATLHGLNKKQSQSQDVLVLEEAKKKSEKTTKDYPKSWLIKSLFKTFHVVILK
SFILKLIHDLLVFLNPQLLKLLIGFVKSSNSYVWFGYICAILMFAVTLIQSFCLQSYFQHCFVLGMCVRTTVMSSIYKKA
LTLSNLARKQYTIGETVNLMSVDSQKLMDATNYMQLVWSSVIQITLSIFFLWRELGPSILAGVGVMVLLIPVNGVLATKI
RNIQVQNMKNKDKRLKIMNEILSGIKILKYFAWEPSFQEQVQGIRKKELKNLLRFGQLQSLLIFILQITPILVSVVTFSV
YVLVDSANVLNAEKAFTSITLFNILRFPLSMLPMVTSSILQASVSVDRLERYLGGDDLDTSAIRRVSNFDKAVKFSEASF
TWDPDLEATIQDVNLDIKPGQLVAVVGTVGSGKSSLVSAMLGEMENVHGHITIQGSTAYVPQQSWIQNGTIKDNILFGSE
YNEKKYQQVLKACALLPDLEILPGGDMAEIGEKGINLSGGQKQRVSLARAAYQDADIYILDDPLSAVDAHVGKHIFNKVV
GPNGLLAGKTRIFVTHGIHFLPQVDEIVVLGKGTILEKGSYRDLLDKKGVFARNWKTFMKHSGPEGEATVNNDSEAEDDD
DGLIPTMEEIPEDAASLAMRRENSLRRTLSRSSRSSSRRGKSLKNSLKIKNVNVLKEKEKEVEGQKLIKKEFVETGKVKF
SIYLKYLQAVGWWSILFIILFYGLNNVAFIGSNLWLSAWTSDSDNLNGTNNSSSHRDMRIGVFGALGLAQGICLLISTLW
SIYACRNASKALHGQLLTNILRAPMRFFDTTPTGRIVNRFSGDISTVDDLLPQTLRSWMMCFFGIAGTLVMICMATPVFA
IIIIPLSILYISVQVFYVATSRQLRRLDSVTKSPIYSHFSETVTGLPIIRAFEHQQRFLAWNEKQIDINQKCVFSWITSN
RWLAIRLELVGNLVVFCSALLLVIYRKTLTGDVVGFVLSNALNITQTLNWLVRMTSEAETNIVAVERISEYINVENEAPW
VTDKRPPADWPRHGEIQFNNYQVRYRPELDLVLKGITCNIKSGEKVGVVGRTGAGKSSLTNCLFRILESAGGQIIIDGID
VASIGLHDLRERLTIIPQDPILFSGSLRMNLDPFNKYSDEEVWRALELAHLRSFVSGLQLGLLSEVTEGGDNLSIGQRQL
LCLGRAVLRKSKILVLDEATAAVDLETDSLIQTTIRKEFSQCTVITIAHRLHTIMDSDKIMVLDNGKIVEYGSPEELLSN
RGSFYLMAKEAGIENVNHTEL
;
_entity_poly.pdbx_strand_id   A
#
# COMPACT_ATOMS: atom_id res chain seq x y z
N MET A 1 -14.08 -46.67 46.85
CA MET A 1 -14.57 -45.65 45.93
C MET A 1 -15.79 -44.94 46.52
N ASP A 2 -16.44 -45.58 47.49
CA ASP A 2 -17.59 -45.00 48.16
C ASP A 2 -17.39 -45.01 49.67
N LYS A 3 -16.60 -45.98 50.17
CA LYS A 3 -16.36 -46.08 51.60
C LYS A 3 -15.59 -44.88 52.14
N PHE A 4 -14.81 -44.22 51.28
CA PHE A 4 -13.96 -43.11 51.72
C PHE A 4 -14.72 -41.79 51.81
N CYS A 5 -16.01 -41.76 51.45
CA CYS A 5 -16.81 -40.56 51.58
C CYS A 5 -18.09 -40.75 52.39
N ASN A 6 -18.50 -41.99 52.65
CA ASN A 6 -19.69 -42.29 53.45
C ASN A 6 -20.94 -41.61 52.88
N SER A 7 -21.06 -41.63 51.55
CA SER A 7 -22.22 -41.06 50.89
C SER A 7 -22.35 -41.68 49.52
N THR A 8 -23.52 -41.50 48.90
CA THR A 8 -23.76 -42.05 47.58
C THR A 8 -22.84 -41.39 46.55
N PHE A 9 -22.15 -42.22 45.77
CA PHE A 9 -21.21 -41.69 44.78
C PHE A 9 -21.97 -41.11 43.59
N TRP A 10 -22.73 -41.94 42.88
CA TRP A 10 -23.48 -41.54 41.70
C TRP A 10 -24.95 -41.89 41.89
N ASP A 11 -25.82 -40.93 41.60
CA ASP A 11 -27.26 -41.16 41.71
C ASP A 11 -27.95 -40.25 40.69
N LEU A 12 -28.33 -40.83 39.55
CA LEU A 12 -29.03 -40.08 38.52
C LEU A 12 -30.44 -39.70 38.92
N SER A 13 -30.96 -40.27 40.01
CA SER A 13 -32.31 -39.96 40.43
C SER A 13 -32.45 -38.49 40.81
N LEU A 14 -31.43 -37.92 41.46
CA LEU A 14 -31.47 -36.52 41.82
C LEU A 14 -31.53 -35.63 40.57
N LEU A 15 -30.78 -35.99 39.53
CA LEU A 15 -30.82 -35.23 38.29
C LEU A 15 -32.20 -35.28 37.66
N GLU A 16 -32.83 -36.45 37.66
CA GLU A 16 -34.16 -36.62 37.08
C GLU A 16 -35.23 -36.07 38.03
N SER A 17 -35.18 -34.77 38.24
CA SER A 17 -36.13 -34.09 39.11
C SER A 17 -36.13 -32.61 38.77
N PRO A 18 -37.25 -31.91 38.99
CA PRO A 18 -37.27 -30.47 38.66
C PRO A 18 -36.22 -29.67 39.41
N GLU A 19 -35.96 -30.01 40.66
CA GLU A 19 -34.94 -29.36 41.47
C GLU A 19 -33.79 -30.36 41.64
N ALA A 20 -32.86 -30.33 40.68
CA ALA A 20 -31.79 -31.31 40.63
C ALA A 20 -30.51 -30.73 41.22
N ASP A 21 -29.82 -31.55 42.02
CA ASP A 21 -28.54 -31.19 42.58
C ASP A 21 -27.66 -32.43 42.61
N LEU A 22 -26.39 -32.27 42.23
CA LEU A 22 -25.50 -33.40 42.12
C LEU A 22 -25.17 -33.97 43.51
N PRO A 23 -24.88 -35.26 43.60
CA PRO A 23 -24.52 -35.85 44.89
C PRO A 23 -23.26 -35.20 45.46
N LEU A 24 -23.26 -35.00 46.78
CA LEU A 24 -22.15 -34.30 47.41
C LEU A 24 -20.86 -35.10 47.32
N CYS A 25 -20.94 -36.44 47.40
CA CYS A 25 -19.73 -37.24 47.35
C CYS A 25 -19.01 -37.08 46.01
N PHE A 26 -19.73 -37.27 44.91
CA PHE A 26 -19.15 -37.03 43.60
C PHE A 26 -18.72 -35.58 43.44
N GLU A 27 -19.43 -34.66 44.09
CA GLU A 27 -19.20 -33.24 43.90
C GLU A 27 -17.86 -32.83 44.52
N GLN A 28 -17.57 -33.32 45.72
CA GLN A 28 -16.26 -33.15 46.34
C GLN A 28 -15.24 -34.15 45.82
N THR A 29 -15.65 -35.11 45.01
CA THR A 29 -14.75 -36.09 44.42
C THR A 29 -14.11 -35.58 43.13
N VAL A 30 -14.92 -35.42 42.10
CA VAL A 30 -14.38 -35.19 40.76
C VAL A 30 -14.17 -33.72 40.49
N LEU A 31 -15.15 -32.89 40.87
CA LEU A 31 -14.99 -31.45 40.74
C LEU A 31 -13.89 -30.91 41.64
N VAL A 32 -13.41 -31.70 42.59
CA VAL A 32 -12.24 -31.31 43.37
C VAL A 32 -10.96 -31.87 42.77
N TRP A 33 -10.92 -33.13 42.30
CA TRP A 33 -9.62 -33.53 41.75
C TRP A 33 -9.35 -32.96 40.37
N ILE A 34 -10.35 -32.49 39.62
CA ILE A 34 -10.09 -31.99 38.27
C ILE A 34 -9.13 -30.80 38.28
N PRO A 35 -9.38 -29.71 39.03
CA PRO A 35 -8.38 -28.64 39.04
C PRO A 35 -7.07 -29.06 39.68
N LEU A 36 -7.14 -29.78 40.81
CA LEU A 36 -5.91 -30.25 41.44
C LEU A 36 -5.18 -31.23 40.53
N GLY A 37 -5.92 -32.05 39.80
CA GLY A 37 -5.29 -32.95 38.85
C GLY A 37 -4.57 -32.20 37.75
N PHE A 38 -5.21 -31.14 37.22
CA PHE A 38 -4.55 -30.35 36.19
C PHE A 38 -3.31 -29.66 36.74
N LEU A 39 -3.35 -29.23 38.00
CA LEU A 39 -2.23 -28.52 38.59
C LEU A 39 -1.05 -29.44 38.87
N TRP A 40 -1.32 -30.61 39.45
CA TRP A 40 -0.25 -31.51 39.86
C TRP A 40 0.33 -32.30 38.71
N LEU A 41 -0.38 -32.41 37.59
CA LEU A 41 0.13 -33.16 36.45
C LEU A 41 1.07 -32.36 35.58
N LEU A 42 1.19 -31.05 35.82
CA LEU A 42 2.04 -30.20 34.99
C LEU A 42 2.94 -29.27 35.78
N ALA A 43 2.72 -29.10 37.08
CA ALA A 43 3.56 -28.18 37.85
C ALA A 43 5.04 -28.52 37.81
N PRO A 44 5.47 -29.79 37.94
CA PRO A 44 6.92 -30.05 37.84
C PRO A 44 7.52 -29.59 36.54
N TRP A 45 6.81 -29.75 35.42
CA TRP A 45 7.35 -29.35 34.13
C TRP A 45 7.57 -27.85 34.08
N GLN A 46 6.58 -27.07 34.50
CA GLN A 46 6.71 -25.62 34.46
C GLN A 46 7.80 -25.14 35.40
N LEU A 47 7.86 -25.70 36.61
CA LEU A 47 8.88 -25.29 37.56
C LEU A 47 10.28 -25.60 37.04
N TYR A 48 10.47 -26.81 36.49
CA TYR A 48 11.78 -27.17 35.95
C TYR A 48 12.16 -26.28 34.79
N SER A 49 11.22 -26.05 33.86
CA SER A 49 11.54 -25.24 32.68
C SER A 49 11.90 -23.82 33.09
N VAL A 50 11.20 -23.25 34.07
CA VAL A 50 11.50 -21.90 34.49
C VAL A 50 12.83 -21.83 35.23
N TYR A 51 13.07 -22.78 36.14
CA TYR A 51 14.25 -22.67 36.98
C TYR A 51 15.53 -22.99 36.20
N ARG A 52 15.45 -23.87 35.20
CA ARG A 52 16.66 -24.25 34.47
C ARG A 52 17.15 -23.13 33.57
N SER A 53 16.24 -22.48 32.83
CA SER A 53 16.60 -21.40 31.92
C SER A 53 15.99 -20.11 32.45
N ARG A 54 16.80 -19.33 33.17
CA ARG A 54 16.30 -18.10 33.76
C ARG A 54 17.44 -17.11 33.91
N THR A 55 17.11 -15.82 33.84
CA THR A 55 18.07 -14.74 34.05
C THR A 55 18.06 -14.35 35.52
N LYS A 56 18.73 -13.24 35.83
CA LYS A 56 18.76 -12.72 37.20
C LYS A 56 17.64 -11.72 37.47
N ARG A 57 16.59 -11.72 36.65
CA ARG A 57 15.49 -10.80 36.86
C ARG A 57 14.73 -11.18 38.12
N SER A 58 14.46 -10.19 38.97
CA SER A 58 13.73 -10.43 40.21
C SER A 58 13.25 -9.10 40.76
N SER A 59 11.95 -9.02 41.06
CA SER A 59 11.35 -7.81 41.61
C SER A 59 10.15 -8.22 42.44
N ILE A 60 9.72 -7.31 43.30
CA ILE A 60 8.57 -7.53 44.17
C ILE A 60 7.69 -6.28 44.07
N THR A 61 6.64 -6.37 43.27
CA THR A 61 5.70 -5.29 43.05
C THR A 61 4.43 -5.54 43.85
N LYS A 62 3.41 -4.71 43.60
CA LYS A 62 2.14 -4.87 44.32
C LYS A 62 1.46 -6.18 43.94
N PHE A 63 1.47 -6.55 42.66
CA PHE A 63 0.77 -7.75 42.23
C PHE A 63 1.34 -9.01 42.85
N TYR A 64 2.66 -9.17 42.79
CA TYR A 64 3.25 -10.39 43.32
C TYR A 64 2.91 -10.53 44.79
N LEU A 65 3.05 -9.44 45.54
CA LEU A 65 2.76 -9.49 46.97
C LEU A 65 1.29 -9.80 47.24
N ALA A 66 0.38 -9.18 46.47
CA ALA A 66 -1.04 -9.40 46.69
C ALA A 66 -1.43 -10.84 46.39
N LYS A 67 -0.93 -11.39 45.29
CA LYS A 67 -1.25 -12.77 44.96
C LYS A 67 -0.70 -13.73 46.01
N GLN A 68 0.53 -13.48 46.47
CA GLN A 68 1.08 -14.32 47.53
C GLN A 68 0.26 -14.22 48.81
N VAL A 69 -0.17 -13.01 49.16
CA VAL A 69 -0.95 -12.82 50.37
C VAL A 69 -2.27 -13.59 50.28
N PHE A 70 -2.94 -13.50 49.13
CA PHE A 70 -4.20 -14.21 49.01
C PHE A 70 -4.00 -15.72 49.00
N VAL A 71 -2.91 -16.21 48.41
CA VAL A 71 -2.71 -17.65 48.41
C VAL A 71 -2.39 -18.15 49.82
N VAL A 72 -1.64 -17.37 50.60
CA VAL A 72 -1.41 -17.82 51.98
C VAL A 72 -2.69 -17.69 52.79
N PHE A 73 -3.60 -16.80 52.40
CA PHE A 73 -4.92 -16.80 53.01
C PHE A 73 -5.68 -18.08 52.70
N LEU A 74 -5.58 -18.56 51.47
CA LEU A 74 -6.15 -19.86 51.14
C LEU A 74 -5.51 -20.96 51.97
N LEU A 75 -4.20 -20.86 52.18
CA LEU A 75 -3.48 -21.81 53.02
C LEU A 75 -4.06 -21.82 54.43
N ILE A 76 -4.23 -20.63 55.02
CA ILE A 76 -4.77 -20.52 56.36
C ILE A 76 -6.19 -21.06 56.43
N LEU A 77 -6.99 -20.79 55.39
CA LEU A 77 -8.37 -21.26 55.37
C LEU A 77 -8.44 -22.78 55.32
N ALA A 78 -7.60 -23.41 54.49
CA ALA A 78 -7.56 -24.86 54.47
C ALA A 78 -7.08 -25.40 55.81
N ALA A 79 -6.13 -24.71 56.45
CA ALA A 79 -5.64 -25.15 57.75
C ALA A 79 -6.75 -25.13 58.80
N ILE A 80 -7.51 -24.04 58.87
CA ILE A 80 -8.57 -23.97 59.87
C ILE A 80 -9.68 -24.95 59.52
N ASP A 81 -9.89 -25.23 58.22
CA ASP A 81 -10.84 -26.27 57.84
C ASP A 81 -10.41 -27.62 58.40
N LEU A 82 -9.12 -27.95 58.25
CA LEU A 82 -8.62 -29.19 58.80
C LEU A 82 -8.77 -29.23 60.32
N SER A 83 -8.48 -28.10 60.97
CA SER A 83 -8.63 -28.02 62.42
C SER A 83 -10.06 -28.30 62.85
N LEU A 84 -11.02 -27.67 62.17
CA LEU A 84 -12.43 -27.87 62.52
C LEU A 84 -12.87 -29.31 62.26
N ALA A 85 -12.41 -29.89 61.15
CA ALA A 85 -12.77 -31.27 60.86
C ALA A 85 -12.23 -32.21 61.93
N LEU A 86 -10.98 -32.01 62.36
CA LEU A 86 -10.42 -32.88 63.39
C LEU A 86 -11.09 -32.65 64.73
N THR A 87 -11.43 -31.40 65.05
CA THR A 87 -12.11 -31.12 66.31
C THR A 87 -13.49 -31.77 66.35
N GLU A 88 -14.18 -31.80 65.21
CA GLU A 88 -15.52 -32.38 65.16
C GLU A 88 -15.53 -33.91 65.31
N ASP A 89 -14.40 -34.54 65.64
CA ASP A 89 -14.40 -35.99 65.86
C ASP A 89 -15.31 -36.37 67.02
N THR A 90 -15.26 -35.60 68.11
CA THR A 90 -16.14 -35.86 69.26
C THR A 90 -17.55 -35.36 69.02
N GLY A 91 -17.78 -34.51 68.02
CA GLY A 91 -19.13 -34.07 67.72
C GLY A 91 -20.02 -35.17 67.19
N GLN A 92 -19.49 -36.01 66.31
CA GLN A 92 -20.23 -37.11 65.70
C GLN A 92 -19.56 -38.44 66.06
N ALA A 93 -20.06 -39.52 65.45
CA ALA A 93 -19.50 -40.84 65.71
C ALA A 93 -18.24 -41.08 64.89
N THR A 94 -18.36 -41.00 63.56
CA THR A 94 -17.21 -41.18 62.68
C THR A 94 -17.37 -40.26 61.49
N VAL A 95 -16.49 -39.25 61.40
CA VAL A 95 -16.51 -38.31 60.28
C VAL A 95 -16.08 -39.03 59.01
N PRO A 96 -16.64 -38.68 57.85
CA PRO A 96 -16.21 -39.33 56.62
C PRO A 96 -14.76 -39.03 56.33
N PRO A 97 -14.04 -39.96 55.69
CA PRO A 97 -12.61 -39.72 55.40
C PRO A 97 -12.37 -38.51 54.51
N VAL A 98 -13.31 -38.18 53.62
CA VAL A 98 -13.13 -37.04 52.73
C VAL A 98 -12.95 -35.75 53.54
N ARG A 99 -13.76 -35.59 54.60
CA ARG A 99 -13.77 -34.36 55.37
C ARG A 99 -12.39 -34.02 55.94
N TYR A 100 -11.54 -35.02 56.16
CA TYR A 100 -10.20 -34.77 56.66
C TYR A 100 -9.09 -35.19 55.70
N THR A 101 -9.41 -35.68 54.51
CA THR A 101 -8.35 -35.88 53.52
C THR A 101 -8.33 -34.79 52.46
N ASN A 102 -9.44 -34.11 52.20
CA ASN A 102 -9.41 -32.96 51.32
C ASN A 102 -8.51 -31.85 51.83
N PRO A 103 -8.55 -31.45 53.11
CA PRO A 103 -7.66 -30.37 53.55
C PRO A 103 -6.19 -30.64 53.35
N ILE A 104 -5.73 -31.88 53.51
CA ILE A 104 -4.32 -32.16 53.27
C ILE A 104 -3.97 -31.92 51.81
N LEU A 105 -4.84 -32.38 50.90
CA LEU A 105 -4.61 -32.14 49.48
C LEU A 105 -4.60 -30.65 49.17
N TYR A 106 -5.51 -29.89 49.79
CA TYR A 106 -5.52 -28.45 49.58
C TYR A 106 -4.26 -27.79 50.11
N LEU A 107 -3.78 -28.23 51.27
CA LEU A 107 -2.54 -27.69 51.81
C LEU A 107 -1.38 -27.91 50.85
N CYS A 108 -1.22 -29.15 50.40
CA CYS A 108 -0.12 -29.45 49.48
C CYS A 108 -0.26 -28.67 48.19
N THR A 109 -1.48 -28.58 47.65
CA THR A 109 -1.65 -27.90 46.37
C THR A 109 -1.50 -26.40 46.49
N TRP A 110 -1.81 -25.81 47.65
CA TRP A 110 -1.57 -24.38 47.80
C TRP A 110 -0.09 -24.10 48.03
N LEU A 111 0.65 -25.00 48.67
CA LEU A 111 2.09 -24.86 48.70
C LEU A 111 2.66 -24.90 47.29
N LEU A 112 2.17 -25.83 46.47
CA LEU A 112 2.63 -25.89 45.08
C LEU A 112 2.29 -24.61 44.33
N VAL A 113 1.09 -24.05 44.58
CA VAL A 113 0.71 -22.80 43.93
C VAL A 113 1.63 -21.66 44.36
N LEU A 114 1.97 -21.59 45.65
CA LEU A 114 2.90 -20.56 46.11
C LEU A 114 4.24 -20.69 45.41
N ALA A 115 4.74 -21.91 45.27
CA ALA A 115 6.00 -22.12 44.57
C ALA A 115 5.89 -21.71 43.10
N VAL A 116 4.77 -22.04 42.46
CA VAL A 116 4.60 -21.70 41.04
C VAL A 116 4.58 -20.19 40.85
N GLN A 117 3.82 -19.49 41.70
CA GLN A 117 3.72 -18.05 41.59
C GLN A 117 5.07 -17.40 41.83
N HIS A 118 5.84 -17.90 42.81
CA HIS A 118 7.17 -17.36 43.01
C HIS A 118 8.06 -17.61 41.81
N SER A 119 8.00 -18.82 41.24
CA SER A 119 8.87 -19.16 40.13
C SER A 119 8.57 -18.32 38.90
N ARG A 120 7.31 -17.92 38.73
CA ARG A 120 6.96 -17.13 37.56
C ARG A 120 7.70 -15.81 37.50
N GLN A 121 8.24 -15.33 38.63
CA GLN A 121 8.93 -14.05 38.64
C GLN A 121 10.16 -14.06 37.76
N TRP A 122 10.83 -15.21 37.62
CA TRP A 122 12.00 -15.27 36.76
C TRP A 122 11.64 -15.04 35.30
N CYS A 123 10.52 -15.58 34.85
CA CYS A 123 10.12 -15.44 33.47
C CYS A 123 9.60 -14.04 33.19
N VAL A 124 9.31 -13.77 31.92
CA VAL A 124 8.89 -12.43 31.50
C VAL A 124 7.38 -12.26 31.45
N ARG A 125 6.62 -13.35 31.33
CA ARG A 125 5.16 -13.31 31.37
C ARG A 125 4.74 -13.70 32.77
N LYS A 126 4.30 -12.70 33.55
CA LYS A 126 4.05 -12.93 34.97
C LYS A 126 2.92 -13.93 35.18
N ASN A 127 1.83 -13.79 34.44
CA ASN A 127 0.64 -14.63 34.61
C ASN A 127 0.43 -15.41 33.32
N SER A 128 1.06 -16.58 33.22
CA SER A 128 1.11 -17.32 31.98
C SER A 128 -0.12 -18.23 31.87
N TRP A 129 -0.09 -19.17 30.92
CA TRP A 129 -1.27 -19.97 30.63
C TRP A 129 -1.58 -20.93 31.75
N PHE A 130 -0.55 -21.49 32.40
CA PHE A 130 -0.78 -22.53 33.38
C PHE A 130 -1.60 -22.02 34.56
N LEU A 131 -1.18 -20.91 35.17
CA LEU A 131 -1.88 -20.42 36.34
C LEU A 131 -3.29 -19.95 35.99
N SER A 132 -3.43 -19.22 34.88
CA SER A 132 -4.74 -18.70 34.53
C SER A 132 -5.71 -19.83 34.21
N LEU A 133 -5.25 -20.84 33.48
CA LEU A 133 -6.11 -21.98 33.20
C LEU A 133 -6.47 -22.74 34.47
N PHE A 134 -5.53 -22.87 35.40
CA PHE A 134 -5.86 -23.54 36.65
C PHE A 134 -6.93 -22.78 37.41
N TRP A 135 -6.82 -21.44 37.47
CA TRP A 135 -7.83 -20.67 38.18
C TRP A 135 -9.19 -20.80 37.50
N ILE A 136 -9.22 -20.78 36.17
CA ILE A 136 -10.48 -20.90 35.45
C ILE A 136 -11.12 -22.25 35.73
N LEU A 137 -10.33 -23.32 35.67
CA LEU A 137 -10.88 -24.64 35.97
C LEU A 137 -11.38 -24.71 37.40
N SER A 138 -10.64 -24.12 38.35
CA SER A 138 -11.06 -24.19 39.74
C SER A 138 -12.39 -23.47 39.94
N VAL A 139 -12.55 -22.28 39.36
CA VAL A 139 -13.79 -21.54 39.51
C VAL A 139 -14.96 -22.29 38.89
N LEU A 140 -14.74 -22.81 37.67
CA LEU A 140 -15.83 -23.53 36.98
C LEU A 140 -16.23 -24.78 37.74
N CYS A 141 -15.25 -25.54 38.24
CA CYS A 141 -15.57 -26.77 38.94
C CYS A 141 -16.01 -26.54 40.38
N GLY A 142 -15.85 -25.32 40.90
CA GLY A 142 -16.33 -25.05 42.23
C GLY A 142 -17.67 -24.34 42.28
N VAL A 143 -18.12 -23.78 41.16
CA VAL A 143 -19.44 -23.15 41.17
C VAL A 143 -20.52 -24.16 41.49
N PHE A 144 -20.32 -25.43 41.12
CA PHE A 144 -21.30 -26.46 41.43
C PHE A 144 -21.43 -26.65 42.94
N GLN A 145 -20.30 -26.77 43.64
CA GLN A 145 -20.36 -26.92 45.08
C GLN A 145 -20.91 -25.66 45.74
N PHE A 146 -20.57 -24.49 45.18
CA PHE A 146 -21.09 -23.25 45.72
C PHE A 146 -22.62 -23.22 45.64
N GLN A 147 -23.17 -23.56 44.47
CA GLN A 147 -24.62 -23.54 44.32
C GLN A 147 -25.27 -24.63 45.17
N THR A 148 -24.64 -25.79 45.28
CA THR A 148 -25.23 -26.86 46.09
C THR A 148 -25.27 -26.45 47.56
N LEU A 149 -24.19 -25.88 48.07
CA LEU A 149 -24.17 -25.46 49.46
C LEU A 149 -25.16 -24.33 49.71
N ILE A 150 -25.23 -23.35 48.80
CA ILE A 150 -26.16 -22.24 49.01
C ILE A 150 -27.60 -22.73 48.92
N ARG A 151 -27.89 -23.70 48.05
CA ARG A 151 -29.24 -24.24 47.94
C ARG A 151 -29.60 -25.05 49.18
N ALA A 152 -28.66 -25.83 49.70
CA ALA A 152 -28.92 -26.60 50.91
C ALA A 152 -29.15 -25.69 52.10
N LEU A 153 -28.32 -24.65 52.25
CA LEU A 153 -28.52 -23.71 53.34
C LEU A 153 -29.75 -22.86 53.16
N LEU A 154 -30.25 -22.74 51.92
CA LEU A 154 -31.41 -21.90 51.67
C LEU A 154 -32.66 -22.44 52.36
N LYS A 155 -32.88 -23.75 52.31
CA LYS A 155 -34.12 -24.33 52.82
C LYS A 155 -34.01 -24.64 54.31
N ASP A 156 -33.57 -23.65 55.09
CA ASP A 156 -33.59 -23.70 56.56
C ASP A 156 -32.94 -24.98 57.09
N SER A 157 -31.83 -25.38 56.48
CA SER A 157 -31.10 -26.58 56.87
C SER A 157 -29.91 -26.14 57.71
N LYS A 158 -30.14 -25.96 59.01
CA LYS A 158 -29.11 -25.47 59.93
C LYS A 158 -28.20 -26.64 60.32
N SER A 159 -27.30 -26.97 59.41
CA SER A 159 -26.31 -28.03 59.65
C SER A 159 -24.97 -27.58 59.08
N ASN A 160 -23.91 -27.78 59.86
CA ASN A 160 -22.53 -27.43 59.51
C ASN A 160 -22.45 -26.07 58.81
N MET A 161 -22.87 -25.04 59.55
CA MET A 161 -22.78 -23.68 59.03
C MET A 161 -21.34 -23.27 58.80
N ALA A 162 -20.45 -23.66 59.70
CA ALA A 162 -19.06 -23.20 59.64
C ALA A 162 -18.38 -23.69 58.37
N TYR A 163 -18.56 -24.96 58.01
CA TYR A 163 -17.93 -25.48 56.80
C TYR A 163 -18.45 -24.76 55.56
N SER A 164 -19.76 -24.52 55.50
CA SER A 164 -20.32 -23.82 54.35
C SER A 164 -19.78 -22.40 54.26
N TYR A 165 -19.72 -21.68 55.39
CA TYR A 165 -19.19 -20.31 55.38
C TYR A 165 -17.74 -20.30 54.95
N LEU A 166 -16.96 -21.26 55.44
CA LEU A 166 -15.55 -21.33 55.08
C LEU A 166 -15.40 -21.61 53.58
N PHE A 167 -16.22 -22.48 53.03
CA PHE A 167 -16.15 -22.73 51.59
C PHE A 167 -16.54 -21.47 50.82
N PHE A 168 -17.53 -20.73 51.30
CA PHE A 168 -17.91 -19.50 50.62
C PHE A 168 -16.75 -18.52 50.60
N VAL A 169 -16.07 -18.36 51.73
CA VAL A 169 -14.94 -17.43 51.78
C VAL A 169 -13.81 -17.91 50.87
N SER A 170 -13.52 -19.22 50.87
CA SER A 170 -12.49 -19.73 49.99
C SER A 170 -12.83 -19.52 48.53
N TYR A 171 -14.10 -19.71 48.16
CA TYR A 171 -14.49 -19.50 46.78
C TYR A 171 -14.42 -18.03 46.39
N GLY A 172 -14.81 -17.14 47.30
CA GLY A 172 -14.67 -15.72 47.01
C GLY A 172 -13.22 -15.32 46.80
N PHE A 173 -12.32 -15.88 47.62
CA PHE A 173 -10.91 -15.57 47.45
C PHE A 173 -10.37 -16.15 46.16
N GLN A 174 -10.84 -17.33 45.76
CA GLN A 174 -10.42 -17.89 44.48
C GLN A 174 -10.90 -17.03 43.32
N ILE A 175 -12.11 -16.47 43.44
CA ILE A 175 -12.62 -15.58 42.41
C ILE A 175 -11.77 -14.32 42.32
N VAL A 176 -11.42 -13.74 43.47
CA VAL A 176 -10.58 -12.54 43.42
C VAL A 176 -9.19 -12.88 42.89
N LEU A 177 -8.71 -14.09 43.14
CA LEU A 177 -7.41 -14.49 42.63
C LEU A 177 -7.43 -14.65 41.12
N LEU A 178 -8.49 -15.22 40.58
CA LEU A 178 -8.63 -15.27 39.12
C LEU A 178 -8.72 -13.88 38.54
N ILE A 179 -9.44 -12.98 39.21
CA ILE A 179 -9.55 -11.61 38.73
C ILE A 179 -8.17 -10.96 38.66
N LEU A 180 -7.35 -11.17 39.69
CA LEU A 180 -6.00 -10.61 39.68
C LEU A 180 -5.14 -11.25 38.59
N THR A 181 -5.23 -12.57 38.42
CA THR A 181 -4.42 -13.25 37.41
C THR A 181 -4.78 -12.80 36.00
N ALA A 182 -6.03 -12.38 35.79
CA ALA A 182 -6.39 -11.86 34.47
C ALA A 182 -5.56 -10.62 34.12
N PHE A 183 -5.37 -9.72 35.09
CA PHE A 183 -4.73 -8.44 34.81
C PHE A 183 -3.29 -8.62 34.37
N SER A 184 -2.87 -7.80 33.41
CA SER A 184 -1.49 -7.80 32.97
C SER A 184 -0.60 -7.29 34.09
N GLY A 185 0.61 -7.84 34.16
CA GLY A 185 1.56 -7.41 35.15
C GLY A 185 2.07 -6.02 34.85
N PRO A 186 2.68 -5.37 35.86
CA PRO A 186 3.34 -4.09 35.59
C PRO A 186 4.46 -4.26 34.58
N SER A 187 4.60 -3.27 33.71
CA SER A 187 5.48 -3.38 32.55
C SER A 187 6.85 -2.78 32.87
N ASP A 188 7.90 -3.41 32.33
CA ASP A 188 9.26 -2.92 32.47
C ASP A 188 9.61 -1.87 31.42
N SER A 189 8.70 -1.57 30.49
CA SER A 189 8.87 -0.55 29.46
C SER A 189 10.08 -0.80 28.58
N THR A 190 10.60 -2.03 28.57
CA THR A 190 11.68 -2.42 27.68
C THR A 190 11.23 -3.40 26.62
N GLN A 191 9.97 -3.81 26.64
CA GLN A 191 9.42 -4.71 25.63
C GLN A 191 8.03 -4.24 25.25
N THR A 192 7.63 -4.57 24.03
CA THR A 192 6.26 -4.30 23.61
C THR A 192 5.30 -5.12 24.48
N PRO A 193 4.12 -4.57 24.80
CA PRO A 193 3.20 -5.31 25.69
C PRO A 193 2.72 -6.62 25.11
N SER A 194 2.91 -6.87 23.82
CA SER A 194 2.45 -8.11 23.23
C SER A 194 3.14 -9.32 23.85
N VAL A 195 4.28 -9.12 24.50
CA VAL A 195 5.07 -10.23 25.03
C VAL A 195 5.09 -10.26 26.55
N THR A 196 4.60 -9.22 27.23
CA THR A 196 4.57 -9.19 28.68
C THR A 196 3.16 -9.11 29.23
N ALA A 197 2.15 -9.46 28.44
CA ALA A 197 0.77 -9.41 28.88
C ALA A 197 0.33 -10.76 29.43
N SER A 198 -0.64 -10.72 30.34
CA SER A 198 -1.13 -11.94 30.96
C SER A 198 -1.85 -12.81 29.94
N PHE A 199 -1.99 -14.09 30.28
CA PHE A 199 -2.53 -15.03 29.30
C PHE A 199 -3.93 -14.64 28.88
N LEU A 200 -4.78 -14.26 29.82
CA LEU A 200 -6.13 -13.87 29.47
C LEU A 200 -6.13 -12.63 28.57
N SER A 201 -5.26 -11.67 28.87
CA SER A 201 -5.18 -10.49 28.01
C SER A 201 -4.62 -10.83 26.64
N SER A 202 -3.59 -11.64 26.59
CA SER A 202 -3.03 -12.02 25.29
C SER A 202 -4.02 -12.81 24.47
N ILE A 203 -4.91 -13.55 25.13
CA ILE A 203 -5.98 -14.25 24.43
C ILE A 203 -7.02 -13.27 23.92
N THR A 204 -7.41 -12.32 24.75
CA THR A 204 -8.49 -11.39 24.42
C THR A 204 -8.02 -10.07 23.84
N PHE A 205 -6.72 -9.91 23.61
CA PHE A 205 -6.13 -8.74 22.95
C PHE A 205 -6.53 -7.44 23.64
N SER A 206 -6.65 -7.48 24.96
CA SER A 206 -6.94 -6.27 25.70
C SER A 206 -5.71 -5.40 25.91
N TRP A 207 -4.51 -5.96 25.72
CA TRP A 207 -3.31 -5.15 25.86
C TRP A 207 -3.21 -4.07 24.80
N TYR A 208 -4.01 -4.18 23.74
CA TYR A 208 -4.07 -3.14 22.73
C TYR A 208 -4.88 -1.94 23.18
N ASP A 209 -5.65 -2.06 24.27
CA ASP A 209 -6.58 -1.01 24.65
C ASP A 209 -5.91 0.35 24.67
N ARG A 210 -4.77 0.45 25.32
CA ARG A 210 -4.10 1.73 25.46
C ARG A 210 -3.93 2.40 24.10
N THR A 211 -3.37 1.67 23.13
CA THR A 211 -3.13 2.27 21.82
C THR A 211 -4.42 2.83 21.25
N VAL A 212 -5.51 2.06 21.34
CA VAL A 212 -6.78 2.53 20.80
C VAL A 212 -7.22 3.80 21.50
N LEU A 213 -7.10 3.83 22.83
CA LEU A 213 -7.40 5.07 23.54
C LEU A 213 -6.47 6.19 23.09
N LYS A 214 -5.18 5.87 22.94
CA LYS A 214 -4.25 6.87 22.44
C LYS A 214 -4.62 7.35 21.05
N GLY A 215 -5.33 6.50 20.28
CA GLY A 215 -5.78 6.93 18.97
C GLY A 215 -7.03 7.79 19.03
N TYR A 216 -7.87 7.58 20.04
CA TYR A 216 -9.12 8.32 20.10
C TYR A 216 -8.90 9.77 20.54
N LYS A 217 -8.07 9.98 21.55
CA LYS A 217 -7.89 11.32 22.11
C LYS A 217 -7.16 12.23 21.14
N HIS A 218 -6.04 11.76 20.59
CA HIS A 218 -5.20 12.57 19.71
C HIS A 218 -4.73 11.70 18.56
N PRO A 219 -4.41 12.29 17.42
CA PRO A 219 -3.98 11.49 16.28
C PRO A 219 -2.72 10.69 16.59
N LEU A 220 -2.63 9.51 15.99
CA LEU A 220 -1.50 8.62 16.23
C LEU A 220 -0.31 9.06 15.39
N THR A 221 0.79 9.32 16.06
CA THR A 221 2.05 9.66 15.42
C THR A 221 2.94 8.42 15.37
N LEU A 222 3.74 8.32 14.32
CA LEU A 222 4.59 7.14 14.10
C LEU A 222 5.41 6.77 15.34
N GLU A 223 5.59 7.69 16.28
CA GLU A 223 6.26 7.34 17.52
C GLU A 223 5.32 6.68 18.53
N ASP A 224 4.00 6.78 18.32
CA ASP A 224 3.03 6.23 19.27
C ASP A 224 2.67 4.78 18.97
N VAL A 225 3.15 4.22 17.88
CA VAL A 225 2.91 2.83 17.54
C VAL A 225 4.06 2.00 18.11
N TRP A 226 3.74 1.03 18.94
CA TRP A 226 4.77 0.27 19.64
C TRP A 226 5.63 -0.52 18.66
N ASP A 227 6.91 -0.64 19.00
CA ASP A 227 7.82 -1.39 18.15
C ASP A 227 7.46 -2.87 18.15
N ILE A 228 8.13 -3.63 17.29
CA ILE A 228 7.99 -5.07 17.26
C ILE A 228 9.14 -5.68 18.05
N ASP A 229 8.93 -6.90 18.52
CA ASP A 229 9.98 -7.59 19.25
C ASP A 229 11.06 -8.08 18.30
N GLU A 230 12.22 -8.43 18.87
CA GLU A 230 13.39 -8.78 18.08
C GLU A 230 13.17 -9.99 17.21
N GLY A 231 12.13 -10.78 17.47
CA GLY A 231 11.87 -11.96 16.66
C GLY A 231 11.51 -11.62 15.23
N PHE A 232 10.73 -10.55 15.02
CA PHE A 232 10.23 -10.21 13.70
C PHE A 232 11.04 -9.13 12.99
N LYS A 233 12.00 -8.52 13.66
CA LYS A 233 12.80 -7.48 13.02
C LYS A 233 13.58 -8.07 11.85
N THR A 234 13.75 -7.29 10.80
CA THR A 234 14.15 -7.84 9.51
C THR A 234 15.51 -8.52 9.57
N ARG A 235 16.43 -8.03 10.42
CA ARG A 235 17.75 -8.64 10.47
C ARG A 235 17.67 -10.08 10.96
N SER A 236 16.87 -10.33 12.00
CA SER A 236 16.79 -11.66 12.58
C SER A 236 16.14 -12.66 11.63
N VAL A 237 14.99 -12.29 11.04
CA VAL A 237 14.32 -13.22 10.14
C VAL A 237 15.15 -13.43 8.88
N THR A 238 15.80 -12.38 8.38
CA THR A 238 16.64 -12.55 7.20
C THR A 238 17.82 -13.47 7.48
N SER A 239 18.45 -13.33 8.65
CA SER A 239 19.53 -14.24 9.00
C SER A 239 19.03 -15.67 9.10
N LYS A 240 17.87 -15.87 9.72
CA LYS A 240 17.32 -17.22 9.82
C LYS A 240 17.02 -17.80 8.43
N PHE A 241 16.45 -16.98 7.56
CA PHE A 241 16.16 -17.44 6.20
C PHE A 241 17.44 -17.80 5.45
N GLU A 242 18.49 -16.98 5.58
CA GLU A 242 19.74 -17.30 4.91
C GLU A 242 20.33 -18.59 5.43
N ALA A 243 20.29 -18.79 6.75
CA ALA A 243 20.83 -20.01 7.33
C ALA A 243 20.07 -21.24 6.82
N ALA A 244 18.75 -21.17 6.78
CA ALA A 244 17.96 -22.31 6.33
C ALA A 244 17.85 -22.39 4.81
N MET A 245 18.36 -21.41 4.09
CA MET A 245 18.26 -21.36 2.64
C MET A 245 19.55 -21.71 1.92
N THR A 246 20.71 -21.53 2.55
CA THR A 246 21.96 -21.77 1.85
C THR A 246 22.09 -23.23 1.41
N LYS A 247 21.68 -24.17 2.27
CA LYS A 247 21.80 -25.59 1.91
C LYS A 247 20.90 -25.93 0.72
N ASP A 248 19.64 -25.48 0.77
CA ASP A 248 18.72 -25.78 -0.32
C ASP A 248 19.17 -25.11 -1.63
N LEU A 249 19.65 -23.87 -1.54
CA LEU A 249 20.15 -23.21 -2.73
C LEU A 249 21.34 -23.94 -3.30
N GLN A 250 22.24 -24.42 -2.44
CA GLN A 250 23.39 -25.19 -2.93
C GLN A 250 22.94 -26.46 -3.62
N LYS A 251 21.96 -27.16 -3.04
CA LYS A 251 21.48 -28.39 -3.66
C LYS A 251 20.85 -28.11 -5.02
N ALA A 252 20.02 -27.08 -5.11
CA ALA A 252 19.40 -26.74 -6.39
C ALA A 252 20.44 -26.27 -7.39
N ARG A 253 21.47 -25.55 -6.93
CA ARG A 253 22.52 -25.10 -7.82
C ARG A 253 23.30 -26.28 -8.38
N GLN A 254 23.63 -27.26 -7.55
CA GLN A 254 24.35 -28.43 -8.04
C GLN A 254 23.49 -29.23 -9.00
N ALA A 255 22.19 -29.34 -8.72
CA ALA A 255 21.31 -30.02 -9.65
C ALA A 255 21.21 -29.27 -10.98
N PHE A 256 21.17 -27.94 -10.92
CA PHE A 256 21.13 -27.15 -12.15
C PHE A 256 22.41 -27.31 -12.96
N GLN A 257 23.56 -27.36 -12.28
CA GLN A 257 24.81 -27.58 -12.97
C GLN A 257 24.84 -28.96 -13.63
N ARG A 258 24.36 -29.98 -12.92
CA ARG A 258 24.31 -31.32 -13.50
C ARG A 258 23.37 -31.35 -14.71
N ARG A 259 22.21 -30.71 -14.60
CA ARG A 259 21.27 -30.67 -15.71
C ARG A 259 21.86 -29.95 -16.90
N LEU A 260 22.55 -28.83 -16.67
CA LEU A 260 23.15 -28.08 -17.77
C LEU A 260 24.25 -28.88 -18.44
N GLN A 261 25.09 -29.56 -17.66
CA GLN A 261 26.17 -30.34 -18.26
C GLN A 261 25.62 -31.55 -19.00
N LYS A 262 24.52 -32.13 -18.54
CA LYS A 262 23.90 -33.23 -19.26
C LYS A 262 23.27 -32.76 -20.56
N SER A 263 22.60 -31.60 -20.54
CA SER A 263 22.01 -31.07 -21.75
C SER A 263 23.08 -30.70 -22.77
N GLN A 264 24.18 -30.09 -22.32
CA GLN A 264 25.23 -29.67 -23.24
C GLN A 264 26.06 -30.84 -23.76
N ARG A 265 26.01 -31.99 -23.10
CA ARG A 265 26.76 -33.15 -23.52
C ARG A 265 25.98 -33.96 -24.57
N THR A 298 19.48 -20.44 -21.03
CA THR A 298 19.41 -19.25 -20.20
C THR A 298 18.13 -19.21 -19.39
N LYS A 299 17.14 -19.99 -19.83
CA LYS A 299 15.86 -20.06 -19.13
C LYS A 299 15.88 -21.02 -17.96
N ASP A 300 16.99 -21.71 -17.72
CA ASP A 300 17.11 -22.65 -16.62
C ASP A 300 17.87 -21.98 -15.49
N TYR A 301 17.27 -21.95 -14.31
CA TYR A 301 17.85 -21.37 -13.11
C TYR A 301 17.58 -22.31 -11.95
N PRO A 302 18.48 -22.35 -10.96
CA PRO A 302 18.25 -23.25 -9.82
C PRO A 302 16.95 -22.93 -9.11
N LYS A 303 15.99 -23.83 -9.20
CA LYS A 303 14.62 -23.58 -8.78
C LYS A 303 14.20 -24.56 -7.69
N SER A 304 12.97 -24.38 -7.21
CA SER A 304 12.39 -25.26 -6.20
C SER A 304 13.22 -25.27 -4.92
N TRP A 305 13.57 -24.08 -4.44
CA TRP A 305 14.16 -23.94 -3.12
C TRP A 305 13.57 -22.82 -2.30
N LEU A 306 12.78 -21.92 -2.89
CA LEU A 306 12.21 -20.84 -2.10
C LEU A 306 11.14 -21.35 -1.16
N ILE A 307 10.23 -22.19 -1.67
CA ILE A 307 9.16 -22.70 -0.83
C ILE A 307 9.72 -23.62 0.25
N LYS A 308 10.66 -24.49 -0.11
CA LYS A 308 11.24 -25.39 0.88
C LYS A 308 11.93 -24.59 1.99
N SER A 309 12.70 -23.58 1.61
CA SER A 309 13.44 -22.81 2.62
C SER A 309 12.50 -22.00 3.50
N LEU A 310 11.47 -21.40 2.92
CA LEU A 310 10.52 -20.66 3.74
C LEU A 310 9.79 -21.59 4.70
N PHE A 311 9.39 -22.77 4.24
CA PHE A 311 8.74 -23.71 5.15
C PHE A 311 9.70 -24.17 6.25
N LYS A 312 10.94 -24.45 5.89
CA LYS A 312 11.92 -24.89 6.88
C LYS A 312 12.15 -23.81 7.93
N THR A 313 12.16 -22.55 7.52
CA THR A 313 12.43 -21.46 8.45
C THR A 313 11.21 -21.01 9.23
N PHE A 314 9.99 -21.38 8.84
CA PHE A 314 8.81 -20.95 9.57
C PHE A 314 7.94 -22.12 10.07
N HIS A 315 8.49 -23.34 10.05
CA HIS A 315 7.68 -24.50 10.41
C HIS A 315 7.04 -24.41 11.79
N VAL A 316 7.69 -23.72 12.74
CA VAL A 316 7.12 -23.66 14.08
C VAL A 316 5.80 -22.91 14.09
N VAL A 317 5.79 -21.72 13.48
CA VAL A 317 4.55 -20.95 13.41
C VAL A 317 3.54 -21.64 12.50
N ILE A 318 4.01 -22.32 11.46
CA ILE A 318 3.09 -23.07 10.61
C ILE A 318 2.36 -24.13 11.42
N LEU A 319 3.09 -24.86 12.26
CA LEU A 319 2.48 -25.91 13.08
C LEU A 319 1.54 -25.33 14.13
N LYS A 320 1.95 -24.24 14.79
CA LYS A 320 1.08 -23.64 15.79
C LYS A 320 -0.24 -23.19 15.16
N SER A 321 -0.17 -22.53 14.00
CA SER A 321 -1.39 -22.09 13.33
C SER A 321 -2.22 -23.29 12.87
N PHE A 322 -1.57 -24.35 12.38
CA PHE A 322 -2.33 -25.50 11.91
C PHE A 322 -3.09 -26.16 13.04
N ILE A 323 -2.44 -26.33 14.20
CA ILE A 323 -3.11 -26.97 15.32
C ILE A 323 -4.23 -26.09 15.85
N LEU A 324 -4.00 -24.77 15.93
CA LEU A 324 -5.06 -23.88 16.39
C LEU A 324 -6.27 -23.92 15.46
N LYS A 325 -6.02 -23.95 14.15
CA LYS A 325 -7.12 -24.02 13.20
C LYS A 325 -7.84 -25.36 13.30
N LEU A 326 -7.11 -26.45 13.50
CA LEU A 326 -7.78 -27.74 13.65
C LEU A 326 -8.66 -27.77 14.88
N ILE A 327 -8.18 -27.21 16.00
CA ILE A 327 -9.00 -27.17 17.21
C ILE A 327 -10.25 -26.36 16.97
N HIS A 328 -10.11 -25.18 16.33
CA HIS A 328 -11.29 -24.36 16.07
C HIS A 328 -12.27 -25.07 15.14
N ASP A 329 -11.76 -25.76 14.12
CA ASP A 329 -12.64 -26.46 13.19
C ASP A 329 -13.40 -27.59 13.87
N LEU A 330 -12.73 -28.37 14.71
CA LEU A 330 -13.44 -29.38 15.47
C LEU A 330 -14.39 -28.76 16.48
N LEU A 331 -14.18 -27.50 16.85
CA LEU A 331 -15.02 -26.84 17.83
C LEU A 331 -16.18 -26.07 17.22
N VAL A 332 -16.22 -25.91 15.90
CA VAL A 332 -17.29 -25.15 15.26
C VAL A 332 -18.50 -26.02 14.98
N PHE A 333 -18.39 -27.33 15.16
CA PHE A 333 -19.49 -28.26 14.94
C PHE A 333 -20.18 -28.68 16.22
N LEU A 334 -19.94 -27.96 17.31
CA LEU A 334 -20.68 -28.19 18.54
C LEU A 334 -21.91 -27.30 18.64
N ASN A 335 -21.94 -26.17 17.96
CA ASN A 335 -23.12 -25.31 17.99
C ASN A 335 -24.34 -25.96 17.36
N PRO A 336 -24.28 -26.57 16.17
CA PRO A 336 -25.48 -27.25 15.67
C PRO A 336 -26.01 -28.33 16.60
N GLN A 337 -25.12 -29.11 17.23
CA GLN A 337 -25.58 -30.14 18.14
C GLN A 337 -26.29 -29.54 19.36
N LEU A 338 -25.74 -28.46 19.90
CA LEU A 338 -26.40 -27.80 21.02
C LEU A 338 -27.74 -27.22 20.60
N LEU A 339 -27.83 -26.69 19.38
CA LEU A 339 -29.12 -26.18 18.90
C LEU A 339 -30.13 -27.31 18.75
N LYS A 340 -29.69 -28.47 18.25
CA LYS A 340 -30.59 -29.61 18.15
C LYS A 340 -31.07 -30.05 19.53
N LEU A 341 -30.17 -30.05 20.51
CA LEU A 341 -30.57 -30.40 21.87
C LEU A 341 -31.57 -29.39 22.42
N LEU A 342 -31.37 -28.11 22.15
CA LEU A 342 -32.28 -27.09 22.65
C LEU A 342 -33.66 -27.22 22.01
N ILE A 343 -33.71 -27.51 20.71
CA ILE A 343 -35.00 -27.74 20.07
C ILE A 343 -35.69 -28.95 20.69
N GLY A 344 -34.93 -30.03 20.91
CA GLY A 344 -35.51 -31.20 21.54
C GLY A 344 -36.02 -30.91 22.93
N PHE A 345 -35.35 -30.02 23.67
CA PHE A 345 -35.79 -29.70 25.01
C PHE A 345 -37.06 -28.86 24.99
N VAL A 346 -37.14 -27.87 24.12
CA VAL A 346 -38.34 -27.04 24.06
C VAL A 346 -39.53 -27.85 23.57
N LYS A 347 -39.31 -28.79 22.65
CA LYS A 347 -40.40 -29.58 22.09
C LYS A 347 -41.09 -30.41 23.17
N SER A 348 -40.31 -31.04 24.05
CA SER A 348 -40.86 -31.90 25.08
C SER A 348 -41.49 -31.07 26.19
N SER A 349 -42.73 -31.40 26.55
CA SER A 349 -43.48 -30.64 27.54
C SER A 349 -43.18 -31.07 28.97
N ASN A 350 -42.53 -32.21 29.18
CA ASN A 350 -42.18 -32.68 30.51
C ASN A 350 -40.70 -32.51 30.81
N SER A 351 -39.97 -31.78 29.97
CA SER A 351 -38.53 -31.64 30.13
C SER A 351 -38.20 -30.89 31.42
N TYR A 352 -37.03 -31.19 31.96
CA TYR A 352 -36.60 -30.58 33.21
C TYR A 352 -36.19 -29.13 32.98
N VAL A 353 -36.55 -28.26 33.93
CA VAL A 353 -36.25 -26.85 33.80
C VAL A 353 -34.74 -26.60 33.88
N TRP A 354 -34.03 -27.39 34.69
CA TRP A 354 -32.61 -27.15 34.89
C TRP A 354 -31.79 -27.43 33.64
N PHE A 355 -32.33 -28.13 32.67
CA PHE A 355 -31.72 -28.21 31.35
C PHE A 355 -32.01 -26.90 30.63
N GLY A 356 -31.74 -26.85 29.33
CA GLY A 356 -32.06 -25.63 28.61
C GLY A 356 -31.16 -24.48 29.01
N TYR A 357 -31.18 -24.11 30.30
CA TYR A 357 -30.21 -23.14 30.78
C TYR A 357 -28.79 -23.67 30.61
N ILE A 358 -28.58 -24.96 30.88
CA ILE A 358 -27.26 -25.54 30.66
C ILE A 358 -26.90 -25.52 29.19
N CYS A 359 -27.87 -25.76 28.31
CA CYS A 359 -27.58 -25.70 26.88
C CYS A 359 -27.22 -24.29 26.45
N ALA A 360 -27.94 -23.28 26.95
CA ALA A 360 -27.61 -21.91 26.60
C ALA A 360 -26.25 -21.50 27.12
N ILE A 361 -25.93 -21.86 28.36
CA ILE A 361 -24.62 -21.53 28.91
C ILE A 361 -23.52 -22.22 28.13
N LEU A 362 -23.73 -23.49 27.78
CA LEU A 362 -22.74 -24.21 26.99
C LEU A 362 -22.56 -23.58 25.62
N MET A 363 -23.64 -23.11 25.01
CA MET A 363 -23.52 -22.45 23.72
C MET A 363 -22.71 -21.16 23.83
N PHE A 364 -22.96 -20.38 24.88
CA PHE A 364 -22.15 -19.18 25.10
C PHE A 364 -20.68 -19.53 25.30
N ALA A 365 -20.40 -20.55 26.12
CA ALA A 365 -19.01 -20.90 26.40
C ALA A 365 -18.30 -21.40 25.15
N VAL A 366 -18.98 -22.24 24.36
CA VAL A 366 -18.37 -22.76 23.14
C VAL A 366 -18.09 -21.63 22.16
N THR A 367 -19.04 -20.69 22.02
CA THR A 367 -18.79 -19.57 21.11
C THR A 367 -17.60 -18.74 21.58
N LEU A 368 -17.49 -18.51 22.88
CA LEU A 368 -16.34 -17.76 23.40
C LEU A 368 -15.03 -18.47 23.10
N ILE A 369 -14.94 -19.77 23.42
CA ILE A 369 -13.70 -20.49 23.21
C ILE A 369 -13.35 -20.51 21.72
N GLN A 370 -14.34 -20.73 20.87
CA GLN A 370 -14.08 -20.78 19.44
C GLN A 370 -13.61 -19.43 18.91
N SER A 371 -14.19 -18.33 19.41
CA SER A 371 -13.76 -17.02 18.95
C SER A 371 -12.33 -16.73 19.39
N PHE A 372 -11.97 -17.08 20.63
CA PHE A 372 -10.60 -16.86 21.07
C PHE A 372 -9.62 -17.65 20.23
N CYS A 373 -9.93 -18.93 19.96
CA CYS A 373 -9.05 -19.75 19.13
C CYS A 373 -8.93 -19.18 17.72
N LEU A 374 -10.05 -18.76 17.14
CA LEU A 374 -10.02 -18.27 15.77
C LEU A 374 -9.19 -17.00 15.66
N GLN A 375 -9.40 -16.05 16.58
CA GLN A 375 -8.66 -14.80 16.49
C GLN A 375 -7.18 -15.02 16.73
N SER A 376 -6.81 -15.90 17.66
CA SER A 376 -5.39 -16.18 17.85
C SER A 376 -4.79 -16.82 16.61
N TYR A 377 -5.54 -17.72 15.96
CA TYR A 377 -5.04 -18.30 14.72
C TYR A 377 -4.86 -17.25 13.65
N PHE A 378 -5.79 -16.29 13.56
CA PHE A 378 -5.67 -15.23 12.58
C PHE A 378 -4.44 -14.38 12.84
N GLN A 379 -4.19 -14.04 14.10
CA GLN A 379 -3.01 -13.25 14.41
C GLN A 379 -1.75 -14.01 14.01
N HIS A 380 -1.68 -15.30 14.33
CA HIS A 380 -0.52 -16.09 13.95
C HIS A 380 -0.32 -16.12 12.44
N CYS A 381 -1.41 -16.36 11.70
CA CYS A 381 -1.32 -16.47 10.24
C CYS A 381 -0.89 -15.15 9.61
N PHE A 382 -1.48 -14.04 10.05
CA PHE A 382 -1.16 -12.77 9.43
C PHE A 382 0.25 -12.32 9.77
N VAL A 383 0.70 -12.56 10.99
CA VAL A 383 2.07 -12.19 11.34
C VAL A 383 3.07 -13.06 10.60
N LEU A 384 2.75 -14.35 10.39
CA LEU A 384 3.63 -15.16 9.56
C LEU A 384 3.68 -14.62 8.13
N GLY A 385 2.53 -14.19 7.60
CA GLY A 385 2.55 -13.62 6.26
C GLY A 385 3.39 -12.35 6.17
N MET A 386 3.25 -11.48 7.16
CA MET A 386 4.05 -10.25 7.16
C MET A 386 5.53 -10.55 7.29
N CYS A 387 5.89 -11.55 8.10
CA CYS A 387 7.29 -11.93 8.22
C CYS A 387 7.81 -12.51 6.92
N VAL A 388 6.98 -13.25 6.18
CA VAL A 388 7.41 -13.77 4.88
C VAL A 388 7.66 -12.63 3.90
N ARG A 389 6.77 -11.65 3.87
CA ARG A 389 7.00 -10.50 3.00
C ARG A 389 8.27 -9.77 3.40
N THR A 390 8.50 -9.59 4.70
CA THR A 390 9.72 -8.93 5.16
C THR A 390 10.97 -9.67 4.72
N THR A 391 11.01 -10.99 4.94
CA THR A 391 12.22 -11.72 4.59
C THR A 391 12.45 -11.75 3.09
N VAL A 392 11.38 -11.83 2.28
CA VAL A 392 11.56 -11.81 0.84
C VAL A 392 12.06 -10.44 0.37
N MET A 393 11.48 -9.35 0.87
CA MET A 393 11.96 -8.03 0.47
C MET A 393 13.41 -7.81 0.88
N SER A 394 13.75 -8.19 2.12
CA SER A 394 15.12 -7.98 2.56
C SER A 394 16.10 -8.83 1.79
N SER A 395 15.73 -10.07 1.45
CA SER A 395 16.62 -10.88 0.62
C SER A 395 16.77 -10.30 -0.77
N ILE A 396 15.70 -9.72 -1.32
CA ILE A 396 15.80 -9.04 -2.60
C ILE A 396 16.84 -7.93 -2.52
N TYR A 397 16.74 -7.10 -1.49
CA TYR A 397 17.68 -5.99 -1.37
C TYR A 397 19.10 -6.52 -1.19
N LYS A 398 19.28 -7.51 -0.33
CA LYS A 398 20.62 -8.03 -0.07
C LYS A 398 21.22 -8.65 -1.32
N LYS A 399 20.38 -9.17 -2.23
CA LYS A 399 20.88 -9.68 -3.50
C LYS A 399 21.18 -8.56 -4.48
N ALA A 400 20.41 -7.47 -4.45
CA ALA A 400 20.61 -6.42 -5.44
C ALA A 400 21.97 -5.74 -5.30
N LEU A 401 22.60 -5.82 -4.14
CA LEU A 401 23.89 -5.20 -3.90
C LEU A 401 25.05 -6.10 -4.27
N THR A 402 24.78 -7.33 -4.70
CA THR A 402 25.85 -8.23 -5.13
C THR A 402 25.48 -9.00 -6.38
N LEU A 403 24.50 -8.53 -7.15
CA LEU A 403 24.11 -9.19 -8.38
C LEU A 403 25.18 -9.01 -9.45
N SER A 404 25.42 -10.05 -10.22
CA SER A 404 26.40 -9.97 -11.30
C SER A 404 25.87 -9.06 -12.40
N ASN A 405 26.80 -8.57 -13.24
CA ASN A 405 26.45 -7.56 -14.23
C ASN A 405 25.43 -8.09 -15.24
N LEU A 406 25.61 -9.33 -15.69
CA LEU A 406 24.69 -9.90 -16.67
C LEU A 406 23.28 -9.99 -16.10
N ALA A 407 23.16 -10.50 -14.88
CA ALA A 407 21.84 -10.65 -14.27
C ALA A 407 21.19 -9.28 -14.06
N ARG A 408 21.99 -8.27 -13.71
CA ARG A 408 21.45 -6.92 -13.61
C ARG A 408 20.94 -6.44 -14.96
N LYS A 409 21.67 -6.75 -16.03
CA LYS A 409 21.25 -6.33 -17.36
C LYS A 409 19.94 -7.00 -17.77
N GLN A 410 19.76 -8.26 -17.39
CA GLN A 410 18.55 -8.99 -17.80
C GLN A 410 17.28 -8.35 -17.27
N TYR A 411 17.36 -7.51 -16.25
CA TYR A 411 16.20 -6.87 -15.66
C TYR A 411 16.25 -5.36 -15.93
N THR A 412 15.28 -4.64 -15.36
CA THR A 412 15.23 -3.19 -15.45
C THR A 412 14.81 -2.63 -14.10
N ILE A 413 15.06 -1.33 -13.91
CA ILE A 413 14.78 -0.70 -12.62
C ILE A 413 13.28 -0.75 -12.30
N GLY A 414 12.46 -0.40 -13.29
CA GLY A 414 11.02 -0.46 -13.07
C GLY A 414 10.55 -1.87 -12.78
N GLU A 415 11.07 -2.84 -13.53
CA GLU A 415 10.66 -4.23 -13.33
C GLU A 415 11.13 -4.75 -11.98
N THR A 416 12.34 -4.41 -11.55
CA THR A 416 12.84 -4.93 -10.27
C THR A 416 12.10 -4.30 -9.10
N VAL A 417 11.84 -2.99 -9.16
CA VAL A 417 11.03 -2.36 -8.13
C VAL A 417 9.64 -2.99 -8.10
N ASN A 418 9.08 -3.27 -9.27
CA ASN A 418 7.79 -3.94 -9.32
C ASN A 418 7.88 -5.34 -8.73
N LEU A 419 9.01 -6.01 -8.92
CA LEU A 419 9.21 -7.34 -8.35
C LEU A 419 9.10 -7.28 -6.83
N MET A 420 9.90 -6.40 -6.22
CA MET A 420 9.84 -6.26 -4.76
C MET A 420 8.47 -5.81 -4.29
N SER A 421 7.80 -4.97 -5.07
CA SER A 421 6.52 -4.40 -4.64
C SER A 421 5.35 -5.35 -4.76
N VAL A 422 5.37 -6.25 -5.75
CA VAL A 422 4.21 -7.06 -6.09
C VAL A 422 4.42 -8.52 -5.76
N ASP A 423 5.57 -9.09 -6.13
CA ASP A 423 5.75 -10.52 -5.90
C ASP A 423 5.80 -10.85 -4.41
N SER A 424 6.37 -9.96 -3.60
CA SER A 424 6.36 -10.19 -2.16
C SER A 424 4.93 -10.17 -1.61
N GLN A 425 4.09 -9.26 -2.10
CA GLN A 425 2.70 -9.26 -1.68
C GLN A 425 2.00 -10.54 -2.10
N LYS A 426 2.30 -11.04 -3.29
CA LYS A 426 1.72 -12.31 -3.73
C LYS A 426 2.16 -13.44 -2.82
N LEU A 427 3.42 -13.45 -2.41
CA LEU A 427 3.91 -14.51 -1.53
C LEU A 427 3.28 -14.40 -0.14
N MET A 428 3.05 -13.19 0.35
CA MET A 428 2.35 -13.03 1.62
C MET A 428 0.93 -13.57 1.52
N ASP A 429 0.23 -13.27 0.42
CA ASP A 429 -1.13 -13.78 0.25
C ASP A 429 -1.14 -15.30 0.16
N ALA A 430 -0.19 -15.88 -0.56
CA ALA A 430 -0.12 -17.34 -0.63
C ALA A 430 0.13 -17.95 0.74
N THR A 431 0.98 -17.30 1.54
CA THR A 431 1.21 -17.79 2.89
C THR A 431 -0.06 -17.75 3.72
N ASN A 432 -0.84 -16.67 3.61
CA ASN A 432 -2.10 -16.61 4.34
C ASN A 432 -3.08 -17.68 3.86
N TYR A 433 -3.07 -18.01 2.57
CA TYR A 433 -4.04 -18.92 2.00
C TYR A 433 -3.68 -20.40 2.18
N MET A 434 -2.40 -20.72 2.37
CA MET A 434 -2.01 -22.12 2.47
C MET A 434 -2.59 -22.76 3.72
N GLN A 435 -2.64 -22.02 4.84
CA GLN A 435 -3.17 -22.58 6.07
C GLN A 435 -4.68 -22.73 6.03
N LEU A 436 -5.34 -22.17 5.01
CA LEU A 436 -6.78 -22.21 4.88
C LEU A 436 -7.27 -23.19 3.83
N VAL A 437 -6.46 -23.47 2.80
CA VAL A 437 -6.90 -24.41 1.78
C VAL A 437 -7.08 -25.81 2.34
N TRP A 438 -6.49 -26.11 3.50
CA TRP A 438 -6.68 -27.41 4.13
C TRP A 438 -7.78 -27.41 5.18
N SER A 439 -7.87 -26.35 5.96
CA SER A 439 -8.97 -26.20 6.90
C SER A 439 -10.31 -26.18 6.18
N SER A 440 -10.37 -25.60 4.98
CA SER A 440 -11.61 -25.63 4.23
C SER A 440 -12.00 -27.06 3.88
N VAL A 441 -11.01 -27.89 3.51
CA VAL A 441 -11.32 -29.29 3.21
C VAL A 441 -11.83 -30.01 4.45
N ILE A 442 -11.17 -29.80 5.59
CA ILE A 442 -11.63 -30.47 6.81
C ILE A 442 -13.05 -30.01 7.17
N GLN A 443 -13.31 -28.71 7.09
CA GLN A 443 -14.65 -28.21 7.41
C GLN A 443 -15.70 -28.78 6.48
N ILE A 444 -15.40 -28.84 5.18
CA ILE A 444 -16.36 -29.37 4.22
C ILE A 444 -16.65 -30.84 4.51
N THR A 445 -15.59 -31.63 4.77
CA THR A 445 -15.80 -33.05 5.01
C THR A 445 -16.63 -33.29 6.28
N LEU A 446 -16.28 -32.60 7.37
CA LEU A 446 -17.03 -32.80 8.60
C LEU A 446 -18.47 -32.34 8.45
N SER A 447 -18.69 -31.19 7.81
CA SER A 447 -20.06 -30.72 7.63
C SER A 447 -20.87 -31.68 6.77
N ILE A 448 -20.24 -32.28 5.77
CA ILE A 448 -20.94 -33.27 4.96
C ILE A 448 -21.32 -34.47 5.80
N PHE A 449 -20.40 -34.94 6.64
CA PHE A 449 -20.72 -36.09 7.49
C PHE A 449 -21.89 -35.77 8.41
N PHE A 450 -21.91 -34.58 9.02
CA PHE A 450 -22.99 -34.26 9.95
C PHE A 450 -24.31 -34.07 9.23
N LEU A 451 -24.30 -33.43 8.06
CA LEU A 451 -25.51 -33.34 7.26
C LEU A 451 -26.02 -34.72 6.90
N TRP A 452 -25.11 -35.65 6.61
CA TRP A 452 -25.53 -37.01 6.33
C TRP A 452 -26.23 -37.61 7.53
N ARG A 453 -25.60 -37.51 8.70
CA ARG A 453 -26.20 -38.06 9.91
C ARG A 453 -27.56 -37.47 10.18
N GLU A 454 -27.78 -36.21 9.80
CA GLU A 454 -29.10 -35.62 10.02
C GLU A 454 -30.10 -36.13 8.99
N LEU A 455 -29.80 -35.99 7.70
CA LEU A 455 -30.79 -36.08 6.64
C LEU A 455 -30.62 -37.32 5.77
N GLY A 456 -29.99 -38.38 6.27
CA GLY A 456 -29.92 -39.61 5.51
C GLY A 456 -29.09 -39.42 4.27
N PRO A 457 -29.18 -40.36 3.34
CA PRO A 457 -28.37 -40.25 2.12
C PRO A 457 -28.98 -39.32 1.09
N SER A 458 -29.89 -38.45 1.52
CA SER A 458 -30.52 -37.51 0.62
C SER A 458 -29.77 -36.19 0.52
N ILE A 459 -28.70 -36.00 1.29
CA ILE A 459 -27.90 -34.78 1.14
C ILE A 459 -27.10 -34.77 -0.15
N LEU A 460 -27.11 -35.86 -0.91
CA LEU A 460 -26.34 -35.90 -2.14
C LEU A 460 -26.85 -34.88 -3.14
N ALA A 461 -28.13 -34.51 -3.06
CA ALA A 461 -28.62 -33.45 -3.93
C ALA A 461 -27.93 -32.13 -3.62
N GLY A 462 -27.83 -31.79 -2.33
CA GLY A 462 -27.10 -30.59 -1.95
C GLY A 462 -25.64 -30.68 -2.32
N VAL A 463 -25.05 -31.86 -2.17
CA VAL A 463 -23.66 -32.05 -2.56
C VAL A 463 -23.49 -31.77 -4.05
N GLY A 464 -24.38 -32.32 -4.87
CA GLY A 464 -24.27 -32.10 -6.30
C GLY A 464 -24.41 -30.64 -6.67
N VAL A 465 -25.39 -29.96 -6.09
CA VAL A 465 -25.59 -28.54 -6.42
C VAL A 465 -24.37 -27.72 -6.01
N MET A 466 -23.90 -27.90 -4.79
CA MET A 466 -22.83 -27.06 -4.30
C MET A 466 -21.45 -27.51 -4.79
N VAL A 467 -21.35 -28.65 -5.46
CA VAL A 467 -20.13 -29.00 -6.18
C VAL A 467 -20.15 -28.46 -7.60
N LEU A 468 -21.30 -28.55 -8.27
CA LEU A 468 -21.45 -27.90 -9.58
C LEU A 468 -21.23 -26.41 -9.48
N LEU A 469 -21.51 -25.81 -8.33
CA LEU A 469 -21.29 -24.38 -8.17
C LEU A 469 -19.83 -23.99 -8.00
N ILE A 470 -18.90 -24.94 -7.84
CA ILE A 470 -17.51 -24.59 -7.56
C ILE A 470 -16.75 -24.21 -8.84
N PRO A 471 -16.80 -25.00 -9.91
CA PRO A 471 -16.13 -24.54 -11.15
C PRO A 471 -16.67 -23.23 -11.66
N VAL A 472 -17.94 -22.91 -11.42
CA VAL A 472 -18.46 -21.60 -11.77
C VAL A 472 -17.71 -20.52 -10.99
N ASN A 473 -17.49 -20.74 -9.70
CA ASN A 473 -16.74 -19.78 -8.90
C ASN A 473 -15.32 -19.63 -9.41
N GLY A 474 -14.67 -20.75 -9.75
CA GLY A 474 -13.31 -20.67 -10.26
C GLY A 474 -13.23 -19.89 -11.56
N VAL A 475 -14.15 -20.18 -12.49
CA VAL A 475 -14.14 -19.48 -13.78
C VAL A 475 -14.39 -18.00 -13.58
N LEU A 476 -15.35 -17.65 -12.72
CA LEU A 476 -15.62 -16.24 -12.48
C LEU A 476 -14.43 -15.54 -11.84
N ALA A 477 -13.74 -16.21 -10.92
CA ALA A 477 -12.56 -15.61 -10.31
C ALA A 477 -11.47 -15.35 -11.35
N THR A 478 -11.24 -16.32 -12.23
CA THR A 478 -10.21 -16.13 -13.26
C THR A 478 -10.58 -15.00 -14.21
N LYS A 479 -11.83 -14.95 -14.66
CA LYS A 479 -12.25 -13.88 -15.56
C LYS A 479 -12.14 -12.53 -14.86
N ILE A 480 -12.46 -12.47 -13.57
CA ILE A 480 -12.34 -11.22 -12.82
C ILE A 480 -10.89 -10.78 -12.76
N ARG A 481 -9.97 -11.70 -12.51
CA ARG A 481 -8.56 -11.33 -12.47
C ARG A 481 -8.09 -10.80 -13.81
N ASN A 482 -8.47 -11.45 -14.90
CA ASN A 482 -8.05 -10.98 -16.22
C ASN A 482 -8.60 -9.59 -16.52
N ILE A 483 -9.87 -9.36 -16.20
CA ILE A 483 -10.44 -8.04 -16.44
C ILE A 483 -9.76 -7.00 -15.56
N GLN A 484 -9.35 -7.38 -14.34
CA GLN A 484 -8.63 -6.45 -13.50
C GLN A 484 -7.28 -6.08 -14.10
N VAL A 485 -6.58 -7.05 -14.70
CA VAL A 485 -5.31 -6.75 -15.34
C VAL A 485 -5.51 -5.80 -16.52
N GLN A 486 -6.53 -6.06 -17.34
CA GLN A 486 -6.81 -5.15 -18.45
C GLN A 486 -7.14 -3.75 -17.94
N ASN A 487 -7.89 -3.66 -16.84
CA ASN A 487 -8.20 -2.36 -16.25
C ASN A 487 -6.94 -1.65 -15.79
N MET A 488 -5.99 -2.39 -15.21
CA MET A 488 -4.74 -1.79 -14.78
C MET A 488 -3.99 -1.21 -15.97
N LYS A 489 -3.94 -1.95 -17.08
CA LYS A 489 -3.26 -1.44 -18.27
C LYS A 489 -3.93 -0.17 -18.80
N ASN A 490 -5.26 -0.18 -18.89
CA ASN A 490 -5.96 1.00 -19.38
C ASN A 490 -5.75 2.20 -18.47
N LYS A 491 -5.79 1.98 -17.15
CA LYS A 491 -5.56 3.05 -16.20
C LYS A 491 -4.14 3.60 -16.34
N ASP A 492 -3.17 2.74 -16.60
CA ASP A 492 -1.81 3.21 -16.82
C ASP A 492 -1.73 4.13 -18.03
N LYS A 493 -2.39 3.74 -19.13
CA LYS A 493 -2.29 4.57 -20.32
C LYS A 493 -2.99 5.91 -20.09
N ARG A 494 -4.14 5.89 -19.40
CA ARG A 494 -4.83 7.14 -19.07
C ARG A 494 -3.97 8.02 -18.17
N LEU A 495 -3.27 7.42 -17.21
CA LEU A 495 -2.39 8.20 -16.36
C LEU A 495 -1.29 8.86 -17.15
N LYS A 496 -0.70 8.13 -18.10
CA LYS A 496 0.36 8.70 -18.92
C LYS A 496 -0.14 9.90 -19.72
N ILE A 497 -1.31 9.77 -20.36
CA ILE A 497 -1.80 10.90 -21.16
C ILE A 497 -2.17 12.06 -20.25
N MET A 498 -2.75 11.78 -19.07
CA MET A 498 -3.11 12.86 -18.17
C MET A 498 -1.87 13.61 -17.67
N ASN A 499 -0.80 12.88 -17.36
CA ASN A 499 0.43 13.51 -16.90
C ASN A 499 1.03 14.37 -18.01
N GLU A 500 1.01 13.86 -19.24
CA GLU A 500 1.50 14.67 -20.36
C GLU A 500 0.66 15.93 -20.54
N ILE A 501 -0.65 15.82 -20.33
CA ILE A 501 -1.53 16.98 -20.45
C ILE A 501 -1.18 18.02 -19.38
N LEU A 502 -1.02 17.57 -18.14
CA LEU A 502 -0.81 18.50 -17.04
C LEU A 502 0.58 19.14 -17.07
N SER A 503 1.59 18.41 -17.53
CA SER A 503 2.92 18.98 -17.61
C SER A 503 2.98 20.16 -18.57
N GLY A 504 2.30 20.04 -19.70
CA GLY A 504 2.32 21.11 -20.69
C GLY A 504 1.01 21.84 -20.80
N ILE A 505 0.34 22.04 -19.66
CA ILE A 505 -0.92 22.79 -19.65
C ILE A 505 -0.70 24.23 -20.09
N LYS A 506 0.53 24.73 -19.95
CA LYS A 506 0.83 26.11 -20.32
C LYS A 506 0.53 26.36 -21.80
N ILE A 507 1.21 25.65 -22.69
CA ILE A 507 1.00 25.84 -24.12
C ILE A 507 -0.39 25.38 -24.53
N LEU A 508 -0.95 24.39 -23.82
CA LEU A 508 -2.31 23.94 -24.12
C LEU A 508 -3.30 25.09 -23.94
N LYS A 509 -3.21 25.80 -22.82
CA LYS A 509 -4.06 26.96 -22.61
C LYS A 509 -3.70 28.09 -23.57
N TYR A 510 -2.43 28.17 -23.97
CA TYR A 510 -2.02 29.20 -24.92
C TYR A 510 -2.70 29.02 -26.27
N PHE A 511 -2.79 27.79 -26.75
CA PHE A 511 -3.26 27.51 -28.11
C PHE A 511 -4.74 27.18 -28.19
N ALA A 512 -5.46 27.17 -27.08
CA ALA A 512 -6.89 26.86 -27.05
C ALA A 512 -7.17 25.46 -27.60
N TRP A 513 -6.60 24.45 -26.93
CA TRP A 513 -6.74 23.06 -27.35
C TRP A 513 -7.45 22.20 -26.31
N GLU A 514 -8.05 22.81 -25.28
CA GLU A 514 -8.68 22.01 -24.23
C GLU A 514 -9.76 21.06 -24.74
N PRO A 515 -10.67 21.44 -25.63
CA PRO A 515 -11.70 20.46 -26.06
C PRO A 515 -11.12 19.20 -26.67
N SER A 516 -10.07 19.29 -27.47
CA SER A 516 -9.53 18.11 -28.12
C SER A 516 -8.84 17.19 -27.12
N PHE A 517 -7.99 17.75 -26.26
CA PHE A 517 -7.27 16.95 -25.28
C PHE A 517 -8.20 16.46 -24.16
N GLN A 518 -9.35 17.10 -24.00
CA GLN A 518 -10.37 16.56 -23.11
C GLN A 518 -11.12 15.41 -23.78
N GLU A 519 -11.40 15.54 -25.08
CA GLU A 519 -12.16 14.51 -25.78
C GLU A 519 -11.36 13.22 -25.90
N GLN A 520 -10.05 13.32 -26.11
CA GLN A 520 -9.24 12.11 -26.22
C GLN A 520 -9.28 11.28 -24.94
N VAL A 521 -9.00 11.91 -23.79
CA VAL A 521 -9.06 11.19 -22.53
C VAL A 521 -10.49 10.83 -22.16
N GLN A 522 -11.47 11.58 -22.67
CA GLN A 522 -12.87 11.17 -22.46
C GLN A 522 -13.15 9.85 -23.15
N GLY A 523 -12.66 9.68 -24.38
CA GLY A 523 -12.82 8.39 -25.05
C GLY A 523 -12.09 7.27 -24.34
N ILE A 524 -10.88 7.56 -23.85
CA ILE A 524 -10.15 6.54 -23.09
C ILE A 524 -10.94 6.15 -21.84
N ARG A 525 -11.48 7.13 -21.13
CA ARG A 525 -12.28 6.86 -19.95
C ARG A 525 -13.54 6.08 -20.30
N LYS A 526 -14.14 6.34 -21.46
CA LYS A 526 -15.31 5.56 -21.86
C LYS A 526 -14.96 4.09 -22.06
N LYS A 527 -13.82 3.82 -22.71
CA LYS A 527 -13.38 2.43 -22.85
C LYS A 527 -13.13 1.80 -21.47
N GLU A 528 -12.43 2.52 -20.59
CA GLU A 528 -12.19 2.02 -19.25
C GLU A 528 -13.50 1.81 -18.50
N LEU A 529 -14.50 2.66 -18.74
CA LEU A 529 -15.79 2.51 -18.09
C LEU A 529 -16.48 1.24 -18.54
N LYS A 530 -16.41 0.93 -19.83
CA LYS A 530 -16.99 -0.32 -20.31
C LYS A 530 -16.34 -1.52 -19.64
N ASN A 531 -15.00 -1.52 -19.59
CA ASN A 531 -14.33 -2.63 -18.94
C ASN A 531 -14.69 -2.71 -17.46
N LEU A 532 -14.80 -1.57 -16.80
CA LEU A 532 -15.12 -1.54 -15.38
C LEU A 532 -16.54 -2.04 -15.12
N LEU A 533 -17.47 -1.70 -16.00
CA LEU A 533 -18.83 -2.23 -15.87
C LEU A 533 -18.85 -3.74 -16.02
N ARG A 534 -18.07 -4.26 -16.97
CA ARG A 534 -18.00 -5.72 -17.09
C ARG A 534 -17.44 -6.36 -15.83
N PHE A 535 -16.38 -5.78 -15.26
CA PHE A 535 -15.80 -6.31 -14.04
C PHE A 535 -16.81 -6.26 -12.89
N GLY A 536 -17.55 -5.16 -12.79
CA GLY A 536 -18.55 -5.06 -11.74
C GLY A 536 -19.66 -6.08 -11.90
N GLN A 537 -20.09 -6.32 -13.14
CA GLN A 537 -21.12 -7.33 -13.36
C GLN A 537 -20.62 -8.71 -12.94
N LEU A 538 -19.38 -9.03 -13.28
CA LEU A 538 -18.84 -10.33 -12.87
C LEU A 538 -18.73 -10.45 -11.35
N GLN A 539 -18.28 -9.39 -10.68
CA GLN A 539 -18.21 -9.41 -9.22
C GLN A 539 -19.59 -9.56 -8.60
N SER A 540 -20.59 -8.85 -9.16
CA SER A 540 -21.95 -8.97 -8.68
C SER A 540 -22.46 -10.39 -8.84
N LEU A 541 -22.16 -11.03 -9.97
CA LEU A 541 -22.59 -12.41 -10.17
C LEU A 541 -21.94 -13.33 -9.15
N LEU A 542 -20.65 -13.14 -8.89
CA LEU A 542 -19.96 -13.99 -7.92
C LEU A 542 -20.56 -13.84 -6.52
N ILE A 543 -20.85 -12.60 -6.13
CA ILE A 543 -21.40 -12.39 -4.79
C ILE A 543 -22.84 -12.89 -4.71
N PHE A 544 -23.59 -12.80 -5.82
CA PHE A 544 -24.93 -13.35 -5.85
C PHE A 544 -24.89 -14.87 -5.72
N ILE A 545 -23.91 -15.52 -6.35
CA ILE A 545 -23.74 -16.95 -6.21
C ILE A 545 -23.42 -17.31 -4.76
N LEU A 546 -22.52 -16.57 -4.13
CA LEU A 546 -22.20 -16.84 -2.73
C LEU A 546 -23.42 -16.67 -1.84
N GLN A 547 -24.24 -15.65 -2.11
CA GLN A 547 -25.40 -15.39 -1.26
C GLN A 547 -26.53 -16.38 -1.51
N ILE A 548 -26.65 -16.90 -2.73
CA ILE A 548 -27.78 -17.76 -3.06
C ILE A 548 -27.46 -19.23 -2.93
N THR A 549 -26.20 -19.60 -2.75
CA THR A 549 -25.87 -21.02 -2.55
C THR A 549 -26.61 -21.64 -1.38
N PRO A 550 -26.61 -21.07 -0.16
CA PRO A 550 -27.33 -21.73 0.94
C PRO A 550 -28.82 -21.86 0.70
N ILE A 551 -29.46 -20.87 0.07
CA ILE A 551 -30.90 -20.96 -0.19
C ILE A 551 -31.19 -22.07 -1.19
N LEU A 552 -30.44 -22.11 -2.28
CA LEU A 552 -30.64 -23.16 -3.28
C LEU A 552 -30.40 -24.53 -2.67
N VAL A 553 -29.34 -24.65 -1.87
CA VAL A 553 -29.03 -25.94 -1.25
C VAL A 553 -30.15 -26.36 -0.31
N SER A 554 -30.65 -25.43 0.51
CA SER A 554 -31.73 -25.77 1.43
C SER A 554 -32.95 -26.25 0.67
N VAL A 555 -33.37 -25.50 -0.34
CA VAL A 555 -34.58 -25.86 -1.08
C VAL A 555 -34.42 -27.26 -1.68
N VAL A 556 -33.31 -27.48 -2.38
CA VAL A 556 -33.13 -28.74 -3.10
C VAL A 556 -33.05 -29.91 -2.12
N THR A 557 -32.26 -29.76 -1.05
CA THR A 557 -32.07 -30.87 -0.12
C THR A 557 -33.36 -31.23 0.60
N PHE A 558 -34.08 -30.24 1.11
CA PHE A 558 -35.33 -30.56 1.81
C PHE A 558 -36.35 -31.17 0.86
N SER A 559 -36.47 -30.62 -0.35
CA SER A 559 -37.45 -31.16 -1.30
C SER A 559 -37.13 -32.61 -1.64
N VAL A 560 -35.87 -32.90 -1.96
CA VAL A 560 -35.50 -34.26 -2.31
C VAL A 560 -35.70 -35.20 -1.13
N TYR A 561 -35.37 -34.74 0.08
CA TYR A 561 -35.50 -35.58 1.25
C TYR A 561 -36.96 -35.94 1.54
N VAL A 562 -37.86 -34.97 1.43
CA VAL A 562 -39.26 -35.27 1.70
C VAL A 562 -39.85 -36.13 0.59
N LEU A 563 -39.51 -35.83 -0.67
CA LEU A 563 -40.16 -36.52 -1.79
C LEU A 563 -39.62 -37.93 -2.00
N VAL A 564 -38.36 -38.19 -1.65
CA VAL A 564 -37.73 -39.47 -2.01
C VAL A 564 -38.45 -40.63 -1.35
N ASP A 565 -39.12 -40.39 -0.23
CA ASP A 565 -39.80 -41.46 0.49
C ASP A 565 -40.84 -40.83 1.40
N SER A 566 -41.91 -41.56 1.66
CA SER A 566 -42.96 -41.07 2.56
C SER A 566 -42.70 -41.44 4.01
N ALA A 567 -41.78 -42.36 4.29
CA ALA A 567 -41.54 -42.77 5.66
C ALA A 567 -40.87 -41.66 6.46
N ASN A 568 -39.81 -41.07 5.91
CA ASN A 568 -39.09 -40.03 6.62
C ASN A 568 -39.89 -38.74 6.67
N VAL A 569 -39.82 -38.05 7.80
CA VAL A 569 -40.56 -36.82 8.03
C VAL A 569 -39.57 -35.74 8.42
N LEU A 570 -39.94 -34.49 8.15
CA LEU A 570 -39.08 -33.35 8.39
C LEU A 570 -39.58 -32.63 9.63
N ASN A 571 -38.82 -32.74 10.73
CA ASN A 571 -39.15 -32.09 11.97
C ASN A 571 -38.21 -30.93 12.23
N ALA A 572 -38.43 -30.22 13.34
CA ALA A 572 -37.70 -29.00 13.61
C ALA A 572 -36.23 -29.24 13.95
N GLU A 573 -35.86 -30.47 14.29
CA GLU A 573 -34.46 -30.76 14.59
C GLU A 573 -33.67 -30.93 13.30
N LYS A 574 -34.13 -31.83 12.42
CA LYS A 574 -33.43 -32.09 11.17
C LYS A 574 -33.30 -30.82 10.34
N ALA A 575 -34.42 -30.11 10.13
CA ALA A 575 -34.41 -28.98 9.21
C ALA A 575 -33.48 -27.88 9.69
N PHE A 576 -33.57 -27.52 10.97
CA PHE A 576 -32.82 -26.36 11.43
C PHE A 576 -31.36 -26.70 11.75
N THR A 577 -31.06 -27.90 12.24
CA THR A 577 -29.65 -28.28 12.30
C THR A 577 -29.05 -28.35 10.91
N SER A 578 -29.83 -28.80 9.92
CA SER A 578 -29.32 -28.84 8.56
C SER A 578 -29.07 -27.44 8.02
N ILE A 579 -29.94 -26.49 8.33
CA ILE A 579 -29.69 -25.11 7.91
C ILE A 579 -28.43 -24.58 8.57
N THR A 580 -28.23 -24.86 9.85
CA THR A 580 -27.03 -24.39 10.52
C THR A 580 -25.77 -25.00 9.89
N LEU A 581 -25.83 -26.27 9.52
CA LEU A 581 -24.68 -26.89 8.86
C LEU A 581 -24.46 -26.28 7.48
N PHE A 582 -25.53 -25.97 6.75
CA PHE A 582 -25.36 -25.31 5.45
C PHE A 582 -24.69 -23.96 5.61
N ASN A 583 -25.08 -23.19 6.63
CA ASN A 583 -24.44 -21.90 6.86
C ASN A 583 -22.98 -22.06 7.28
N ILE A 584 -22.68 -23.10 8.06
CA ILE A 584 -21.29 -23.35 8.43
C ILE A 584 -20.47 -23.66 7.20
N LEU A 585 -21.02 -24.44 6.29
CA LEU A 585 -20.31 -24.90 5.10
C LEU A 585 -20.31 -23.90 3.96
N ARG A 586 -21.15 -22.86 4.00
CA ARG A 586 -21.23 -21.94 2.87
C ARG A 586 -19.91 -21.23 2.60
N PHE A 587 -19.24 -20.75 3.64
CA PHE A 587 -17.99 -20.02 3.42
C PHE A 587 -16.88 -20.92 2.91
N PRO A 588 -16.47 -21.97 3.61
CA PRO A 588 -15.34 -22.78 3.12
C PRO A 588 -15.62 -23.40 1.77
N LEU A 589 -16.88 -23.54 1.40
CA LEU A 589 -17.21 -23.98 0.05
C LEU A 589 -16.86 -22.93 -0.99
N SER A 590 -17.18 -21.67 -0.69
CA SER A 590 -16.96 -20.58 -1.63
C SER A 590 -15.57 -19.97 -1.55
N MET A 591 -14.76 -20.38 -0.58
CA MET A 591 -13.39 -19.90 -0.45
C MET A 591 -12.37 -20.89 -0.97
N LEU A 592 -12.80 -21.94 -1.66
CA LEU A 592 -11.85 -22.86 -2.26
C LEU A 592 -11.35 -22.35 -3.60
N PRO A 593 -12.22 -21.92 -4.53
CA PRO A 593 -11.71 -21.44 -5.82
C PRO A 593 -10.82 -20.21 -5.71
N MET A 594 -11.16 -19.26 -4.84
CA MET A 594 -10.33 -18.06 -4.71
C MET A 594 -8.94 -18.40 -4.21
N VAL A 595 -8.87 -19.25 -3.19
CA VAL A 595 -7.58 -19.67 -2.65
C VAL A 595 -6.78 -20.43 -3.71
N THR A 596 -7.44 -21.29 -4.48
CA THR A 596 -6.75 -22.03 -5.53
C THR A 596 -6.18 -21.09 -6.59
N SER A 597 -6.99 -20.11 -7.03
CA SER A 597 -6.50 -19.18 -8.04
C SER A 597 -5.30 -18.40 -7.52
N SER A 598 -5.37 -17.93 -6.27
CA SER A 598 -4.25 -17.18 -5.73
C SER A 598 -3.01 -18.05 -5.62
N ILE A 599 -3.18 -19.33 -5.28
CA ILE A 599 -2.02 -20.22 -5.18
C ILE A 599 -1.37 -20.41 -6.55
N LEU A 600 -2.17 -20.64 -7.58
CA LEU A 600 -1.57 -20.78 -8.91
C LEU A 600 -0.91 -19.49 -9.39
N GLN A 601 -1.37 -18.32 -8.94
CA GLN A 601 -0.65 -17.09 -9.29
C GLN A 601 0.68 -16.98 -8.53
N ALA A 602 0.63 -17.26 -7.22
CA ALA A 602 1.85 -17.20 -6.44
C ALA A 602 2.88 -18.22 -6.90
N SER A 603 2.45 -19.26 -7.61
CA SER A 603 3.43 -20.19 -8.17
C SER A 603 4.36 -19.49 -9.17
N VAL A 604 3.78 -18.73 -10.10
CA VAL A 604 4.62 -18.00 -11.05
C VAL A 604 5.41 -16.91 -10.35
N SER A 605 4.80 -16.26 -9.34
CA SER A 605 5.55 -15.22 -8.62
C SER A 605 6.77 -15.82 -7.91
N VAL A 606 6.60 -16.97 -7.28
CA VAL A 606 7.72 -17.64 -6.61
C VAL A 606 8.77 -18.06 -7.62
N ASP A 607 8.35 -18.55 -8.79
CA ASP A 607 9.34 -18.91 -9.79
C ASP A 607 10.18 -17.69 -10.19
N ARG A 608 9.53 -16.54 -10.37
CA ARG A 608 10.28 -15.33 -10.70
C ARG A 608 11.24 -14.94 -9.58
N LEU A 609 10.77 -14.98 -8.34
CA LEU A 609 11.62 -14.58 -7.22
C LEU A 609 12.84 -15.49 -7.10
N GLU A 610 12.64 -16.80 -7.19
CA GLU A 610 13.77 -17.70 -7.06
C GLU A 610 14.60 -17.79 -8.32
N ARG A 611 14.13 -17.24 -9.44
CA ARG A 611 15.00 -17.02 -10.57
C ARG A 611 15.92 -15.82 -10.32
N TYR A 612 15.39 -14.78 -9.68
CA TYR A 612 16.20 -13.62 -9.36
C TYR A 612 17.25 -13.93 -8.30
N LEU A 613 16.84 -14.59 -7.21
CA LEU A 613 17.76 -14.83 -6.11
C LEU A 613 18.86 -15.82 -6.48
N GLY A 614 18.61 -16.69 -7.45
CA GLY A 614 19.58 -17.70 -7.81
C GLY A 614 20.67 -17.27 -8.77
N GLY A 615 20.59 -16.03 -9.27
CA GLY A 615 21.63 -15.56 -10.16
C GLY A 615 22.96 -15.44 -9.44
N ASP A 616 24.04 -15.74 -10.16
CA ASP A 616 25.36 -15.78 -9.55
C ASP A 616 25.83 -14.38 -9.16
N ASP A 617 26.69 -14.34 -8.15
CA ASP A 617 27.23 -13.09 -7.65
C ASP A 617 28.35 -12.59 -8.56
N LEU A 618 28.61 -11.29 -8.49
CA LEU A 618 29.62 -10.68 -9.34
C LEU A 618 31.01 -11.15 -8.92
N ASP A 619 31.94 -11.12 -9.88
CA ASP A 619 33.28 -11.62 -9.65
C ASP A 619 34.21 -10.50 -9.22
N THR A 620 35.09 -10.82 -8.26
CA THR A 620 36.05 -9.86 -7.72
C THR A 620 37.48 -10.37 -7.86
N SER A 621 37.68 -11.49 -8.55
CA SER A 621 39.03 -12.05 -8.68
C SER A 621 39.95 -11.11 -9.46
N ALA A 622 39.43 -10.49 -10.52
CA ALA A 622 40.26 -9.61 -11.34
C ALA A 622 40.66 -8.34 -10.58
N ILE A 623 39.69 -7.68 -9.97
CA ILE A 623 39.93 -6.43 -9.25
C ILE A 623 40.17 -6.79 -7.79
N ARG A 624 41.42 -6.77 -7.37
CA ARG A 624 41.79 -7.09 -6.00
C ARG A 624 42.04 -5.81 -5.22
N ARG A 625 41.33 -5.65 -4.10
CA ARG A 625 41.50 -4.49 -3.23
C ARG A 625 42.60 -4.79 -2.21
N VAL A 626 43.83 -4.80 -2.70
CA VAL A 626 44.98 -5.12 -1.86
C VAL A 626 45.17 -4.04 -0.82
N SER A 627 45.48 -4.46 0.42
CA SER A 627 45.64 -3.50 1.50
C SER A 627 46.84 -2.60 1.30
N ASN A 628 48.00 -3.19 1.01
CA ASN A 628 49.24 -2.44 0.81
C ASN A 628 49.93 -2.90 -0.46
N PHE A 629 50.29 -1.95 -1.30
CA PHE A 629 50.96 -2.24 -2.57
C PHE A 629 51.76 -1.00 -2.97
N ASP A 630 52.20 -0.97 -4.22
CA ASP A 630 52.92 0.18 -4.76
C ASP A 630 52.08 0.87 -5.84
N LYS A 631 52.06 2.20 -5.81
CA LYS A 631 51.42 3.09 -6.77
C LYS A 631 49.90 2.98 -6.76
N ALA A 632 49.32 2.05 -5.98
CA ALA A 632 47.88 1.96 -5.76
C ALA A 632 47.10 1.55 -7.00
N VAL A 633 47.77 1.46 -8.15
CA VAL A 633 47.13 1.08 -9.40
C VAL A 633 48.12 0.28 -10.24
N LYS A 634 47.74 -0.93 -10.63
CA LYS A 634 48.57 -1.74 -11.51
C LYS A 634 47.69 -2.54 -12.45
N PHE A 635 47.90 -2.39 -13.75
CA PHE A 635 47.18 -3.11 -14.78
C PHE A 635 48.08 -4.25 -15.24
N SER A 636 47.84 -5.45 -14.70
CA SER A 636 48.69 -6.61 -14.99
C SER A 636 48.17 -7.33 -16.24
N GLU A 637 48.36 -6.66 -17.39
CA GLU A 637 47.95 -7.19 -18.69
C GLU A 637 46.46 -7.57 -18.70
N ALA A 638 45.65 -6.67 -18.16
CA ALA A 638 44.21 -6.94 -18.06
C ALA A 638 43.55 -6.91 -19.43
N SER A 639 42.43 -7.62 -19.54
CA SER A 639 41.67 -7.69 -20.79
C SER A 639 40.20 -7.85 -20.40
N PHE A 640 39.49 -6.73 -20.32
CA PHE A 640 38.10 -6.70 -19.89
C PHE A 640 37.17 -6.59 -21.08
N THR A 641 35.99 -7.22 -20.94
CA THR A 641 35.01 -7.29 -22.02
C THR A 641 33.63 -6.94 -21.50
N TRP A 642 32.90 -6.14 -22.27
CA TRP A 642 31.52 -5.82 -21.91
C TRP A 642 30.65 -7.07 -21.91
N ASP A 643 30.82 -7.93 -22.91
CA ASP A 643 30.01 -9.13 -23.07
C ASP A 643 30.84 -10.25 -23.68
N PRO A 644 30.95 -11.41 -23.03
CA PRO A 644 31.77 -12.49 -23.58
C PRO A 644 31.33 -12.96 -24.96
N ASP A 645 30.05 -12.77 -25.31
CA ASP A 645 29.58 -13.17 -26.63
C ASP A 645 30.19 -12.32 -27.75
N LEU A 646 30.80 -11.19 -27.42
CA LEU A 646 31.36 -10.28 -28.41
C LEU A 646 32.87 -10.17 -28.25
N GLU A 647 33.48 -9.38 -29.11
CA GLU A 647 34.92 -9.13 -29.05
C GLU A 647 35.27 -8.34 -27.80
N ALA A 648 36.44 -8.64 -27.25
CA ALA A 648 36.90 -7.97 -26.04
C ALA A 648 36.97 -6.46 -26.24
N THR A 649 36.29 -5.72 -25.38
CA THR A 649 36.26 -4.27 -25.51
C THR A 649 37.65 -3.66 -25.33
N ILE A 650 38.40 -4.13 -24.34
CA ILE A 650 39.75 -3.66 -24.08
C ILE A 650 40.61 -4.87 -23.73
N GLN A 651 41.80 -4.93 -24.33
CA GLN A 651 42.67 -6.09 -24.12
C GLN A 651 44.12 -5.66 -24.25
N ASP A 652 44.99 -6.41 -23.60
CA ASP A 652 46.45 -6.22 -23.66
C ASP A 652 46.81 -4.78 -23.29
N VAL A 653 46.46 -4.41 -22.07
CA VAL A 653 46.74 -3.07 -21.55
C VAL A 653 47.78 -3.18 -20.45
N ASN A 654 48.51 -2.08 -20.25
CA ASN A 654 49.55 -2.04 -19.24
C ASN A 654 49.74 -0.58 -18.83
N LEU A 655 49.38 -0.25 -17.60
CA LEU A 655 49.48 1.13 -17.14
C LEU A 655 49.62 1.16 -15.63
N ASP A 656 50.57 1.96 -15.14
CA ASP A 656 50.79 2.16 -13.72
C ASP A 656 50.82 3.66 -13.44
N ILE A 657 50.18 4.06 -12.35
CA ILE A 657 50.03 5.47 -12.01
C ILE A 657 50.60 5.70 -10.62
N LYS A 658 51.52 6.65 -10.49
CA LYS A 658 52.11 6.97 -9.20
C LYS A 658 51.06 7.59 -8.28
N PRO A 659 51.21 7.40 -6.96
CA PRO A 659 50.27 8.05 -6.02
C PRO A 659 50.34 9.57 -6.12
N GLY A 660 49.18 10.20 -5.97
CA GLY A 660 49.11 11.64 -6.05
C GLY A 660 49.26 12.22 -7.44
N GLN A 661 49.25 11.38 -8.46
CA GLN A 661 49.51 11.81 -9.83
C GLN A 661 48.21 11.88 -10.61
N LEU A 662 47.95 13.04 -11.21
CA LEU A 662 46.75 13.22 -12.01
C LEU A 662 46.96 12.62 -13.40
N VAL A 663 46.01 11.81 -13.84
CA VAL A 663 46.03 11.21 -15.17
C VAL A 663 44.77 11.62 -15.89
N ALA A 664 44.93 12.16 -17.10
CA ALA A 664 43.82 12.61 -17.92
C ALA A 664 43.76 11.75 -19.18
N VAL A 665 43.09 10.60 -19.07
CA VAL A 665 42.97 9.73 -20.23
C VAL A 665 42.01 10.34 -21.23
N VAL A 666 42.45 10.42 -22.50
CA VAL A 666 41.67 11.03 -23.56
C VAL A 666 41.78 10.16 -24.81
N GLY A 667 40.78 10.29 -25.67
CA GLY A 667 40.74 9.50 -26.90
C GLY A 667 39.52 9.86 -27.71
N THR A 668 39.35 9.15 -28.82
CA THR A 668 38.23 9.39 -29.71
C THR A 668 36.93 8.89 -29.08
N VAL A 669 35.82 9.30 -29.68
CA VAL A 669 34.51 8.87 -29.20
C VAL A 669 34.35 7.38 -29.43
N GLY A 670 33.92 6.66 -28.40
CA GLY A 670 33.75 5.23 -28.49
C GLY A 670 35.03 4.42 -28.42
N SER A 671 36.17 5.07 -28.14
CA SER A 671 37.43 4.33 -28.07
C SER A 671 37.43 3.34 -26.90
N GLY A 672 36.81 3.72 -25.78
CA GLY A 672 36.76 2.85 -24.62
C GLY A 672 37.19 3.50 -23.34
N LYS A 673 37.26 4.84 -23.34
CA LYS A 673 37.62 5.56 -22.11
C LYS A 673 36.60 5.29 -21.02
N SER A 674 35.31 5.40 -21.34
CA SER A 674 34.28 5.01 -20.39
C SER A 674 34.38 3.53 -20.05
N SER A 675 34.68 2.71 -21.05
CA SER A 675 34.92 1.29 -20.78
C SER A 675 36.13 1.10 -19.88
N LEU A 676 37.18 1.88 -20.08
CA LEU A 676 38.35 1.78 -19.21
C LEU A 676 37.98 2.13 -17.78
N VAL A 677 37.18 3.19 -17.58
CA VAL A 677 36.76 3.56 -16.24
C VAL A 677 35.91 2.45 -15.63
N SER A 678 35.00 1.87 -16.42
CA SER A 678 34.16 0.80 -15.91
C SER A 678 35.00 -0.40 -15.48
N ALA A 679 35.99 -0.77 -16.28
CA ALA A 679 36.87 -1.88 -15.91
C ALA A 679 37.65 -1.55 -14.65
N MET A 680 38.09 -0.29 -14.52
CA MET A 680 38.71 0.16 -13.28
C MET A 680 37.79 -0.07 -12.09
N LEU A 681 36.50 0.24 -12.25
CA LEU A 681 35.55 0.01 -11.17
C LEU A 681 35.23 -1.47 -10.98
N GLY A 682 35.53 -2.31 -11.96
CA GLY A 682 35.17 -3.71 -11.88
C GLY A 682 33.75 -4.03 -12.27
N GLU A 683 33.06 -3.11 -12.94
CA GLU A 683 31.69 -3.32 -13.39
C GLU A 683 31.61 -4.06 -14.72
N MET A 684 32.69 -4.72 -15.14
CA MET A 684 32.72 -5.45 -16.39
C MET A 684 33.47 -6.77 -16.19
N GLU A 685 33.21 -7.70 -17.09
CA GLU A 685 33.86 -9.00 -17.05
C GLU A 685 35.16 -8.97 -17.84
N ASN A 686 36.07 -9.87 -17.46
CA ASN A 686 37.38 -9.94 -18.09
C ASN A 686 37.72 -11.40 -18.37
N VAL A 687 38.57 -11.60 -19.36
CA VAL A 687 39.01 -12.95 -19.72
C VAL A 687 40.30 -13.32 -19.00
N HIS A 688 41.29 -12.43 -19.00
CA HIS A 688 42.52 -12.67 -18.26
C HIS A 688 43.21 -11.34 -17.99
N GLY A 689 44.07 -11.33 -16.98
CA GLY A 689 44.78 -10.13 -16.59
C GLY A 689 44.11 -9.42 -15.42
N HIS A 690 44.72 -9.53 -14.25
CA HIS A 690 44.13 -8.94 -13.05
C HIS A 690 44.60 -7.49 -12.88
N ILE A 691 43.84 -6.74 -12.08
CA ILE A 691 44.14 -5.36 -11.77
C ILE A 691 44.29 -5.24 -10.27
N THR A 692 45.41 -4.67 -9.82
CA THR A 692 45.69 -4.52 -8.40
C THR A 692 45.47 -3.06 -8.01
N ILE A 693 44.56 -2.84 -7.07
CA ILE A 693 44.21 -1.51 -6.58
C ILE A 693 44.26 -1.52 -5.06
N GLN A 694 44.87 -0.48 -4.49
CA GLN A 694 44.98 -0.35 -3.04
C GLN A 694 44.32 0.95 -2.60
N GLY A 695 43.81 0.94 -1.37
CA GLY A 695 43.23 2.13 -0.79
C GLY A 695 41.79 2.35 -1.19
N SER A 696 41.13 3.25 -0.45
CA SER A 696 39.76 3.61 -0.75
C SER A 696 39.68 4.38 -2.04
N THR A 697 38.53 4.30 -2.71
CA THR A 697 38.34 4.96 -3.98
C THR A 697 37.02 5.71 -3.99
N ALA A 698 36.99 6.80 -4.75
CA ALA A 698 35.80 7.58 -5.00
C ALA A 698 35.62 7.72 -6.50
N TYR A 699 34.38 7.85 -6.95
CA TYR A 699 34.12 7.82 -8.38
C TYR A 699 32.91 8.69 -8.68
N VAL A 700 32.98 9.42 -9.78
CA VAL A 700 31.84 10.20 -10.25
C VAL A 700 31.69 10.00 -11.76
N PRO A 701 30.49 9.64 -12.21
CA PRO A 701 30.26 9.41 -13.64
C PRO A 701 29.71 10.64 -14.35
N GLN A 702 29.61 10.51 -15.67
CA GLN A 702 28.96 11.56 -16.46
C GLN A 702 27.50 11.71 -16.08
N GLN A 703 26.81 10.59 -15.88
CA GLN A 703 25.41 10.60 -15.44
C GLN A 703 25.41 10.67 -13.93
N SER A 704 25.26 11.87 -13.39
CA SER A 704 25.20 12.04 -11.94
C SER A 704 23.93 11.41 -11.39
N TRP A 705 24.04 10.85 -10.20
CA TRP A 705 22.92 10.20 -9.53
C TRP A 705 22.63 10.95 -8.24
N ILE A 706 21.36 11.32 -8.06
CA ILE A 706 20.94 12.14 -6.93
C ILE A 706 19.88 11.38 -6.13
N GLN A 707 20.11 11.26 -4.83
CA GLN A 707 19.18 10.55 -3.96
C GLN A 707 18.03 11.48 -3.56
N ASN A 708 16.98 10.88 -3.01
CA ASN A 708 15.86 11.66 -2.49
C ASN A 708 16.26 12.29 -1.16
N GLY A 709 15.97 13.58 -1.02
CA GLY A 709 16.22 14.24 0.24
C GLY A 709 16.80 15.64 0.11
N THR A 710 17.87 15.90 0.86
CA THR A 710 18.49 17.21 0.94
C THR A 710 19.85 17.21 0.27
N ILE A 711 20.26 18.39 -0.22
CA ILE A 711 21.58 18.51 -0.82
C ILE A 711 22.66 18.21 0.21
N LYS A 712 22.44 18.63 1.46
CA LYS A 712 23.40 18.35 2.52
C LYS A 712 23.64 16.85 2.63
N ASP A 713 22.58 16.07 2.85
CA ASP A 713 22.74 14.64 3.02
C ASP A 713 23.35 13.99 1.78
N ASN A 714 23.13 14.57 0.61
CA ASN A 714 23.84 14.12 -0.58
C ASN A 714 25.33 14.35 -0.44
N ILE A 715 25.73 15.51 0.08
CA ILE A 715 27.15 15.83 0.19
C ILE A 715 27.82 14.96 1.25
N LEU A 716 27.20 14.85 2.43
CA LEU A 716 27.79 14.01 3.48
C LEU A 716 27.90 12.55 3.03
N PHE A 717 26.85 12.03 2.40
CA PHE A 717 26.83 10.65 1.94
C PHE A 717 27.15 9.68 3.07
N GLY A 718 26.52 9.91 4.21
CA GLY A 718 26.70 9.03 5.34
C GLY A 718 27.94 9.28 6.17
N SER A 719 28.78 10.23 5.80
CA SER A 719 29.95 10.58 6.58
C SER A 719 29.59 11.63 7.63
N GLU A 720 30.44 11.73 8.65
CA GLU A 720 30.19 12.66 9.75
C GLU A 720 30.24 14.10 9.26
N TYR A 721 29.33 14.92 9.79
CA TYR A 721 29.30 16.32 9.42
C TYR A 721 30.53 17.04 9.96
N ASN A 722 31.20 17.79 9.09
CA ASN A 722 32.35 18.60 9.47
C ASN A 722 32.18 19.97 8.82
N GLU A 723 31.97 21.00 9.65
CA GLU A 723 31.71 22.33 9.12
C GLU A 723 32.91 22.85 8.32
N LYS A 724 34.12 22.58 8.81
CA LYS A 724 35.31 23.07 8.12
C LYS A 724 35.44 22.43 6.73
N LYS A 725 35.38 21.10 6.66
CA LYS A 725 35.50 20.40 5.38
C LYS A 725 34.35 20.76 4.45
N TYR A 726 33.14 20.88 5.01
CA TYR A 726 31.99 21.29 4.23
C TYR A 726 32.21 22.66 3.60
N GLN A 727 32.61 23.65 4.40
CA GLN A 727 32.85 24.98 3.85
C GLN A 727 33.96 24.93 2.80
N GLN A 728 34.98 24.11 3.03
CA GLN A 728 36.04 23.98 2.04
C GLN A 728 35.51 23.46 0.72
N VAL A 729 34.63 22.46 0.75
CA VAL A 729 34.19 21.89 -0.52
C VAL A 729 33.15 22.77 -1.22
N LEU A 730 32.35 23.54 -0.48
CA LEU A 730 31.57 24.59 -1.14
C LEU A 730 32.47 25.65 -1.76
N LYS A 731 33.55 26.05 -1.09
CA LYS A 731 34.43 27.04 -1.68
C LYS A 731 35.12 26.48 -2.93
N ALA A 732 35.51 25.21 -2.90
CA ALA A 732 36.26 24.62 -4.00
C ALA A 732 35.40 24.53 -5.27
N CYS A 733 34.12 24.20 -5.12
CA CYS A 733 33.22 24.06 -6.24
C CYS A 733 32.36 25.31 -6.38
N ALA A 734 31.51 25.31 -7.41
CA ALA A 734 30.58 26.41 -7.65
C ALA A 734 29.21 26.01 -7.11
N LEU A 735 29.06 26.12 -5.80
CA LEU A 735 27.82 25.72 -5.15
C LEU A 735 27.23 26.78 -4.24
N LEU A 736 28.07 27.62 -3.60
CA LEU A 736 27.54 28.69 -2.77
C LEU A 736 26.65 29.66 -3.54
N PRO A 737 27.06 30.20 -4.70
CA PRO A 737 26.10 30.99 -5.48
C PRO A 737 24.86 30.21 -5.86
N ASP A 738 25.04 28.93 -6.21
CA ASP A 738 23.88 28.09 -6.52
C ASP A 738 23.02 27.88 -5.29
N LEU A 739 23.64 27.66 -4.13
CA LEU A 739 22.87 27.44 -2.91
C LEU A 739 22.06 28.68 -2.54
N GLU A 740 22.65 29.87 -2.69
CA GLU A 740 21.89 31.10 -2.46
C GLU A 740 20.80 31.26 -3.51
N ILE A 741 21.05 30.82 -4.74
CA ILE A 741 20.02 30.82 -5.76
C ILE A 741 18.91 29.83 -5.41
N LEU A 742 19.27 28.72 -4.76
CA LEU A 742 18.29 27.71 -4.42
C LEU A 742 17.22 28.28 -3.49
N PRO A 743 15.95 27.92 -3.68
CA PRO A 743 14.89 28.46 -2.82
C PRO A 743 14.97 27.97 -1.39
N GLY A 744 15.17 26.67 -1.21
CA GLY A 744 15.20 26.08 0.12
C GLY A 744 16.52 26.16 0.85
N GLY A 745 17.53 26.79 0.25
CA GLY A 745 18.81 26.89 0.92
C GLY A 745 19.58 25.58 0.90
N ASP A 746 20.45 25.41 1.90
CA ASP A 746 21.26 24.20 1.96
C ASP A 746 20.40 22.95 2.11
N MET A 747 19.41 23.00 3.00
CA MET A 747 18.50 21.87 3.17
C MET A 747 17.72 21.64 1.88
N ALA A 748 16.87 22.60 1.52
CA ALA A 748 16.03 22.53 0.33
C ALA A 748 15.39 21.16 0.17
N GLU A 749 15.38 20.65 -1.05
CA GLU A 749 14.93 19.29 -1.33
C GLU A 749 15.47 18.89 -2.69
N ILE A 750 15.64 17.59 -2.89
CA ILE A 750 16.15 17.06 -4.14
C ILE A 750 15.72 15.60 -4.25
N GLY A 751 15.49 15.15 -5.49
CA GLY A 751 15.01 13.81 -5.74
C GLY A 751 13.49 13.72 -5.69
N GLU A 752 12.97 12.68 -6.34
CA GLU A 752 11.52 12.48 -6.45
C GLU A 752 10.86 13.74 -7.00
N LYS A 753 10.32 14.56 -6.11
CA LYS A 753 9.81 15.86 -6.52
C LYS A 753 10.95 16.82 -6.82
N GLY A 754 11.75 17.14 -5.80
CA GLY A 754 12.92 17.97 -5.97
C GLY A 754 12.57 19.38 -6.42
N ILE A 755 13.52 20.02 -7.08
CA ILE A 755 13.31 21.33 -7.68
C ILE A 755 13.77 21.28 -9.13
N ASN A 756 13.95 20.06 -9.65
CA ASN A 756 14.42 19.83 -11.01
C ASN A 756 15.78 20.51 -11.23
N LEU A 757 16.77 20.04 -10.48
CA LEU A 757 18.12 20.58 -10.57
C LEU A 757 18.68 20.36 -11.97
N SER A 758 19.44 21.35 -12.45
CA SER A 758 20.03 21.24 -13.77
C SER A 758 21.17 20.23 -13.77
N GLY A 759 21.52 19.77 -14.98
CA GLY A 759 22.56 18.75 -15.10
C GLY A 759 23.91 19.22 -14.59
N GLY A 760 24.25 20.48 -14.86
CA GLY A 760 25.50 21.02 -14.34
C GLY A 760 25.54 21.06 -12.82
N GLN A 761 24.42 21.42 -12.20
CA GLN A 761 24.34 21.40 -10.74
C GLN A 761 24.46 19.99 -10.20
N LYS A 762 23.87 19.01 -10.88
CA LYS A 762 24.01 17.62 -10.45
C LYS A 762 25.45 17.16 -10.55
N GLN A 763 26.14 17.51 -11.63
CA GLN A 763 27.55 17.16 -11.76
C GLN A 763 28.38 17.83 -10.67
N ARG A 764 28.06 19.10 -10.37
CA ARG A 764 28.79 19.81 -9.33
C ARG A 764 28.58 19.16 -7.97
N VAL A 765 27.35 18.79 -7.65
CA VAL A 765 27.09 18.20 -6.34
C VAL A 765 27.73 16.82 -6.24
N SER A 766 27.72 16.05 -7.33
CA SER A 766 28.40 14.76 -7.31
C SER A 766 29.91 14.93 -7.12
N LEU A 767 30.50 15.91 -7.80
CA LEU A 767 31.92 16.18 -7.64
C LEU A 767 32.22 16.60 -6.20
N ALA A 768 31.35 17.41 -5.62
CA ALA A 768 31.54 17.82 -4.23
C ALA A 768 31.45 16.63 -3.28
N ARG A 769 30.52 15.72 -3.54
CA ARG A 769 30.42 14.51 -2.72
C ARG A 769 31.68 13.67 -2.83
N ALA A 770 32.19 13.52 -4.05
CA ALA A 770 33.44 12.79 -4.26
C ALA A 770 34.59 13.44 -3.50
N ALA A 771 34.68 14.78 -3.57
CA ALA A 771 35.75 15.48 -2.87
C ALA A 771 35.63 15.30 -1.37
N TYR A 772 34.41 15.38 -0.83
CA TYR A 772 34.22 15.21 0.60
C TYR A 772 34.61 13.81 1.03
N GLN A 773 34.30 12.80 0.22
CA GLN A 773 34.58 11.43 0.62
C GLN A 773 36.06 11.17 0.84
N ASP A 774 36.92 12.07 0.36
CA ASP A 774 38.35 12.11 0.71
C ASP A 774 39.02 10.75 0.53
N ALA A 775 38.67 10.05 -0.54
CA ALA A 775 39.29 8.77 -0.82
C ALA A 775 40.71 8.98 -1.33
N ASP A 776 41.48 7.89 -1.34
CA ASP A 776 42.85 7.94 -1.82
C ASP A 776 42.90 8.18 -3.33
N ILE A 777 42.00 7.56 -4.08
CA ILE A 777 41.97 7.64 -5.53
C ILE A 777 40.62 8.18 -5.96
N TYR A 778 40.64 9.04 -6.98
CA TYR A 778 39.42 9.60 -7.56
C TYR A 778 39.29 9.18 -9.01
N ILE A 779 38.07 8.83 -9.43
CA ILE A 779 37.77 8.42 -10.79
C ILE A 779 36.77 9.41 -11.35
N LEU A 780 37.26 10.41 -12.07
CA LEU A 780 36.42 11.45 -12.67
C LEU A 780 36.09 11.03 -14.10
N ASP A 781 34.80 10.90 -14.41
CA ASP A 781 34.38 10.51 -15.75
C ASP A 781 33.50 11.62 -16.32
N ASP A 782 34.12 12.56 -17.02
CA ASP A 782 33.44 13.66 -17.68
C ASP A 782 32.44 14.38 -16.77
N PRO A 783 32.91 14.97 -15.66
CA PRO A 783 31.99 15.65 -14.75
C PRO A 783 31.70 17.11 -15.11
N LEU A 784 32.12 17.56 -16.29
CA LEU A 784 31.93 18.95 -16.71
C LEU A 784 31.26 18.99 -18.08
N SER A 785 30.21 18.19 -18.25
CA SER A 785 29.48 18.18 -19.51
C SER A 785 28.64 19.43 -19.68
N ALA A 786 27.72 19.68 -18.76
CA ALA A 786 26.90 20.88 -18.77
C ALA A 786 27.49 21.98 -17.90
N VAL A 787 28.76 22.31 -18.13
CA VAL A 787 29.48 23.30 -17.35
C VAL A 787 30.18 24.26 -18.31
N ASP A 788 30.12 25.55 -18.01
CA ASP A 788 30.73 26.56 -18.86
C ASP A 788 32.25 26.51 -18.73
N ALA A 789 32.92 27.42 -19.43
CA ALA A 789 34.38 27.41 -19.52
C ALA A 789 35.02 27.91 -18.22
N HIS A 790 34.71 29.14 -17.83
CA HIS A 790 35.38 29.75 -16.68
C HIS A 790 35.04 29.00 -15.39
N VAL A 791 33.78 28.64 -15.20
CA VAL A 791 33.38 27.94 -13.98
C VAL A 791 34.03 26.57 -13.90
N GLY A 792 34.06 25.85 -15.03
CA GLY A 792 34.72 24.55 -15.05
C GLY A 792 36.21 24.66 -14.79
N LYS A 793 36.85 25.68 -15.37
CA LYS A 793 38.28 25.88 -15.13
C LYS A 793 38.55 26.20 -13.67
N HIS A 794 37.70 27.03 -13.05
CA HIS A 794 37.86 27.34 -11.63
C HIS A 794 37.69 26.10 -10.78
N ILE A 795 36.69 25.27 -11.10
CA ILE A 795 36.47 24.04 -10.36
C ILE A 795 37.67 23.11 -10.49
N PHE A 796 38.20 22.98 -11.70
CA PHE A 796 39.38 22.14 -11.89
C PHE A 796 40.57 22.66 -11.12
N ASN A 797 40.80 23.98 -11.16
CA ASN A 797 41.95 24.55 -10.47
C ASN A 797 41.84 24.38 -8.96
N LYS A 798 40.65 24.58 -8.40
CA LYS A 798 40.47 24.53 -6.96
C LYS A 798 40.20 23.12 -6.43
N VAL A 799 39.98 22.14 -7.31
CA VAL A 799 39.66 20.79 -6.86
C VAL A 799 40.69 19.80 -7.38
N VAL A 800 40.79 19.68 -8.70
CA VAL A 800 41.64 18.68 -9.33
C VAL A 800 42.81 19.33 -10.09
N GLY A 801 43.19 20.54 -9.72
CA GLY A 801 44.34 21.19 -10.30
C GLY A 801 45.60 20.90 -9.50
N PRO A 802 46.72 21.51 -9.91
CA PRO A 802 47.94 21.39 -9.11
C PRO A 802 47.79 21.94 -7.71
N ASN A 803 46.98 22.99 -7.53
CA ASN A 803 46.72 23.58 -6.22
C ASN A 803 45.37 23.19 -5.67
N GLY A 804 44.71 22.20 -6.24
CA GLY A 804 43.40 21.81 -5.79
C GLY A 804 43.42 21.08 -4.47
N LEU A 805 42.21 20.85 -3.93
CA LEU A 805 42.08 20.20 -2.63
C LEU A 805 42.59 18.77 -2.63
N LEU A 806 42.72 18.15 -3.80
CA LEU A 806 43.16 16.76 -3.93
C LEU A 806 44.59 16.66 -4.42
N ALA A 807 45.47 17.55 -3.95
CA ALA A 807 46.86 17.50 -4.38
C ALA A 807 47.52 16.19 -3.97
N GLY A 808 47.28 15.74 -2.74
CA GLY A 808 47.85 14.49 -2.27
C GLY A 808 47.09 13.25 -2.67
N LYS A 809 45.98 13.39 -3.39
CA LYS A 809 45.15 12.28 -3.80
C LYS A 809 45.26 12.10 -5.31
N THR A 810 45.57 10.88 -5.73
CA THR A 810 45.67 10.58 -7.16
C THR A 810 44.28 10.59 -7.81
N ARG A 811 44.24 11.06 -9.04
CA ARG A 811 42.98 11.18 -9.77
C ARG A 811 43.18 10.72 -11.21
N ILE A 812 42.18 10.00 -11.72
CA ILE A 812 42.14 9.56 -13.11
C ILE A 812 40.96 10.27 -13.77
N PHE A 813 41.27 11.13 -14.73
CA PHE A 813 40.34 12.09 -15.27
C PHE A 813 40.02 11.72 -16.71
N VAL A 814 38.73 11.73 -17.08
CA VAL A 814 38.30 11.57 -18.46
C VAL A 814 37.74 12.91 -18.91
N THR A 815 38.28 13.43 -20.01
CA THR A 815 37.91 14.77 -20.47
C THR A 815 37.88 14.80 -22.00
N HIS A 816 37.16 15.80 -22.52
CA HIS A 816 37.08 16.04 -23.96
C HIS A 816 37.68 17.37 -24.38
N GLY A 817 37.72 18.36 -23.49
CA GLY A 817 38.28 19.66 -23.83
C GLY A 817 39.79 19.65 -23.85
N ILE A 818 40.35 20.78 -24.27
CA ILE A 818 41.79 20.95 -24.40
C ILE A 818 42.34 21.98 -23.43
N HIS A 819 41.49 22.67 -22.68
CA HIS A 819 41.97 23.68 -21.74
C HIS A 819 42.77 23.06 -20.61
N PHE A 820 42.35 21.89 -20.13
CA PHE A 820 43.03 21.21 -19.03
C PHE A 820 44.18 20.33 -19.48
N LEU A 821 44.33 20.12 -20.78
CA LEU A 821 45.44 19.28 -21.27
C LEU A 821 46.81 19.80 -20.86
N PRO A 822 47.13 21.10 -20.94
CA PRO A 822 48.48 21.53 -20.51
C PRO A 822 48.78 21.24 -19.06
N GLN A 823 47.77 21.07 -18.20
CA GLN A 823 47.97 20.87 -16.78
C GLN A 823 48.17 19.41 -16.39
N VAL A 824 48.05 18.48 -17.36
CA VAL A 824 48.23 17.07 -17.03
C VAL A 824 49.69 16.79 -16.72
N ASP A 825 49.92 15.83 -15.82
CA ASP A 825 51.27 15.35 -15.53
C ASP A 825 51.51 13.94 -16.05
N GLU A 826 50.47 13.22 -16.45
CA GLU A 826 50.63 11.91 -17.08
C GLU A 826 49.37 11.67 -17.91
N ILE A 827 49.47 11.85 -19.22
CA ILE A 827 48.34 11.71 -20.13
C ILE A 827 48.53 10.45 -20.94
N VAL A 828 47.48 9.63 -21.01
CA VAL A 828 47.49 8.38 -21.76
C VAL A 828 46.46 8.48 -22.88
N VAL A 829 46.87 8.13 -24.09
CA VAL A 829 46.02 8.18 -25.28
C VAL A 829 45.40 6.82 -25.49
N LEU A 830 44.08 6.78 -25.65
CA LEU A 830 43.34 5.54 -25.80
C LEU A 830 42.74 5.46 -27.19
N GLY A 831 42.98 4.35 -27.88
CA GLY A 831 42.43 4.14 -29.21
C GLY A 831 41.99 2.71 -29.45
N LYS A 832 40.85 2.55 -30.12
CA LYS A 832 40.24 1.26 -30.44
C LYS A 832 40.37 0.25 -29.31
N GLY A 833 40.15 0.70 -28.07
CA GLY A 833 40.19 -0.20 -26.94
C GLY A 833 41.58 -0.65 -26.52
N THR A 834 42.62 0.08 -26.91
CA THR A 834 43.97 -0.26 -26.52
C THR A 834 44.78 1.02 -26.35
N ILE A 835 45.52 1.10 -25.25
CA ILE A 835 46.34 2.29 -25.01
C ILE A 835 47.48 2.32 -26.03
N LEU A 836 47.91 3.54 -26.36
CA LEU A 836 48.98 3.73 -27.34
C LEU A 836 50.32 4.02 -26.66
N GLU A 837 50.39 5.10 -25.88
CA GLU A 837 51.62 5.46 -25.21
C GLU A 837 51.30 6.38 -24.04
N LYS A 838 52.25 6.49 -23.12
CA LYS A 838 52.14 7.32 -21.94
C LYS A 838 53.07 8.51 -22.04
N GLY A 839 52.91 9.44 -21.11
CA GLY A 839 53.75 10.62 -21.07
C GLY A 839 52.97 11.79 -20.50
N SER A 840 53.60 12.96 -20.57
CA SER A 840 53.01 14.20 -20.08
C SER A 840 52.92 15.21 -21.23
N TYR A 841 52.55 16.44 -20.90
CA TYR A 841 52.49 17.49 -21.91
C TYR A 841 53.87 17.81 -22.46
N ARG A 842 54.92 17.67 -21.63
CA ARG A 842 56.27 17.80 -22.14
C ARG A 842 56.57 16.75 -23.20
N ASP A 843 56.11 15.51 -22.97
CA ASP A 843 56.22 14.48 -23.99
C ASP A 843 55.43 14.85 -25.23
N LEU A 844 54.24 15.43 -25.03
CA LEU A 844 53.42 15.89 -26.15
C LEU A 844 54.18 16.85 -27.03
N LEU A 845 54.84 17.85 -26.42
CA LEU A 845 55.55 18.86 -27.17
C LEU A 845 56.93 18.42 -27.63
N ASP A 846 57.46 17.32 -27.09
CA ASP A 846 58.81 16.87 -27.42
C ASP A 846 58.85 15.80 -28.50
N LYS A 847 58.04 14.75 -28.38
CA LYS A 847 58.11 13.66 -29.35
C LYS A 847 57.77 14.12 -30.76
N LYS A 848 56.72 14.94 -30.88
CA LYS A 848 56.22 15.38 -32.19
C LYS A 848 55.85 14.19 -33.08
N GLY A 849 55.40 13.09 -32.46
CA GLY A 849 55.02 11.91 -33.19
C GLY A 849 53.58 11.50 -32.98
N VAL A 850 53.36 10.39 -32.28
CA VAL A 850 52.01 9.90 -32.03
C VAL A 850 51.24 10.91 -31.17
N PHE A 851 51.88 11.45 -30.14
CA PHE A 851 51.23 12.45 -29.31
C PHE A 851 50.88 13.69 -30.12
N ALA A 852 51.77 14.10 -31.03
CA ALA A 852 51.52 15.31 -31.82
C ALA A 852 50.29 15.15 -32.70
N ARG A 853 50.22 14.05 -33.45
CA ARG A 853 49.07 13.83 -34.33
C ARG A 853 47.79 13.62 -33.52
N ASN A 854 47.89 12.92 -32.38
CA ASN A 854 46.73 12.75 -31.52
C ASN A 854 46.19 14.09 -31.04
N TRP A 855 47.07 14.93 -30.51
CA TRP A 855 46.64 16.25 -30.05
C TRP A 855 46.11 17.09 -31.19
N LYS A 856 46.75 17.01 -32.36
CA LYS A 856 46.29 17.78 -33.52
C LYS A 856 44.89 17.37 -33.94
N THR A 857 44.60 16.08 -33.88
CA THR A 857 43.23 15.63 -34.15
C THR A 857 42.29 15.99 -33.01
N PHE A 858 42.82 16.22 -31.80
CA PHE A 858 41.95 16.42 -30.65
C PHE A 858 41.32 17.81 -30.61
N MET A 859 42.07 18.87 -30.88
CA MET A 859 41.49 20.18 -30.62
C MET A 859 40.64 20.68 -31.77
N LYS A 860 40.53 19.92 -32.86
CA LYS A 860 39.76 20.38 -34.02
C LYS A 860 38.29 20.54 -33.66
N HIS A 861 37.85 21.79 -33.55
CA HIS A 861 36.49 22.10 -33.14
C HIS A 861 35.67 22.66 -34.29
N VAL A 958 -16.25 10.75 7.01
CA VAL A 958 -16.04 12.14 7.39
C VAL A 958 -17.38 12.84 7.57
N LYS A 959 -17.43 14.13 7.25
CA LYS A 959 -18.67 14.87 7.36
C LYS A 959 -19.71 14.32 6.39
N PHE A 960 -20.97 14.37 6.80
CA PHE A 960 -22.04 13.82 5.98
C PHE A 960 -22.23 14.57 4.67
N SER A 961 -21.65 15.77 4.53
CA SER A 961 -21.78 16.50 3.26
C SER A 961 -21.10 15.74 2.13
N ILE A 962 -19.97 15.08 2.42
CA ILE A 962 -19.28 14.31 1.39
C ILE A 962 -20.10 13.11 0.95
N TYR A 963 -20.70 12.41 1.91
CA TYR A 963 -21.59 11.31 1.56
C TYR A 963 -22.76 11.82 0.72
N LEU A 964 -23.30 13.00 1.08
CA LEU A 964 -24.38 13.56 0.29
C LEU A 964 -23.93 13.85 -1.14
N LYS A 965 -22.72 14.38 -1.30
CA LYS A 965 -22.24 14.69 -2.65
C LYS A 965 -22.10 13.42 -3.48
N TYR A 966 -21.48 12.38 -2.92
CA TYR A 966 -21.33 11.15 -3.69
C TYR A 966 -22.68 10.52 -4.00
N LEU A 967 -23.59 10.50 -3.02
CA LEU A 967 -24.89 9.89 -3.26
C LEU A 967 -25.68 10.67 -4.29
N GLN A 968 -25.61 12.00 -4.26
CA GLN A 968 -26.26 12.80 -5.28
C GLN A 968 -25.71 12.48 -6.65
N ALA A 969 -24.40 12.23 -6.73
CA ALA A 969 -23.84 11.75 -8.00
C ALA A 969 -24.43 10.41 -8.38
N VAL A 970 -24.66 9.54 -7.41
CA VAL A 970 -25.23 8.22 -7.69
C VAL A 970 -26.64 8.36 -8.27
N GLY A 971 -27.43 9.25 -7.70
CA GLY A 971 -28.80 9.42 -8.13
C GLY A 971 -29.74 8.96 -7.04
N TRP A 972 -30.57 9.87 -6.52
CA TRP A 972 -31.39 9.54 -5.36
C TRP A 972 -32.42 8.46 -5.67
N TRP A 973 -32.98 8.47 -6.88
CA TRP A 973 -33.92 7.42 -7.24
C TRP A 973 -33.24 6.06 -7.24
N SER A 974 -32.02 5.99 -7.75
CA SER A 974 -31.32 4.71 -7.80
C SER A 974 -31.07 4.14 -6.40
N ILE A 975 -30.59 4.96 -5.48
CA ILE A 975 -30.35 4.45 -4.13
C ILE A 975 -31.66 4.12 -3.46
N LEU A 976 -32.72 4.90 -3.72
CA LEU A 976 -34.01 4.58 -3.13
C LEU A 976 -34.49 3.22 -3.58
N PHE A 977 -34.38 2.92 -4.87
CA PHE A 977 -34.87 1.64 -5.36
C PHE A 977 -33.96 0.49 -4.96
N ILE A 978 -32.65 0.72 -4.87
CA ILE A 978 -31.76 -0.33 -4.38
C ILE A 978 -32.11 -0.70 -2.94
N ILE A 979 -32.30 0.32 -2.09
CA ILE A 979 -32.68 0.08 -0.71
C ILE A 979 -34.02 -0.64 -0.63
N LEU A 980 -34.99 -0.20 -1.43
CA LEU A 980 -36.30 -0.83 -1.40
C LEU A 980 -36.24 -2.29 -1.80
N PHE A 981 -35.49 -2.60 -2.85
CA PHE A 981 -35.44 -3.98 -3.31
C PHE A 981 -34.64 -4.87 -2.38
N TYR A 982 -33.60 -4.35 -1.74
CA TYR A 982 -32.92 -5.17 -0.74
C TYR A 982 -33.81 -5.40 0.47
N GLY A 983 -34.61 -4.40 0.84
CA GLY A 983 -35.59 -4.62 1.89
C GLY A 983 -36.59 -5.69 1.53
N LEU A 984 -37.05 -5.69 0.27
CA LEU A 984 -37.94 -6.76 -0.17
C LEU A 984 -37.26 -8.11 -0.12
N ASN A 985 -35.97 -8.17 -0.46
CA ASN A 985 -35.22 -9.41 -0.33
C ASN A 985 -35.24 -9.92 1.11
N ASN A 986 -34.97 -9.03 2.07
CA ASN A 986 -34.97 -9.48 3.45
C ASN A 986 -36.35 -9.87 3.94
N VAL A 987 -37.40 -9.20 3.47
CA VAL A 987 -38.75 -9.62 3.82
C VAL A 987 -39.03 -11.00 3.26
N ALA A 988 -38.59 -11.27 2.03
CA ALA A 988 -38.77 -12.60 1.47
C ALA A 988 -38.00 -13.64 2.28
N PHE A 989 -36.81 -13.29 2.75
CA PHE A 989 -36.02 -14.23 3.55
C PHE A 989 -36.71 -14.54 4.88
N ILE A 990 -37.22 -13.53 5.56
CA ILE A 990 -37.96 -13.76 6.79
C ILE A 990 -39.20 -14.60 6.52
N GLY A 991 -39.88 -14.34 5.41
CA GLY A 991 -41.04 -15.15 5.06
C GLY A 991 -40.66 -16.61 4.80
N SER A 992 -39.53 -16.82 4.14
CA SER A 992 -39.08 -18.19 3.88
C SER A 992 -38.79 -18.92 5.18
N ASN A 993 -38.13 -18.26 6.13
CA ASN A 993 -37.87 -18.92 7.41
C ASN A 993 -39.16 -19.18 8.18
N LEU A 994 -40.11 -18.25 8.15
CA LEU A 994 -41.39 -18.51 8.80
C LEU A 994 -42.08 -19.71 8.16
N TRP A 995 -42.02 -19.82 6.83
CA TRP A 995 -42.65 -20.93 6.16
C TRP A 995 -41.97 -22.25 6.51
N LEU A 996 -40.64 -22.24 6.66
CA LEU A 996 -39.97 -23.45 7.10
C LEU A 996 -40.39 -23.83 8.51
N SER A 997 -40.58 -22.83 9.37
CA SER A 997 -41.06 -23.12 10.71
C SER A 997 -42.43 -23.80 10.67
N ALA A 998 -43.34 -23.27 9.86
CA ALA A 998 -44.66 -23.89 9.75
C ALA A 998 -44.57 -25.29 9.16
N TRP A 999 -43.72 -25.48 8.15
CA TRP A 999 -43.56 -26.78 7.54
C TRP A 999 -43.03 -27.81 8.52
N THR A 1000 -42.05 -27.43 9.34
CA THR A 1000 -41.57 -28.36 10.35
C THR A 1000 -42.63 -28.59 11.42
N SER A 1001 -43.45 -27.58 11.71
CA SER A 1001 -44.48 -27.75 12.72
C SER A 1001 -45.54 -28.75 12.28
N ASP A 1002 -45.86 -28.81 10.99
CA ASP A 1002 -47.01 -29.60 10.57
C ASP A 1002 -46.81 -31.09 10.86
N SER A 1003 -45.57 -31.53 11.12
CA SER A 1003 -45.34 -32.94 11.42
C SER A 1003 -45.83 -33.31 12.81
N ASP A 1004 -45.74 -32.39 13.76
CA ASP A 1004 -46.09 -32.71 15.15
C ASP A 1004 -47.56 -33.05 15.29
N ASN A 1005 -48.43 -32.31 14.58
CA ASN A 1005 -49.87 -32.55 14.69
C ASN A 1005 -50.25 -33.91 14.12
N LEU A 1006 -50.02 -34.11 12.82
CA LEU A 1006 -50.37 -35.35 12.13
C LEU A 1006 -51.84 -35.71 12.35
N ASN A 1007 -52.70 -34.69 12.29
CA ASN A 1007 -54.13 -34.88 12.51
C ASN A 1007 -54.90 -34.59 11.22
N GLY A 1008 -54.42 -35.13 10.10
CA GLY A 1008 -55.01 -34.90 8.81
C GLY A 1008 -54.30 -33.85 7.98
N THR A 1009 -53.53 -32.98 8.62
CA THR A 1009 -52.77 -31.97 7.88
C THR A 1009 -51.77 -32.63 6.94
N ASN A 1010 -51.03 -33.60 7.44
CA ASN A 1010 -50.04 -34.32 6.65
C ASN A 1010 -50.70 -35.54 6.02
N ASN A 1011 -49.88 -36.46 5.51
CA ASN A 1011 -50.32 -37.69 4.86
C ASN A 1011 -51.15 -37.40 3.61
N SER A 1012 -50.98 -36.21 3.03
CA SER A 1012 -51.65 -35.83 1.81
C SER A 1012 -50.63 -35.27 0.84
N SER A 1013 -50.65 -35.73 -0.40
CA SER A 1013 -49.70 -35.25 -1.38
C SER A 1013 -49.90 -33.77 -1.68
N SER A 1014 -51.14 -33.29 -1.60
CA SER A 1014 -51.41 -31.88 -1.85
C SER A 1014 -50.71 -30.99 -0.82
N HIS A 1015 -50.77 -31.37 0.46
CA HIS A 1015 -50.15 -30.55 1.50
C HIS A 1015 -48.64 -30.50 1.33
N ARG A 1016 -48.01 -31.65 1.16
CA ARG A 1016 -46.55 -31.67 1.00
C ARG A 1016 -46.13 -30.92 -0.25
N ASP A 1017 -46.85 -31.12 -1.36
CA ASP A 1017 -46.50 -30.43 -2.58
C ASP A 1017 -46.66 -28.92 -2.44
N MET A 1018 -47.72 -28.48 -1.76
CA MET A 1018 -47.88 -27.05 -1.53
C MET A 1018 -46.74 -26.49 -0.68
N ARG A 1019 -46.33 -27.23 0.35
CA ARG A 1019 -45.22 -26.77 1.19
C ARG A 1019 -43.96 -26.63 0.36
N ILE A 1020 -43.63 -27.64 -0.44
CA ILE A 1020 -42.42 -27.59 -1.25
C ILE A 1020 -42.49 -26.45 -2.25
N GLY A 1021 -43.63 -26.29 -2.91
CA GLY A 1021 -43.76 -25.25 -3.90
C GLY A 1021 -43.64 -23.86 -3.32
N VAL A 1022 -44.28 -23.61 -2.17
CA VAL A 1022 -44.22 -22.28 -1.59
C VAL A 1022 -42.81 -21.99 -1.06
N PHE A 1023 -42.16 -23.00 -0.49
CA PHE A 1023 -40.77 -22.81 -0.06
C PHE A 1023 -39.88 -22.44 -1.24
N GLY A 1024 -40.02 -23.16 -2.35
CA GLY A 1024 -39.25 -22.83 -3.53
C GLY A 1024 -39.57 -21.45 -4.07
N ALA A 1025 -40.85 -21.07 -4.03
CA ALA A 1025 -41.24 -19.75 -4.51
C ALA A 1025 -40.62 -18.65 -3.67
N LEU A 1026 -40.61 -18.82 -2.35
CA LEU A 1026 -40.01 -17.80 -1.49
C LEU A 1026 -38.51 -17.72 -1.71
N GLY A 1027 -37.85 -18.86 -1.87
CA GLY A 1027 -36.44 -18.82 -2.21
C GLY A 1027 -36.16 -18.10 -3.52
N LEU A 1028 -36.98 -18.37 -4.54
CA LEU A 1028 -36.80 -17.73 -5.83
C LEU A 1028 -37.06 -16.22 -5.75
N ALA A 1029 -38.06 -15.82 -4.98
CA ALA A 1029 -38.33 -14.39 -4.81
C ALA A 1029 -37.15 -13.71 -4.15
N GLN A 1030 -36.60 -14.33 -3.10
CA GLN A 1030 -35.43 -13.75 -2.46
C GLN A 1030 -34.26 -13.63 -3.43
N GLY A 1031 -34.04 -14.66 -4.24
CA GLY A 1031 -32.96 -14.61 -5.20
C GLY A 1031 -33.11 -13.48 -6.20
N ILE A 1032 -34.29 -13.36 -6.81
CA ILE A 1032 -34.44 -12.35 -7.86
C ILE A 1032 -34.42 -10.95 -7.26
N CYS A 1033 -34.97 -10.77 -6.06
CA CYS A 1033 -34.91 -9.45 -5.45
C CYS A 1033 -33.47 -9.04 -5.16
N LEU A 1034 -32.67 -9.96 -4.62
CA LEU A 1034 -31.27 -9.64 -4.36
C LEU A 1034 -30.52 -9.36 -5.65
N LEU A 1035 -30.80 -10.13 -6.70
CA LEU A 1035 -30.11 -9.91 -7.98
C LEU A 1035 -30.47 -8.56 -8.59
N ILE A 1036 -31.74 -8.18 -8.53
CA ILE A 1036 -32.15 -6.87 -9.03
C ILE A 1036 -31.45 -5.77 -8.25
N SER A 1037 -31.40 -5.91 -6.92
CA SER A 1037 -30.71 -4.91 -6.11
C SER A 1037 -29.25 -4.78 -6.52
N THR A 1038 -28.54 -5.90 -6.67
CA THR A 1038 -27.12 -5.81 -6.95
C THR A 1038 -26.85 -5.26 -8.35
N LEU A 1039 -27.64 -5.66 -9.34
CA LEU A 1039 -27.44 -5.13 -10.70
C LEU A 1039 -27.71 -3.63 -10.74
N TRP A 1040 -28.78 -3.18 -10.09
CA TRP A 1040 -29.06 -1.75 -10.03
C TRP A 1040 -27.94 -1.01 -9.33
N SER A 1041 -27.39 -1.60 -8.27
CA SER A 1041 -26.27 -0.98 -7.57
C SER A 1041 -25.07 -0.82 -8.49
N ILE A 1042 -24.77 -1.85 -9.28
CA ILE A 1042 -23.62 -1.78 -10.19
C ILE A 1042 -23.81 -0.66 -11.19
N TYR A 1043 -25.00 -0.59 -11.81
CA TYR A 1043 -25.21 0.43 -12.83
C TYR A 1043 -25.19 1.83 -12.23
N ALA A 1044 -25.79 2.00 -11.05
CA ALA A 1044 -25.79 3.31 -10.42
C ALA A 1044 -24.38 3.76 -10.06
N CYS A 1045 -23.56 2.86 -9.51
CA CYS A 1045 -22.20 3.25 -9.17
C CYS A 1045 -21.37 3.57 -10.41
N ARG A 1046 -21.56 2.81 -11.49
CA ARG A 1046 -20.87 3.14 -12.73
C ARG A 1046 -21.26 4.53 -13.23
N ASN A 1047 -22.56 4.84 -13.20
CA ASN A 1047 -23.01 6.17 -13.62
C ASN A 1047 -22.41 7.26 -12.74
N ALA A 1048 -22.34 7.02 -11.43
CA ALA A 1048 -21.78 8.01 -10.53
C ALA A 1048 -20.32 8.26 -10.82
N SER A 1049 -19.54 7.21 -11.04
CA SER A 1049 -18.13 7.40 -11.35
C SER A 1049 -17.96 8.16 -12.66
N LYS A 1050 -18.76 7.84 -13.67
CA LYS A 1050 -18.70 8.57 -14.93
C LYS A 1050 -18.95 10.05 -14.71
N ALA A 1051 -20.03 10.38 -13.99
CA ALA A 1051 -20.36 11.79 -13.78
C ALA A 1051 -19.27 12.51 -13.01
N LEU A 1052 -18.74 11.88 -11.95
CA LEU A 1052 -17.73 12.53 -11.13
C LEU A 1052 -16.47 12.82 -11.93
N HIS A 1053 -15.99 11.82 -12.70
CA HIS A 1053 -14.80 12.07 -13.50
C HIS A 1053 -15.05 13.11 -14.57
N GLY A 1054 -16.23 13.09 -15.20
CA GLY A 1054 -16.53 14.10 -16.20
C GLY A 1054 -16.48 15.51 -15.62
N GLN A 1055 -17.10 15.69 -14.46
CA GLN A 1055 -17.10 17.01 -13.81
C GLN A 1055 -15.68 17.43 -13.46
N LEU A 1056 -14.90 16.53 -12.85
CA LEU A 1056 -13.55 16.89 -12.43
C LEU A 1056 -12.68 17.24 -13.62
N LEU A 1057 -12.76 16.47 -14.70
CA LEU A 1057 -11.93 16.75 -15.87
C LEU A 1057 -12.36 18.04 -16.54
N THR A 1058 -13.67 18.29 -16.62
CA THR A 1058 -14.11 19.54 -17.23
C THR A 1058 -13.63 20.73 -16.43
N ASN A 1059 -13.64 20.64 -15.10
CA ASN A 1059 -13.32 21.81 -14.29
C ASN A 1059 -11.83 22.00 -14.00
N ILE A 1060 -11.02 20.94 -14.03
CA ILE A 1060 -9.57 21.16 -13.95
C ILE A 1060 -9.09 21.97 -15.14
N LEU A 1061 -9.50 21.58 -16.34
CA LEU A 1061 -9.28 22.44 -17.48
C LEU A 1061 -10.13 23.69 -17.33
N ARG A 1062 -9.80 24.71 -18.14
CA ARG A 1062 -10.47 26.00 -18.10
C ARG A 1062 -10.27 26.70 -16.76
N ALA A 1063 -9.52 26.08 -15.85
CA ALA A 1063 -9.15 26.74 -14.61
C ALA A 1063 -8.03 27.76 -14.84
N PRO A 1064 -8.04 28.87 -14.12
CA PRO A 1064 -7.02 29.89 -14.33
C PRO A 1064 -5.62 29.37 -14.02
N MET A 1065 -4.63 29.94 -14.71
CA MET A 1065 -3.25 29.47 -14.61
C MET A 1065 -2.68 29.61 -13.21
N ARG A 1066 -3.24 30.50 -12.39
CA ARG A 1066 -2.74 30.66 -11.03
C ARG A 1066 -2.90 29.37 -10.24
N PHE A 1067 -4.03 28.69 -10.42
CA PHE A 1067 -4.24 27.42 -9.72
C PHE A 1067 -3.18 26.41 -10.10
N PHE A 1068 -2.80 26.35 -11.39
CA PHE A 1068 -1.75 25.43 -11.80
C PHE A 1068 -0.40 25.85 -11.26
N ASP A 1069 -0.14 27.16 -11.20
CA ASP A 1069 1.14 27.64 -10.68
C ASP A 1069 1.30 27.29 -9.20
N THR A 1070 0.22 27.42 -8.42
CA THR A 1070 0.31 27.11 -7.00
C THR A 1070 0.37 25.60 -6.76
N THR A 1071 -0.64 24.88 -7.21
CA THR A 1071 -0.72 23.44 -6.92
C THR A 1071 0.31 22.67 -7.73
N PRO A 1072 1.06 21.76 -7.11
CA PRO A 1072 2.01 20.94 -7.88
C PRO A 1072 1.30 20.01 -8.84
N THR A 1073 1.99 19.68 -9.94
CA THR A 1073 1.44 18.76 -10.93
C THR A 1073 1.28 17.35 -10.37
N GLY A 1074 2.21 16.92 -9.51
CA GLY A 1074 2.09 15.61 -8.91
C GLY A 1074 0.82 15.45 -8.10
N ARG A 1075 0.40 16.52 -7.43
CA ARG A 1075 -0.82 16.46 -6.63
C ARG A 1075 -2.04 16.18 -7.52
N ILE A 1076 -2.18 16.93 -8.61
CA ILE A 1076 -3.32 16.74 -9.49
C ILE A 1076 -3.25 15.37 -10.17
N VAL A 1077 -2.05 14.92 -10.51
CA VAL A 1077 -1.92 13.60 -11.13
C VAL A 1077 -2.36 12.51 -10.17
N ASN A 1078 -1.97 12.62 -8.89
CA ASN A 1078 -2.42 11.66 -7.90
C ASN A 1078 -3.93 11.73 -7.71
N ARG A 1079 -4.49 12.94 -7.75
CA ARG A 1079 -5.93 13.08 -7.63
C ARG A 1079 -6.66 12.40 -8.77
N PHE A 1080 -6.12 12.50 -9.98
CA PHE A 1080 -6.75 11.88 -11.13
C PHE A 1080 -6.54 10.37 -11.15
N SER A 1081 -5.42 9.89 -10.61
CA SER A 1081 -5.16 8.44 -10.62
C SER A 1081 -5.81 7.73 -9.45
N GLY A 1082 -5.30 7.98 -8.24
CA GLY A 1082 -5.69 7.18 -7.10
C GLY A 1082 -7.12 7.41 -6.66
N ASP A 1083 -7.53 8.68 -6.59
CA ASP A 1083 -8.87 8.98 -6.10
C ASP A 1083 -9.95 8.52 -7.07
N ILE A 1084 -9.73 8.71 -8.37
CA ILE A 1084 -10.70 8.22 -9.34
C ILE A 1084 -10.73 6.70 -9.35
N SER A 1085 -9.56 6.05 -9.21
CA SER A 1085 -9.56 4.60 -9.10
C SER A 1085 -10.34 4.13 -7.89
N THR A 1086 -10.17 4.81 -6.75
CA THR A 1086 -10.93 4.47 -5.55
C THR A 1086 -12.42 4.60 -5.82
N VAL A 1087 -12.84 5.75 -6.34
CA VAL A 1087 -14.26 6.01 -6.57
C VAL A 1087 -14.87 4.97 -7.51
N ASP A 1088 -14.11 4.53 -8.51
CA ASP A 1088 -14.66 3.58 -9.46
C ASP A 1088 -14.55 2.12 -9.04
N ASP A 1089 -13.64 1.78 -8.13
CA ASP A 1089 -13.43 0.38 -7.77
C ASP A 1089 -13.82 0.05 -6.34
N LEU A 1090 -13.30 0.77 -5.36
CA LEU A 1090 -13.44 0.37 -3.97
C LEU A 1090 -14.59 1.04 -3.25
N LEU A 1091 -15.20 2.05 -3.84
CA LEU A 1091 -16.34 2.68 -3.18
C LEU A 1091 -17.62 1.90 -3.44
N PRO A 1092 -17.93 1.50 -4.67
CA PRO A 1092 -19.15 0.70 -4.87
C PRO A 1092 -19.16 -0.59 -4.05
N GLN A 1093 -18.05 -1.33 -4.06
CA GLN A 1093 -18.01 -2.58 -3.32
C GLN A 1093 -18.18 -2.35 -1.83
N THR A 1094 -17.53 -1.30 -1.30
CA THR A 1094 -17.65 -1.03 0.13
C THR A 1094 -19.07 -0.62 0.51
N LEU A 1095 -19.70 0.24 -0.28
CA LEU A 1095 -21.06 0.66 0.07
C LEU A 1095 -22.05 -0.50 -0.08
N ARG A 1096 -21.91 -1.31 -1.11
CA ARG A 1096 -22.77 -2.48 -1.27
C ARG A 1096 -22.57 -3.46 -0.11
N SER A 1097 -21.34 -3.69 0.30
CA SER A 1097 -21.09 -4.60 1.42
C SER A 1097 -21.67 -4.04 2.70
N TRP A 1098 -21.58 -2.73 2.90
CA TRP A 1098 -22.18 -2.15 4.09
C TRP A 1098 -23.68 -2.34 4.10
N MET A 1099 -24.35 -2.12 2.97
CA MET A 1099 -25.79 -2.33 2.93
C MET A 1099 -26.13 -3.79 3.17
N MET A 1100 -25.35 -4.70 2.60
CA MET A 1100 -25.58 -6.13 2.78
C MET A 1100 -25.48 -6.52 4.26
N CYS A 1101 -24.41 -6.08 4.91
CA CYS A 1101 -24.24 -6.39 6.33
C CYS A 1101 -25.34 -5.77 7.17
N PHE A 1102 -25.70 -4.51 6.90
CA PHE A 1102 -26.70 -3.85 7.73
C PHE A 1102 -28.06 -4.50 7.58
N PHE A 1103 -28.44 -4.89 6.37
CA PHE A 1103 -29.74 -5.51 6.25
C PHE A 1103 -29.73 -6.94 6.74
N GLY A 1104 -28.60 -7.64 6.70
CA GLY A 1104 -28.51 -8.91 7.39
C GLY A 1104 -28.76 -8.77 8.88
N ILE A 1105 -28.11 -7.76 9.49
CA ILE A 1105 -28.29 -7.53 10.92
C ILE A 1105 -29.74 -7.16 11.22
N ALA A 1106 -30.34 -6.29 10.41
CA ALA A 1106 -31.71 -5.87 10.68
C ALA A 1106 -32.69 -7.02 10.52
N GLY A 1107 -32.50 -7.86 9.50
CA GLY A 1107 -33.37 -9.02 9.35
C GLY A 1107 -33.25 -9.97 10.53
N THR A 1108 -32.02 -10.27 10.95
CA THR A 1108 -31.85 -11.18 12.07
C THR A 1108 -32.46 -10.61 13.35
N LEU A 1109 -32.25 -9.32 13.62
CA LEU A 1109 -32.79 -8.74 14.84
C LEU A 1109 -34.31 -8.69 14.81
N VAL A 1110 -34.90 -8.32 13.68
CA VAL A 1110 -36.36 -8.28 13.60
C VAL A 1110 -36.97 -9.66 13.53
N MET A 1111 -36.15 -10.70 13.33
CA MET A 1111 -36.67 -12.06 13.38
C MET A 1111 -36.47 -12.71 14.73
N ILE A 1112 -35.47 -12.29 15.50
CA ILE A 1112 -35.39 -12.71 16.89
C ILE A 1112 -36.47 -12.04 17.72
N CYS A 1113 -36.71 -10.75 17.49
CA CYS A 1113 -37.73 -10.00 18.22
C CYS A 1113 -39.14 -10.39 17.82
N MET A 1114 -39.31 -11.10 16.72
CA MET A 1114 -40.64 -11.54 16.33
C MET A 1114 -41.14 -12.69 17.19
N ALA A 1115 -40.24 -13.44 17.82
CA ALA A 1115 -40.61 -14.54 18.69
C ALA A 1115 -40.77 -14.11 20.14
N THR A 1116 -39.74 -13.48 20.69
CA THR A 1116 -39.77 -12.99 22.07
C THR A 1116 -39.60 -11.47 22.06
N PRO A 1117 -40.69 -10.70 22.13
CA PRO A 1117 -40.57 -9.24 22.02
C PRO A 1117 -39.71 -8.61 23.10
N VAL A 1118 -39.55 -9.27 24.24
CA VAL A 1118 -38.73 -8.72 25.31
C VAL A 1118 -37.33 -8.41 24.82
N PHE A 1119 -36.83 -9.18 23.84
CA PHE A 1119 -35.48 -8.97 23.36
C PHE A 1119 -35.28 -7.55 22.86
N ALA A 1120 -36.34 -6.89 22.42
CA ALA A 1120 -36.21 -5.51 21.95
C ALA A 1120 -35.53 -4.64 23.00
N ILE A 1121 -35.87 -4.84 24.27
CA ILE A 1121 -35.26 -4.04 25.34
C ILE A 1121 -33.75 -4.23 25.34
N ILE A 1122 -33.28 -5.48 25.21
CA ILE A 1122 -31.86 -5.74 25.24
C ILE A 1122 -31.14 -5.12 24.04
N ILE A 1123 -31.88 -4.72 23.00
CA ILE A 1123 -31.23 -4.02 21.90
C ILE A 1123 -30.72 -2.66 22.36
N ILE A 1124 -31.39 -2.03 23.34
CA ILE A 1124 -31.01 -0.69 23.76
C ILE A 1124 -29.58 -0.64 24.32
N PRO A 1125 -29.19 -1.47 25.29
CA PRO A 1125 -27.80 -1.40 25.74
C PRO A 1125 -26.82 -2.02 24.76
N LEU A 1126 -27.14 -3.18 24.19
CA LEU A 1126 -26.21 -3.87 23.30
C LEU A 1126 -25.73 -2.95 22.19
N SER A 1127 -26.66 -2.34 21.48
CA SER A 1127 -26.29 -1.42 20.40
C SER A 1127 -25.32 -0.37 20.91
N ILE A 1128 -25.63 0.23 22.06
CA ILE A 1128 -24.74 1.25 22.61
C ILE A 1128 -23.34 0.68 22.73
N LEU A 1129 -23.23 -0.49 23.36
CA LEU A 1129 -21.94 -1.15 23.48
C LEU A 1129 -21.29 -1.29 22.12
N TYR A 1130 -22.03 -1.86 21.15
CA TYR A 1130 -21.51 -2.01 19.81
C TYR A 1130 -21.02 -0.68 19.28
N ILE A 1131 -21.86 0.36 19.39
CA ILE A 1131 -21.49 1.66 18.84
C ILE A 1131 -20.16 2.09 19.42
N SER A 1132 -20.02 1.97 20.74
CA SER A 1132 -18.79 2.41 21.39
C SER A 1132 -17.59 1.77 20.72
N VAL A 1133 -17.62 0.44 20.60
CA VAL A 1133 -16.47 -0.24 20.01
C VAL A 1133 -16.18 0.33 18.63
N GLN A 1134 -17.22 0.44 17.80
CA GLN A 1134 -17.01 0.94 16.45
C GLN A 1134 -16.28 2.27 16.49
N VAL A 1135 -16.77 3.20 17.31
CA VAL A 1135 -16.17 4.53 17.32
C VAL A 1135 -14.69 4.42 17.57
N PHE A 1136 -14.32 3.71 18.64
CA PHE A 1136 -12.92 3.62 19.00
C PHE A 1136 -12.13 3.03 17.84
N TYR A 1137 -12.62 1.92 17.28
CA TYR A 1137 -11.90 1.29 16.19
C TYR A 1137 -11.64 2.29 15.08
N VAL A 1138 -12.68 3.00 14.65
CA VAL A 1138 -12.49 3.93 13.54
C VAL A 1138 -11.41 4.93 13.89
N ALA A 1139 -11.53 5.53 15.09
CA ALA A 1139 -10.62 6.60 15.44
C ALA A 1139 -9.18 6.15 15.47
N THR A 1140 -8.93 4.84 15.53
CA THR A 1140 -7.58 4.33 15.40
C THR A 1140 -7.31 3.83 13.99
N SER A 1141 -8.22 3.05 13.42
CA SER A 1141 -7.88 2.31 12.20
C SER A 1141 -7.46 3.25 11.10
N ARG A 1142 -8.26 4.29 10.85
CA ARG A 1142 -7.91 5.32 9.88
C ARG A 1142 -6.45 5.71 10.02
N GLN A 1143 -6.06 6.16 11.21
CA GLN A 1143 -4.71 6.62 11.42
C GLN A 1143 -3.70 5.54 11.04
N LEU A 1144 -3.91 4.31 11.52
CA LEU A 1144 -2.99 3.23 11.18
C LEU A 1144 -2.90 3.07 9.68
N ARG A 1145 -4.05 3.04 8.99
CA ARG A 1145 -4.02 2.95 7.55
C ARG A 1145 -3.15 4.04 6.97
N ARG A 1146 -3.39 5.29 7.38
CA ARG A 1146 -2.61 6.40 6.87
C ARG A 1146 -1.12 6.15 7.13
N LEU A 1147 -0.79 5.73 8.35
CA LEU A 1147 0.61 5.50 8.67
C LEU A 1147 1.22 4.48 7.74
N ASP A 1148 0.50 3.40 7.45
CA ASP A 1148 1.01 2.41 6.53
C ASP A 1148 1.31 3.05 5.19
N SER A 1149 0.36 3.83 4.66
CA SER A 1149 0.55 4.45 3.36
C SER A 1149 1.74 5.39 3.37
N VAL A 1150 2.08 5.93 4.54
CA VAL A 1150 3.18 6.88 4.60
C VAL A 1150 4.53 6.16 4.62
N THR A 1151 4.57 4.93 5.12
CA THR A 1151 5.84 4.25 5.32
C THR A 1151 6.12 3.16 4.30
N LYS A 1152 5.09 2.57 3.69
CA LYS A 1152 5.32 1.58 2.65
C LYS A 1152 5.97 2.21 1.43
N SER A 1153 5.56 3.42 1.08
CA SER A 1153 6.04 4.04 -0.16
C SER A 1153 7.54 4.27 -0.20
N PRO A 1154 8.19 4.81 0.83
CA PRO A 1154 9.63 5.05 0.71
C PRO A 1154 10.47 3.82 0.39
N ILE A 1155 10.17 2.67 1.00
CA ILE A 1155 10.98 1.47 0.79
C ILE A 1155 11.19 1.24 -0.69
N TYR A 1156 10.09 1.03 -1.43
CA TYR A 1156 10.17 0.80 -2.86
C TYR A 1156 10.97 1.90 -3.54
N SER A 1157 10.65 3.16 -3.24
CA SER A 1157 11.37 4.25 -3.87
C SER A 1157 12.86 4.14 -3.59
N HIS A 1158 13.21 3.89 -2.32
CA HIS A 1158 14.63 3.76 -1.98
C HIS A 1158 15.27 2.64 -2.78
N PHE A 1159 14.55 1.52 -2.97
CA PHE A 1159 15.11 0.44 -3.76
C PHE A 1159 15.48 0.94 -5.14
N SER A 1160 14.59 1.69 -5.78
CA SER A 1160 14.92 2.26 -7.08
C SER A 1160 16.20 3.09 -6.97
N GLU A 1161 16.26 3.97 -5.96
CA GLU A 1161 17.42 4.81 -5.77
C GLU A 1161 18.69 3.99 -5.57
N THR A 1162 18.58 2.80 -4.99
CA THR A 1162 19.76 2.00 -4.74
C THR A 1162 20.04 1.00 -5.84
N VAL A 1163 19.17 0.89 -6.85
CA VAL A 1163 19.44 0.01 -7.96
C VAL A 1163 19.75 0.77 -9.24
N THR A 1164 19.35 2.03 -9.35
CA THR A 1164 19.78 2.86 -10.46
C THR A 1164 21.25 3.25 -10.34
N GLY A 1165 21.67 3.62 -9.13
CA GLY A 1165 23.02 4.08 -8.90
C GLY A 1165 23.88 3.05 -8.21
N LEU A 1166 23.75 1.79 -8.63
CA LEU A 1166 24.58 0.74 -8.05
C LEU A 1166 26.08 0.94 -8.25
N PRO A 1167 26.59 1.31 -9.43
CA PRO A 1167 28.04 1.47 -9.57
C PRO A 1167 28.63 2.48 -8.59
N ILE A 1168 27.91 3.57 -8.32
CA ILE A 1168 28.41 4.59 -7.41
C ILE A 1168 28.56 4.01 -6.01
N ILE A 1169 27.54 3.30 -5.54
CA ILE A 1169 27.58 2.71 -4.20
C ILE A 1169 28.70 1.70 -4.11
N ARG A 1170 28.85 0.86 -5.13
CA ARG A 1170 29.91 -0.14 -5.10
C ARG A 1170 31.29 0.53 -5.09
N ALA A 1171 31.44 1.62 -5.84
CA ALA A 1171 32.72 2.32 -5.86
C ALA A 1171 33.04 2.93 -4.50
N PHE A 1172 32.06 3.57 -3.86
CA PHE A 1172 32.30 4.20 -2.57
C PHE A 1172 32.41 3.19 -1.44
N GLU A 1173 32.12 1.92 -1.70
CA GLU A 1173 32.15 0.85 -0.69
C GLU A 1173 31.16 1.08 0.43
N HIS A 1174 30.11 1.86 0.19
CA HIS A 1174 29.08 2.09 1.20
C HIS A 1174 27.89 1.15 0.96
N GLN A 1175 28.15 -0.15 1.11
CA GLN A 1175 27.10 -1.13 0.93
C GLN A 1175 26.36 -1.42 2.24
N GLN A 1176 27.13 -1.68 3.31
CA GLN A 1176 26.50 -2.02 4.59
C GLN A 1176 25.63 -0.89 5.11
N ARG A 1177 26.01 0.36 4.84
CA ARG A 1177 25.18 1.48 5.27
C ARG A 1177 23.82 1.46 4.57
N PHE A 1178 23.82 1.22 3.25
CA PHE A 1178 22.55 1.17 2.52
C PHE A 1178 21.72 -0.03 2.96
N LEU A 1179 22.37 -1.18 3.20
CA LEU A 1179 21.64 -2.34 3.69
C LEU A 1179 20.98 -2.05 5.04
N ALA A 1180 21.72 -1.41 5.95
CA ALA A 1180 21.16 -1.09 7.25
C ALA A 1180 20.01 -0.10 7.12
N TRP A 1181 20.13 0.87 6.21
CA TRP A 1181 19.04 1.81 6.02
C TRP A 1181 17.78 1.11 5.52
N ASN A 1182 17.94 0.19 4.57
CA ASN A 1182 16.76 -0.52 4.06
C ASN A 1182 16.14 -1.37 5.15
N GLU A 1183 16.96 -2.01 5.98
CA GLU A 1183 16.42 -2.78 7.10
C GLU A 1183 15.64 -1.88 8.05
N LYS A 1184 16.16 -0.68 8.32
CA LYS A 1184 15.48 0.23 9.21
C LYS A 1184 14.12 0.63 8.65
N GLN A 1185 14.06 0.93 7.34
CA GLN A 1185 12.78 1.30 6.75
C GLN A 1185 11.79 0.14 6.79
N ILE A 1186 12.29 -1.07 6.56
CA ILE A 1186 11.40 -2.24 6.62
C ILE A 1186 10.83 -2.40 8.01
N ASP A 1187 11.65 -2.23 9.04
CA ASP A 1187 11.13 -2.32 10.41
C ASP A 1187 10.11 -1.23 10.70
N ILE A 1188 10.34 -0.02 10.21
CA ILE A 1188 9.41 1.08 10.47
C ILE A 1188 8.06 0.81 9.83
N ASN A 1189 8.05 0.16 8.66
CA ASN A 1189 6.76 -0.23 8.10
C ASN A 1189 6.15 -1.43 8.82
N GLN A 1190 7.00 -2.35 9.27
CA GLN A 1190 6.53 -3.56 9.92
C GLN A 1190 5.76 -3.25 11.19
N LYS A 1191 6.24 -2.29 11.98
CA LYS A 1191 5.54 -1.99 13.23
C LYS A 1191 4.14 -1.46 12.94
N CYS A 1192 4.00 -0.60 11.92
CA CYS A 1192 2.68 -0.07 11.58
C CYS A 1192 1.73 -1.18 11.14
N VAL A 1193 2.20 -2.05 10.25
CA VAL A 1193 1.29 -3.09 9.74
C VAL A 1193 0.93 -4.08 10.85
N PHE A 1194 1.88 -4.37 11.75
CA PHE A 1194 1.56 -5.27 12.86
C PHE A 1194 0.55 -4.65 13.80
N SER A 1195 0.67 -3.35 14.09
CA SER A 1195 -0.33 -2.72 14.94
C SER A 1195 -1.69 -2.72 14.28
N TRP A 1196 -1.73 -2.57 12.95
CA TRP A 1196 -3.02 -2.65 12.27
C TRP A 1196 -3.63 -4.04 12.41
N ILE A 1197 -2.82 -5.08 12.25
CA ILE A 1197 -3.33 -6.45 12.37
C ILE A 1197 -3.91 -6.67 13.76
N THR A 1198 -3.17 -6.25 14.78
CA THR A 1198 -3.66 -6.45 16.15
C THR A 1198 -4.93 -5.66 16.38
N SER A 1199 -5.05 -4.47 15.80
CA SER A 1199 -6.28 -3.70 15.97
C SER A 1199 -7.47 -4.43 15.36
N ASN A 1200 -7.27 -5.02 14.19
CA ASN A 1200 -8.33 -5.83 13.60
C ASN A 1200 -8.77 -6.94 14.53
N ARG A 1201 -7.79 -7.65 15.14
CA ARG A 1201 -8.15 -8.76 16.04
C ARG A 1201 -8.84 -8.25 17.29
N TRP A 1202 -8.42 -7.10 17.81
CA TRP A 1202 -9.08 -6.50 18.97
C TRP A 1202 -10.55 -6.27 18.68
N LEU A 1203 -10.84 -5.59 17.57
CA LEU A 1203 -12.22 -5.33 17.20
C LEU A 1203 -12.98 -6.63 16.99
N ALA A 1204 -12.34 -7.62 16.35
CA ALA A 1204 -13.02 -8.87 16.08
C ALA A 1204 -13.42 -9.58 17.36
N ILE A 1205 -12.54 -9.59 18.35
CA ILE A 1205 -12.88 -10.22 19.64
C ILE A 1205 -14.06 -9.50 20.27
N ARG A 1206 -14.03 -8.17 20.28
CA ARG A 1206 -15.12 -7.42 20.90
C ARG A 1206 -16.45 -7.71 20.21
N LEU A 1207 -16.48 -7.64 18.89
CA LEU A 1207 -17.74 -7.75 18.18
C LEU A 1207 -18.23 -9.19 18.10
N GLU A 1208 -17.33 -10.17 18.06
CA GLU A 1208 -17.79 -11.55 18.18
C GLU A 1208 -18.34 -11.80 19.57
N LEU A 1209 -17.83 -11.11 20.60
CA LEU A 1209 -18.48 -11.19 21.90
C LEU A 1209 -19.87 -10.57 21.86
N VAL A 1210 -20.06 -9.46 21.15
CA VAL A 1210 -21.39 -8.84 21.09
C VAL A 1210 -22.37 -9.78 20.38
N GLY A 1211 -21.95 -10.36 19.26
CA GLY A 1211 -22.82 -11.30 18.57
C GLY A 1211 -23.12 -12.54 19.39
N ASN A 1212 -22.12 -13.03 20.13
CA ASN A 1212 -22.33 -14.18 21.00
C ASN A 1212 -23.27 -13.80 22.15
N LEU A 1213 -23.18 -12.57 22.64
CA LEU A 1213 -24.12 -12.10 23.65
C LEU A 1213 -25.54 -12.08 23.09
N VAL A 1214 -25.69 -11.69 21.83
CA VAL A 1214 -27.01 -11.71 21.20
C VAL A 1214 -27.55 -13.13 21.18
N VAL A 1215 -26.74 -14.09 20.76
CA VAL A 1215 -27.24 -15.46 20.67
C VAL A 1215 -27.54 -16.02 22.07
N PHE A 1216 -26.75 -15.65 23.07
CA PHE A 1216 -26.98 -16.18 24.41
C PHE A 1216 -28.22 -15.56 25.04
N CYS A 1217 -28.43 -14.26 24.87
CA CYS A 1217 -29.64 -13.64 25.38
C CYS A 1217 -30.87 -14.22 24.68
N SER A 1218 -30.77 -14.45 23.37
CA SER A 1218 -31.89 -15.05 22.67
C SER A 1218 -32.17 -16.46 23.16
N ALA A 1219 -31.13 -17.26 23.40
CA ALA A 1219 -31.35 -18.61 23.90
C ALA A 1219 -31.96 -18.59 25.29
N LEU A 1220 -31.50 -17.67 26.15
CA LEU A 1220 -32.06 -17.58 27.49
C LEU A 1220 -33.53 -17.19 27.43
N LEU A 1221 -33.88 -16.25 26.56
CA LEU A 1221 -35.28 -15.86 26.45
C LEU A 1221 -36.12 -17.02 25.93
N LEU A 1222 -35.60 -17.79 24.99
CA LEU A 1222 -36.34 -18.95 24.48
C LEU A 1222 -36.55 -19.98 25.57
N VAL A 1223 -35.54 -20.21 26.40
CA VAL A 1223 -35.68 -21.20 27.46
C VAL A 1223 -36.67 -20.70 28.52
N ILE A 1224 -36.65 -19.40 28.82
CA ILE A 1224 -37.55 -18.86 29.84
C ILE A 1224 -39.01 -19.01 29.41
N TYR A 1225 -39.30 -18.71 28.14
CA TYR A 1225 -40.65 -18.76 27.62
C TYR A 1225 -41.03 -20.12 27.06
N ARG A 1226 -40.38 -21.19 27.50
CA ARG A 1226 -40.52 -22.48 26.85
C ARG A 1226 -41.95 -22.99 26.85
N LYS A 1227 -42.81 -22.47 27.72
CA LYS A 1227 -44.18 -22.94 27.82
C LYS A 1227 -45.14 -22.21 26.90
N THR A 1228 -44.66 -21.33 26.05
CA THR A 1228 -45.52 -20.58 25.14
C THR A 1228 -45.23 -20.85 23.68
N LEU A 1229 -43.96 -20.83 23.28
CA LEU A 1229 -43.55 -21.00 21.90
C LEU A 1229 -43.05 -22.42 21.67
N THR A 1230 -43.36 -22.97 20.50
CA THR A 1230 -43.04 -24.36 20.21
C THR A 1230 -41.58 -24.49 19.78
N GLY A 1231 -41.18 -25.71 19.46
CA GLY A 1231 -39.78 -25.96 19.15
C GLY A 1231 -39.35 -25.42 17.80
N ASP A 1232 -40.28 -25.31 16.86
CA ASP A 1232 -39.96 -24.78 15.55
C ASP A 1232 -39.50 -23.33 15.64
N VAL A 1233 -40.14 -22.55 16.50
CA VAL A 1233 -39.74 -21.17 16.70
C VAL A 1233 -38.33 -21.10 17.27
N VAL A 1234 -38.02 -21.95 18.24
CA VAL A 1234 -36.64 -22.00 18.75
C VAL A 1234 -35.68 -22.29 17.62
N GLY A 1235 -36.03 -23.22 16.76
CA GLY A 1235 -35.13 -23.56 15.66
C GLY A 1235 -34.86 -22.37 14.77
N PHE A 1236 -35.91 -21.68 14.31
CA PHE A 1236 -35.63 -20.63 13.34
C PHE A 1236 -35.17 -19.33 13.98
N VAL A 1237 -35.27 -19.20 15.30
CA VAL A 1237 -34.65 -18.06 15.96
C VAL A 1237 -33.15 -18.31 16.14
N LEU A 1238 -32.79 -19.48 16.68
CA LEU A 1238 -31.39 -19.73 16.99
C LEU A 1238 -30.56 -19.99 15.73
N SER A 1239 -31.13 -20.68 14.73
CA SER A 1239 -30.34 -21.01 13.56
C SER A 1239 -29.90 -19.78 12.81
N ASN A 1240 -30.53 -18.63 13.05
CA ASN A 1240 -30.12 -17.37 12.46
C ASN A 1240 -29.40 -16.46 13.45
N ALA A 1241 -29.72 -16.54 14.74
CA ALA A 1241 -28.91 -15.83 15.72
C ALA A 1241 -27.48 -16.37 15.76
N LEU A 1242 -27.28 -17.61 15.34
CA LEU A 1242 -25.93 -18.17 15.27
C LEU A 1242 -25.13 -17.61 14.12
N ASN A 1243 -25.79 -16.97 13.16
CA ASN A 1243 -25.16 -16.44 11.96
C ASN A 1243 -24.76 -14.97 12.09
N ILE A 1244 -25.08 -14.33 13.21
CA ILE A 1244 -24.86 -12.90 13.39
C ILE A 1244 -23.51 -12.59 14.01
N THR A 1245 -22.74 -13.61 14.39
CA THR A 1245 -21.48 -13.36 15.10
C THR A 1245 -20.51 -12.57 14.24
N GLN A 1246 -20.41 -12.90 12.97
CA GLN A 1246 -19.45 -12.26 12.09
C GLN A 1246 -20.01 -11.06 11.34
N THR A 1247 -21.33 -10.96 11.20
CA THR A 1247 -21.89 -9.85 10.44
C THR A 1247 -21.68 -8.52 11.14
N LEU A 1248 -21.76 -8.48 12.47
CA LEU A 1248 -21.49 -7.22 13.17
C LEU A 1248 -20.07 -6.76 12.94
N ASN A 1249 -19.11 -7.68 13.09
CA ASN A 1249 -17.71 -7.32 12.90
C ASN A 1249 -17.46 -6.84 11.48
N TRP A 1250 -18.06 -7.51 10.50
CA TRP A 1250 -17.83 -7.08 9.13
C TRP A 1250 -18.58 -5.79 8.80
N LEU A 1251 -19.70 -5.52 9.46
CA LEU A 1251 -20.34 -4.24 9.29
C LEU A 1251 -19.46 -3.11 9.80
N VAL A 1252 -18.81 -3.31 10.95
CA VAL A 1252 -17.93 -2.26 11.45
C VAL A 1252 -16.71 -2.10 10.55
N ARG A 1253 -16.14 -3.20 10.07
CA ARG A 1253 -14.99 -3.06 9.20
C ARG A 1253 -15.36 -2.40 7.89
N MET A 1254 -16.56 -2.66 7.36
CA MET A 1254 -17.00 -1.97 6.16
C MET A 1254 -17.33 -0.51 6.42
N THR A 1255 -17.84 -0.17 7.61
CA THR A 1255 -18.00 1.25 7.94
C THR A 1255 -16.67 1.96 7.97
N SER A 1256 -15.66 1.36 8.58
CA SER A 1256 -14.34 1.97 8.62
C SER A 1256 -13.76 2.11 7.22
N GLU A 1257 -13.93 1.10 6.37
CA GLU A 1257 -13.42 1.20 5.01
C GLU A 1257 -14.15 2.27 4.20
N ALA A 1258 -15.48 2.38 4.38
CA ALA A 1258 -16.22 3.43 3.69
C ALA A 1258 -15.77 4.81 4.14
N GLU A 1259 -15.51 4.97 5.44
CA GLU A 1259 -14.99 6.24 5.91
C GLU A 1259 -13.59 6.51 5.37
N THR A 1260 -12.77 5.47 5.25
CA THR A 1260 -11.39 5.66 4.79
C THR A 1260 -11.34 6.07 3.33
N ASN A 1261 -12.07 5.37 2.47
CA ASN A 1261 -12.01 5.64 1.04
C ASN A 1261 -13.18 6.47 0.53
N ILE A 1262 -13.79 7.29 1.38
CA ILE A 1262 -14.67 8.34 0.88
C ILE A 1262 -13.92 9.64 0.67
N VAL A 1263 -12.72 9.79 1.23
CA VAL A 1263 -11.96 11.02 1.07
C VAL A 1263 -11.63 11.26 -0.39
N ALA A 1264 -11.66 10.22 -1.21
CA ALA A 1264 -11.47 10.42 -2.65
C ALA A 1264 -12.55 11.32 -3.21
N VAL A 1265 -13.80 11.08 -2.84
CA VAL A 1265 -14.88 11.96 -3.29
C VAL A 1265 -14.71 13.35 -2.72
N GLU A 1266 -14.19 13.43 -1.50
CA GLU A 1266 -13.96 14.74 -0.89
C GLU A 1266 -12.96 15.55 -1.69
N ARG A 1267 -11.85 14.93 -2.09
CA ARG A 1267 -10.84 15.66 -2.85
C ARG A 1267 -11.32 15.99 -4.26
N ILE A 1268 -12.03 15.06 -4.90
CA ILE A 1268 -12.54 15.34 -6.24
C ILE A 1268 -13.53 16.50 -6.19
N SER A 1269 -14.42 16.52 -5.20
CA SER A 1269 -15.34 17.63 -5.07
C SER A 1269 -14.63 18.92 -4.69
N GLU A 1270 -13.51 18.83 -3.97
CA GLU A 1270 -12.73 20.02 -3.67
C GLU A 1270 -12.15 20.60 -4.95
N TYR A 1271 -11.64 19.75 -5.84
CA TYR A 1271 -11.03 20.24 -7.07
C TYR A 1271 -12.07 20.66 -8.12
N ILE A 1272 -13.28 20.12 -8.05
CA ILE A 1272 -14.34 20.56 -8.95
C ILE A 1272 -14.68 22.01 -8.69
N ASN A 1273 -14.81 22.39 -7.42
CA ASN A 1273 -15.26 23.72 -7.02
C ASN A 1273 -14.19 24.79 -7.16
N VAL A 1274 -13.07 24.48 -7.81
CA VAL A 1274 -12.03 25.49 -7.98
C VAL A 1274 -12.55 26.63 -8.84
N GLU A 1275 -11.92 27.78 -8.70
CA GLU A 1275 -12.32 28.95 -9.46
C GLU A 1275 -12.09 28.72 -10.95
N ASN A 1276 -12.87 29.42 -11.78
CA ASN A 1276 -12.76 29.33 -13.21
C ASN A 1276 -12.42 30.70 -13.79
N GLU A 1277 -11.74 30.69 -14.93
CA GLU A 1277 -11.39 31.93 -15.61
C GLU A 1277 -12.62 32.45 -16.36
N ALA A 1278 -12.41 33.42 -17.23
CA ALA A 1278 -13.50 33.97 -18.01
C ALA A 1278 -14.12 32.87 -18.89
N PRO A 1279 -15.43 32.93 -19.12
CA PRO A 1279 -16.10 31.84 -19.84
C PRO A 1279 -15.58 31.69 -21.26
N TRP A 1280 -16.03 30.61 -21.90
CA TRP A 1280 -15.55 30.28 -23.24
C TRP A 1280 -15.92 31.37 -24.24
N VAL A 1281 -17.22 31.58 -24.44
CA VAL A 1281 -17.73 32.62 -25.33
C VAL A 1281 -18.81 33.39 -24.57
N THR A 1282 -18.63 34.70 -24.47
CA THR A 1282 -19.57 35.53 -23.73
C THR A 1282 -20.55 36.18 -24.71
N ASP A 1283 -21.41 35.33 -25.28
CA ASP A 1283 -22.52 35.76 -26.13
C ASP A 1283 -22.03 36.52 -27.36
N LYS A 1284 -21.44 37.69 -27.14
CA LYS A 1284 -20.96 38.51 -28.24
C LYS A 1284 -19.89 37.77 -29.03
N ARG A 1285 -19.97 37.88 -30.35
CA ARG A 1285 -19.04 37.19 -31.22
C ARG A 1285 -18.18 38.17 -32.01
N PRO A 1286 -16.91 37.88 -32.21
CA PRO A 1286 -16.06 38.74 -33.04
C PRO A 1286 -16.45 38.63 -34.50
N PRO A 1287 -15.99 39.55 -35.35
CA PRO A 1287 -16.28 39.44 -36.79
C PRO A 1287 -15.48 38.32 -37.44
N ALA A 1288 -15.57 38.21 -38.76
CA ALA A 1288 -14.87 37.14 -39.47
C ALA A 1288 -13.36 37.18 -39.21
N ASP A 1289 -12.80 38.36 -38.96
CA ASP A 1289 -11.40 38.49 -38.59
C ASP A 1289 -11.31 39.49 -37.45
N TRP A 1290 -11.26 38.98 -36.22
CA TRP A 1290 -11.11 39.85 -35.06
C TRP A 1290 -9.82 40.68 -35.07
N PRO A 1291 -8.64 40.16 -35.45
CA PRO A 1291 -7.45 41.03 -35.42
C PRO A 1291 -7.53 42.19 -36.39
N ARG A 1292 -8.37 42.09 -37.42
CA ARG A 1292 -8.56 43.15 -38.40
C ARG A 1292 -7.27 43.53 -39.11
N HIS A 1293 -6.27 42.65 -39.06
CA HIS A 1293 -4.95 42.84 -39.67
C HIS A 1293 -4.44 44.27 -39.45
N GLY A 1294 -4.50 44.72 -38.20
CA GLY A 1294 -4.18 46.10 -37.90
C GLY A 1294 -3.39 46.35 -36.64
N GLU A 1295 -3.59 47.54 -36.06
CA GLU A 1295 -2.80 48.03 -34.95
C GLU A 1295 -3.37 47.53 -33.62
N ILE A 1296 -2.58 47.74 -32.56
CA ILE A 1296 -3.01 47.44 -31.20
C ILE A 1296 -2.72 48.66 -30.32
N GLN A 1297 -3.46 48.76 -29.23
CA GLN A 1297 -3.35 49.89 -28.32
C GLN A 1297 -3.39 49.40 -26.88
N PHE A 1298 -2.42 49.84 -26.08
CA PHE A 1298 -2.35 49.53 -24.65
C PHE A 1298 -2.75 50.77 -23.87
N ASN A 1299 -3.94 50.74 -23.28
CA ASN A 1299 -4.41 51.84 -22.44
C ASN A 1299 -3.79 51.70 -21.05
N ASN A 1300 -4.24 52.53 -20.11
CA ASN A 1300 -3.73 52.49 -18.75
C ASN A 1300 -3.97 51.12 -18.13
N TYR A 1301 -2.89 50.38 -17.90
CA TYR A 1301 -2.96 48.97 -17.53
C TYR A 1301 -2.48 48.78 -16.11
N GLN A 1302 -3.27 48.06 -15.30
CA GLN A 1302 -2.93 47.74 -13.91
C GLN A 1302 -3.14 46.24 -13.73
N VAL A 1303 -2.07 45.47 -13.87
CA VAL A 1303 -2.16 44.01 -13.89
C VAL A 1303 -1.06 43.40 -13.03
N ARG A 1304 -1.43 42.40 -12.25
CA ARG A 1304 -0.51 41.62 -11.44
C ARG A 1304 -0.62 40.16 -11.83
N TYR A 1305 0.45 39.41 -11.57
CA TYR A 1305 0.47 38.00 -11.94
C TYR A 1305 -0.63 37.23 -11.22
N ARG A 1306 -0.83 37.50 -9.94
CA ARG A 1306 -1.92 36.94 -9.17
C ARG A 1306 -2.58 38.07 -8.39
N PRO A 1307 -3.86 37.94 -8.05
CA PRO A 1307 -4.61 39.12 -7.63
C PRO A 1307 -4.22 39.60 -6.23
N GLU A 1308 -4.32 40.92 -6.06
CA GLU A 1308 -3.91 41.65 -4.85
C GLU A 1308 -2.66 41.08 -4.20
N LEU A 1309 -1.59 40.91 -4.97
CA LEU A 1309 -0.28 40.60 -4.41
C LEU A 1309 0.73 41.72 -4.68
N ASP A 1310 1.01 42.01 -5.95
CA ASP A 1310 1.95 43.07 -6.30
C ASP A 1310 1.73 43.41 -7.77
N LEU A 1311 1.32 44.64 -8.05
CA LEU A 1311 1.07 45.06 -9.42
C LEU A 1311 2.36 45.01 -10.23
N VAL A 1312 2.29 44.38 -11.41
CA VAL A 1312 3.45 44.26 -12.28
C VAL A 1312 3.41 45.35 -13.34
N LEU A 1313 2.36 45.34 -14.16
CA LEU A 1313 2.18 46.35 -15.20
C LEU A 1313 1.33 47.48 -14.64
N LYS A 1314 1.87 48.69 -14.65
CA LYS A 1314 1.20 49.85 -14.07
C LYS A 1314 1.61 51.10 -14.82
N GLY A 1315 0.63 51.91 -15.19
CA GLY A 1315 0.89 53.19 -15.81
C GLY A 1315 1.59 53.10 -17.15
N ILE A 1316 1.11 52.22 -18.03
CA ILE A 1316 1.68 52.03 -19.36
C ILE A 1316 0.61 52.31 -20.39
N THR A 1317 1.00 52.99 -21.48
CA THR A 1317 0.09 53.31 -22.57
C THR A 1317 0.90 53.47 -23.84
N CYS A 1318 0.50 52.78 -24.91
CA CYS A 1318 1.25 52.82 -26.16
C CYS A 1318 0.33 52.41 -27.30
N ASN A 1319 0.84 52.56 -28.51
CA ASN A 1319 0.12 52.17 -29.72
C ASN A 1319 1.11 51.56 -30.70
N ILE A 1320 0.90 50.31 -31.07
CA ILE A 1320 1.77 49.59 -32.01
C ILE A 1320 1.04 49.50 -33.34
N LYS A 1321 1.67 50.00 -34.40
CA LYS A 1321 1.04 50.09 -35.70
C LYS A 1321 1.09 48.74 -36.42
N SER A 1322 0.38 48.69 -37.55
CA SER A 1322 0.29 47.46 -38.32
C SER A 1322 1.63 47.09 -38.96
N GLY A 1323 1.95 45.81 -38.94
CA GLY A 1323 3.14 45.31 -39.61
C GLY A 1323 4.45 45.72 -38.97
N GLU A 1324 4.42 46.23 -37.75
CA GLU A 1324 5.62 46.72 -37.08
C GLU A 1324 6.29 45.58 -36.32
N LYS A 1325 7.57 45.37 -36.58
CA LYS A 1325 8.37 44.39 -35.84
C LYS A 1325 8.83 44.99 -34.52
N VAL A 1326 7.85 45.27 -33.66
CA VAL A 1326 8.12 45.94 -32.39
C VAL A 1326 8.73 44.95 -31.43
N GLY A 1327 9.93 45.25 -30.95
CA GLY A 1327 10.62 44.42 -29.98
C GLY A 1327 10.72 45.14 -28.65
N VAL A 1328 10.62 44.39 -27.57
CA VAL A 1328 10.72 44.95 -26.22
C VAL A 1328 11.74 44.16 -25.42
N VAL A 1329 12.72 44.88 -24.86
CA VAL A 1329 13.66 44.32 -23.90
C VAL A 1329 13.74 45.34 -22.76
N GLY A 1330 12.94 45.13 -21.72
CA GLY A 1330 12.89 46.10 -20.63
C GLY A 1330 14.02 45.98 -19.63
N ARG A 1331 14.05 44.88 -18.89
CA ARG A 1331 15.02 44.66 -17.83
C ARG A 1331 14.93 43.19 -17.40
N THR A 1332 15.63 42.85 -16.32
CA THR A 1332 15.59 41.48 -15.80
C THR A 1332 14.30 41.18 -15.04
N GLY A 1333 13.45 42.18 -14.82
CA GLY A 1333 12.25 41.97 -14.03
C GLY A 1333 11.21 41.17 -14.78
N ALA A 1334 10.16 40.80 -14.04
CA ALA A 1334 9.09 40.00 -14.60
C ALA A 1334 8.28 40.75 -15.65
N GLY A 1335 8.37 42.08 -15.68
CA GLY A 1335 7.61 42.86 -16.64
C GLY A 1335 7.91 42.50 -18.09
N LYS A 1336 9.08 41.93 -18.36
CA LYS A 1336 9.38 41.46 -19.70
C LYS A 1336 8.41 40.35 -20.12
N SER A 1337 8.14 39.41 -19.22
CA SER A 1337 7.35 38.23 -19.54
C SER A 1337 5.85 38.42 -19.32
N SER A 1338 5.43 39.56 -18.80
CA SER A 1338 4.02 39.73 -18.47
C SER A 1338 3.17 40.02 -19.72
N LEU A 1339 3.73 40.75 -20.68
CA LEU A 1339 2.93 41.22 -21.82
C LEU A 1339 2.25 40.06 -22.54
N THR A 1340 2.98 38.98 -22.81
CA THR A 1340 2.39 37.83 -23.46
C THR A 1340 1.19 37.32 -22.67
N ASN A 1341 1.36 37.18 -21.35
CA ASN A 1341 0.26 36.70 -20.52
C ASN A 1341 -0.91 37.68 -20.54
N CYS A 1342 -0.63 38.97 -20.72
CA CYS A 1342 -1.70 39.96 -20.84
C CYS A 1342 -2.26 40.07 -22.24
N LEU A 1343 -1.59 39.48 -23.23
CA LEU A 1343 -2.08 39.57 -24.60
C LEU A 1343 -3.12 38.51 -24.91
N PHE A 1344 -3.15 37.41 -24.16
CA PHE A 1344 -4.14 36.36 -24.33
C PHE A 1344 -5.23 36.41 -23.27
N ARG A 1345 -5.32 37.50 -22.52
CA ARG A 1345 -6.29 37.66 -21.44
C ARG A 1345 -6.09 36.61 -20.34
N ILE A 1346 -4.91 36.01 -20.26
CA ILE A 1346 -4.64 35.04 -19.20
C ILE A 1346 -4.69 35.73 -17.84
N LEU A 1347 -4.12 36.93 -17.76
CA LEU A 1347 -4.20 37.74 -16.56
C LEU A 1347 -5.29 38.78 -16.74
N GLU A 1348 -6.28 38.75 -15.86
CA GLU A 1348 -7.39 39.69 -15.96
C GLU A 1348 -6.88 41.11 -15.76
N SER A 1349 -7.39 42.04 -16.57
CA SER A 1349 -6.96 43.42 -16.55
C SER A 1349 -7.81 44.19 -15.55
N ALA A 1350 -7.23 44.50 -14.38
CA ALA A 1350 -7.94 45.27 -13.37
C ALA A 1350 -8.15 46.72 -13.81
N GLY A 1351 -7.16 47.29 -14.50
CA GLY A 1351 -7.27 48.67 -14.95
C GLY A 1351 -7.14 48.82 -16.45
N GLY A 1352 -8.07 49.55 -17.06
CA GLY A 1352 -8.02 49.77 -18.49
C GLY A 1352 -8.36 48.51 -19.29
N GLN A 1353 -7.92 48.51 -20.54
CA GLN A 1353 -8.18 47.41 -21.44
C GLN A 1353 -7.22 47.52 -22.63
N ILE A 1354 -7.39 46.60 -23.59
CA ILE A 1354 -6.60 46.60 -24.81
C ILE A 1354 -7.55 46.81 -25.98
N ILE A 1355 -7.22 47.78 -26.83
CA ILE A 1355 -8.00 48.08 -28.02
C ILE A 1355 -7.19 47.65 -29.24
N ILE A 1356 -7.79 46.83 -30.09
CA ILE A 1356 -7.16 46.33 -31.30
C ILE A 1356 -8.08 46.67 -32.46
N ASP A 1357 -7.79 47.77 -33.15
CA ASP A 1357 -8.61 48.25 -34.27
C ASP A 1357 -10.08 48.44 -33.84
N GLY A 1358 -10.26 49.02 -32.67
CA GLY A 1358 -11.59 49.26 -32.13
C GLY A 1358 -12.24 48.05 -31.48
N ILE A 1359 -11.54 46.93 -31.38
CA ILE A 1359 -12.05 45.72 -30.76
C ILE A 1359 -11.43 45.59 -29.38
N ASP A 1360 -12.28 45.50 -28.37
CA ASP A 1360 -11.84 45.43 -26.98
C ASP A 1360 -11.91 43.99 -26.50
N VAL A 1361 -10.79 43.48 -25.97
CA VAL A 1361 -10.75 42.11 -25.49
C VAL A 1361 -11.65 41.91 -24.27
N ALA A 1362 -11.87 42.98 -23.50
CA ALA A 1362 -12.68 42.85 -22.28
C ALA A 1362 -14.11 42.46 -22.60
N SER A 1363 -14.71 43.07 -23.62
CA SER A 1363 -16.10 42.85 -23.96
C SER A 1363 -16.30 41.74 -25.00
N ILE A 1364 -15.37 40.79 -25.07
CA ILE A 1364 -15.41 39.72 -26.05
C ILE A 1364 -15.08 38.41 -25.36
N GLY A 1365 -15.32 37.31 -26.07
CA GLY A 1365 -15.06 35.97 -25.55
C GLY A 1365 -13.59 35.72 -25.29
N LEU A 1366 -13.25 34.50 -24.86
CA LEU A 1366 -11.86 34.20 -24.52
C LEU A 1366 -11.23 33.14 -25.40
N HIS A 1367 -11.82 31.94 -25.49
CA HIS A 1367 -11.14 30.84 -26.18
C HIS A 1367 -11.05 31.10 -27.67
N ASP A 1368 -12.03 31.81 -28.24
CA ASP A 1368 -11.96 32.16 -29.65
C ASP A 1368 -10.78 33.08 -29.93
N LEU A 1369 -10.54 34.04 -29.03
CA LEU A 1369 -9.40 34.95 -29.22
C LEU A 1369 -8.08 34.21 -29.13
N ARG A 1370 -7.97 33.28 -28.17
CA ARG A 1370 -6.73 32.51 -28.05
C ARG A 1370 -6.54 31.58 -29.24
N GLU A 1371 -7.63 31.05 -29.79
CA GLU A 1371 -7.52 30.13 -30.92
C GLU A 1371 -6.90 30.79 -32.14
N ARG A 1372 -7.27 32.05 -32.40
CA ARG A 1372 -6.81 32.76 -33.59
C ARG A 1372 -5.70 33.76 -33.26
N LEU A 1373 -4.82 33.39 -32.33
CA LEU A 1373 -3.61 34.13 -32.04
C LEU A 1373 -2.45 33.15 -31.85
N THR A 1374 -1.26 33.57 -32.27
CA THR A 1374 -0.11 32.67 -32.28
C THR A 1374 0.93 33.12 -31.27
N ILE A 1375 1.80 32.18 -30.90
CA ILE A 1375 2.83 32.40 -29.89
C ILE A 1375 3.82 31.25 -29.97
N ILE A 1376 5.10 31.58 -29.87
CA ILE A 1376 6.17 30.59 -29.76
C ILE A 1376 6.56 30.49 -28.29
N PRO A 1377 6.36 29.33 -27.65
CA PRO A 1377 6.75 29.20 -26.25
C PRO A 1377 8.26 29.26 -26.07
N GLN A 1378 8.68 29.77 -24.91
CA GLN A 1378 10.11 29.83 -24.61
C GLN A 1378 10.67 28.45 -24.30
N ASP A 1379 9.85 27.56 -23.73
CA ASP A 1379 10.24 26.19 -23.42
C ASP A 1379 9.19 25.25 -24.00
N PRO A 1380 9.21 25.03 -25.31
CA PRO A 1380 8.20 24.16 -25.94
C PRO A 1380 8.32 22.73 -25.45
N ILE A 1381 7.17 22.06 -25.34
CA ILE A 1381 7.11 20.66 -24.93
C ILE A 1381 6.23 19.91 -25.91
N LEU A 1382 6.41 18.60 -25.95
CA LEU A 1382 5.79 17.75 -26.95
C LEU A 1382 4.65 16.92 -26.35
N PHE A 1383 3.65 16.64 -27.20
CA PHE A 1383 2.52 15.81 -26.83
C PHE A 1383 2.70 14.43 -27.45
N SER A 1384 2.51 13.39 -26.66
CA SER A 1384 2.67 12.03 -27.14
C SER A 1384 1.60 11.71 -28.19
N GLY A 1385 1.96 10.80 -29.10
CA GLY A 1385 1.02 10.37 -30.13
C GLY A 1385 1.58 10.49 -31.53
N SER A 1386 0.80 11.08 -32.43
CA SER A 1386 1.21 11.28 -33.81
C SER A 1386 1.70 12.71 -34.01
N LEU A 1387 2.07 13.01 -35.25
CA LEU A 1387 2.54 14.35 -35.60
C LEU A 1387 1.47 15.23 -36.22
N ARG A 1388 0.38 14.64 -36.72
CA ARG A 1388 -0.70 15.45 -37.29
C ARG A 1388 -1.42 16.22 -36.20
N MET A 1389 -1.81 15.55 -35.11
CA MET A 1389 -2.57 16.20 -34.05
C MET A 1389 -1.68 16.86 -33.00
N ASN A 1390 -0.38 16.58 -32.99
CA ASN A 1390 0.54 17.38 -32.18
C ASN A 1390 0.73 18.76 -32.80
N LEU A 1391 0.42 18.91 -34.08
CA LEU A 1391 0.48 20.18 -34.77
C LEU A 1391 -0.89 20.85 -34.87
N ASP A 1392 -1.92 20.09 -35.22
CA ASP A 1392 -3.27 20.62 -35.32
C ASP A 1392 -4.26 19.55 -34.89
N PRO A 1393 -4.47 19.41 -33.58
CA PRO A 1393 -5.42 18.40 -33.10
C PRO A 1393 -6.86 18.70 -33.50
N PHE A 1394 -7.17 19.93 -33.89
CA PHE A 1394 -8.52 20.23 -34.36
C PHE A 1394 -8.81 19.71 -35.76
N ASN A 1395 -7.76 19.38 -36.53
CA ASN A 1395 -7.91 18.88 -37.90
C ASN A 1395 -8.70 19.86 -38.76
N LYS A 1396 -8.50 21.15 -38.52
CA LYS A 1396 -9.18 22.19 -39.27
C LYS A 1396 -8.36 22.68 -40.47
N TYR A 1397 -7.20 22.07 -40.72
CA TYR A 1397 -6.32 22.46 -41.81
C TYR A 1397 -6.12 21.28 -42.74
N SER A 1398 -6.15 21.55 -44.04
CA SER A 1398 -5.96 20.51 -45.04
C SER A 1398 -4.53 19.98 -45.00
N ASP A 1399 -4.37 18.73 -45.41
CA ASP A 1399 -3.04 18.11 -45.39
C ASP A 1399 -2.07 18.83 -46.32
N GLU A 1400 -2.57 19.39 -47.43
CA GLU A 1400 -1.71 20.16 -48.32
C GLU A 1400 -1.18 21.40 -47.61
N GLU A 1401 -2.05 22.09 -46.85
CA GLU A 1401 -1.61 23.27 -46.13
C GLU A 1401 -0.56 22.92 -45.07
N VAL A 1402 -0.76 21.80 -44.38
CA VAL A 1402 0.22 21.37 -43.38
C VAL A 1402 1.55 21.02 -44.06
N TRP A 1403 1.49 20.32 -45.19
CA TRP A 1403 2.71 19.97 -45.90
C TRP A 1403 3.45 21.22 -46.35
N ARG A 1404 2.72 22.22 -46.85
CA ARG A 1404 3.35 23.48 -47.22
C ARG A 1404 3.96 24.15 -45.99
N ALA A 1405 3.27 24.09 -44.86
CA ALA A 1405 3.77 24.70 -43.63
C ALA A 1405 5.10 24.09 -43.22
N LEU A 1406 5.20 22.77 -43.24
CA LEU A 1406 6.49 22.13 -43.01
C LEU A 1406 7.49 22.46 -44.13
N GLU A 1407 6.99 22.76 -45.33
CA GLU A 1407 7.89 23.13 -46.42
C GLU A 1407 8.61 24.45 -46.12
N LEU A 1408 7.88 25.45 -45.60
CA LEU A 1408 8.60 26.64 -45.15
C LEU A 1408 9.44 26.37 -43.92
N ALA A 1409 9.08 25.36 -43.12
CA ALA A 1409 9.89 24.94 -41.99
C ALA A 1409 10.96 23.94 -42.38
N HIS A 1410 11.00 23.52 -43.66
CA HIS A 1410 11.96 22.55 -44.19
C HIS A 1410 12.09 21.31 -43.30
N LEU A 1411 11.01 20.94 -42.64
CA LEU A 1411 10.93 19.70 -41.90
C LEU A 1411 10.45 18.53 -42.75
N ARG A 1412 10.23 18.78 -44.04
CA ARG A 1412 9.76 17.72 -44.94
C ARG A 1412 10.78 16.60 -45.04
N SER A 1413 12.07 16.94 -45.05
CA SER A 1413 13.11 15.93 -45.19
C SER A 1413 13.12 14.96 -44.01
N PHE A 1414 12.93 15.47 -42.79
CA PHE A 1414 12.99 14.61 -41.62
C PHE A 1414 11.84 13.60 -41.61
N VAL A 1415 10.62 14.06 -41.89
CA VAL A 1415 9.48 13.15 -41.92
C VAL A 1415 9.57 12.20 -43.10
N SER A 1416 10.09 12.67 -44.24
CA SER A 1416 10.26 11.80 -45.38
C SER A 1416 11.25 10.67 -45.07
N GLY A 1417 12.35 10.99 -44.41
CA GLY A 1417 13.26 9.95 -43.96
C GLY A 1417 12.62 9.04 -42.95
N LEU A 1418 11.78 9.59 -42.07
CA LEU A 1418 11.01 8.80 -41.13
C LEU A 1418 9.78 8.24 -41.84
N GLN A 1419 8.82 7.74 -41.07
CA GLN A 1419 7.57 7.26 -41.63
C GLN A 1419 6.90 8.37 -42.46
N LEU A 1420 6.75 8.11 -43.75
CA LEU A 1420 6.24 9.12 -44.66
C LEU A 1420 4.78 9.44 -44.35
N GLY A 1421 4.45 10.73 -44.37
CA GLY A 1421 3.10 11.19 -44.13
C GLY A 1421 3.03 12.18 -42.98
N LEU A 1422 1.83 12.74 -42.81
CA LEU A 1422 1.56 13.68 -41.74
C LEU A 1422 1.27 13.00 -40.41
N LEU A 1423 1.00 11.69 -40.40
CA LEU A 1423 0.57 10.98 -39.21
C LEU A 1423 1.68 10.11 -38.63
N SER A 1424 2.92 10.56 -38.71
CA SER A 1424 4.02 9.83 -38.11
C SER A 1424 3.93 9.89 -36.58
N GLU A 1425 4.21 8.75 -35.95
CA GLU A 1425 4.18 8.70 -34.49
C GLU A 1425 5.33 9.50 -33.90
N VAL A 1426 5.04 10.25 -32.84
CA VAL A 1426 6.06 11.02 -32.13
C VAL A 1426 5.92 10.75 -30.63
N THR A 1427 7.00 10.99 -29.91
CA THR A 1427 7.02 10.76 -28.48
C THR A 1427 8.07 11.66 -27.84
N GLU A 1428 8.10 11.65 -26.52
CA GLU A 1428 9.08 12.42 -25.78
C GLU A 1428 10.45 11.75 -25.86
N GLY A 1429 11.48 12.49 -25.44
CA GLY A 1429 12.83 12.00 -25.45
C GLY A 1429 13.57 12.33 -26.74
N GLY A 1430 14.88 12.16 -26.70
CA GLY A 1430 15.74 12.48 -27.82
C GLY A 1430 15.80 11.44 -28.91
N ASP A 1431 15.11 10.31 -28.74
CA ASP A 1431 15.09 9.30 -29.79
C ASP A 1431 14.41 9.83 -31.05
N ASN A 1432 13.31 10.55 -30.89
CA ASN A 1432 12.58 11.14 -32.01
C ASN A 1432 12.29 12.60 -31.70
N LEU A 1433 12.23 13.40 -32.76
CA LEU A 1433 11.91 14.83 -32.66
C LEU A 1433 12.91 15.54 -31.74
N SER A 1434 14.15 15.60 -32.23
CA SER A 1434 15.24 16.24 -31.49
C SER A 1434 14.96 17.73 -31.29
N ILE A 1435 15.84 18.41 -30.57
CA ILE A 1435 15.58 19.79 -30.17
C ILE A 1435 15.38 20.68 -31.39
N GLY A 1436 16.25 20.53 -32.39
CA GLY A 1436 16.07 21.30 -33.62
C GLY A 1436 14.77 20.98 -34.31
N GLN A 1437 14.40 19.70 -34.35
CA GLN A 1437 13.13 19.31 -34.94
C GLN A 1437 11.97 19.92 -34.17
N ARG A 1438 12.07 19.95 -32.83
CA ARG A 1438 11.01 20.56 -32.03
C ARG A 1438 10.86 22.04 -32.34
N GLN A 1439 11.98 22.75 -32.43
CA GLN A 1439 11.92 24.17 -32.75
C GLN A 1439 11.33 24.40 -34.13
N LEU A 1440 11.73 23.57 -35.10
CA LEU A 1440 11.19 23.69 -36.45
C LEU A 1440 9.68 23.46 -36.45
N LEU A 1441 9.23 22.44 -35.72
CA LEU A 1441 7.80 22.14 -35.67
C LEU A 1441 7.03 23.29 -35.03
N CYS A 1442 7.56 23.85 -33.95
CA CYS A 1442 6.90 24.99 -33.31
C CYS A 1442 6.83 26.18 -34.25
N LEU A 1443 7.92 26.45 -34.98
CA LEU A 1443 7.92 27.55 -35.94
C LEU A 1443 6.88 27.32 -37.03
N GLY A 1444 6.80 26.09 -37.54
CA GLY A 1444 5.81 25.79 -38.55
C GLY A 1444 4.39 25.97 -38.04
N ARG A 1445 4.13 25.49 -36.81
CA ARG A 1445 2.81 25.69 -36.22
C ARG A 1445 2.47 27.17 -36.13
N ALA A 1446 3.43 27.97 -35.66
CA ALA A 1446 3.20 29.40 -35.52
C ALA A 1446 2.92 30.05 -36.86
N VAL A 1447 3.69 29.69 -37.89
CA VAL A 1447 3.51 30.37 -39.18
C VAL A 1447 2.24 29.91 -39.88
N LEU A 1448 1.75 28.71 -39.57
CA LEU A 1448 0.49 28.29 -40.15
C LEU A 1448 -0.72 28.70 -39.33
N ARG A 1449 -0.51 29.23 -38.11
CA ARG A 1449 -1.64 29.78 -37.37
C ARG A 1449 -2.27 30.95 -38.12
N LYS A 1450 -1.44 31.78 -38.75
CA LYS A 1450 -1.87 32.88 -39.62
C LYS A 1450 -2.78 33.85 -38.85
N SER A 1451 -2.16 34.52 -37.89
CA SER A 1451 -2.75 35.65 -37.21
C SER A 1451 -1.83 36.85 -37.33
N LYS A 1452 -2.40 38.04 -37.48
CA LYS A 1452 -1.59 39.22 -37.77
C LYS A 1452 -0.77 39.68 -36.59
N ILE A 1453 -0.97 39.12 -35.40
CA ILE A 1453 -0.18 39.46 -34.22
C ILE A 1453 0.72 38.27 -33.91
N LEU A 1454 2.01 38.52 -33.82
CA LEU A 1454 3.01 37.49 -33.51
C LEU A 1454 3.65 37.81 -32.18
N VAL A 1455 3.71 36.82 -31.30
CA VAL A 1455 4.35 36.95 -30.00
C VAL A 1455 5.43 35.87 -29.90
N LEU A 1456 6.62 36.27 -29.48
CA LEU A 1456 7.75 35.36 -29.35
C LEU A 1456 8.19 35.31 -27.89
N ASP A 1457 9.06 34.36 -27.59
CA ASP A 1457 9.62 34.21 -26.25
C ASP A 1457 10.88 33.38 -26.33
N GLU A 1458 12.01 33.97 -25.97
CA GLU A 1458 13.30 33.29 -26.00
C GLU A 1458 13.94 33.38 -24.62
N ALA A 1459 14.39 32.24 -24.11
CA ALA A 1459 15.02 32.22 -22.79
C ALA A 1459 16.27 31.36 -22.71
N THR A 1460 16.55 30.51 -23.68
CA THR A 1460 17.70 29.61 -23.63
C THR A 1460 18.69 29.96 -24.73
N ALA A 1461 19.97 30.02 -24.39
CA ALA A 1461 21.04 30.31 -25.34
C ALA A 1461 21.65 29.05 -25.93
N ALA A 1462 21.16 27.87 -25.56
CA ALA A 1462 21.70 26.62 -26.07
C ALA A 1462 21.14 26.27 -27.45
N VAL A 1463 20.19 27.04 -27.97
CA VAL A 1463 19.61 26.77 -29.27
C VAL A 1463 20.62 27.06 -30.36
N ASP A 1464 20.64 26.22 -31.39
CA ASP A 1464 21.61 26.35 -32.48
C ASP A 1464 21.40 27.66 -33.24
N LEU A 1465 22.52 28.27 -33.66
CA LEU A 1465 22.46 29.54 -34.37
C LEU A 1465 21.79 29.40 -35.73
N GLU A 1466 21.98 28.26 -36.40
CA GLU A 1466 21.36 28.05 -37.70
C GLU A 1466 19.84 28.08 -37.58
N THR A 1467 19.30 27.45 -36.53
CA THR A 1467 17.85 27.48 -36.33
C THR A 1467 17.35 28.89 -36.10
N ASP A 1468 18.06 29.67 -35.28
CA ASP A 1468 17.66 31.05 -35.05
C ASP A 1468 17.70 31.85 -36.35
N SER A 1469 18.75 31.65 -37.15
CA SER A 1469 18.87 32.37 -38.41
C SER A 1469 17.72 32.03 -39.35
N LEU A 1470 17.40 30.75 -39.48
CA LEU A 1470 16.36 30.36 -40.41
C LEU A 1470 14.97 30.82 -39.94
N ILE A 1471 14.70 30.74 -38.63
CA ILE A 1471 13.40 31.20 -38.15
C ILE A 1471 13.29 32.71 -38.30
N GLN A 1472 14.38 33.45 -38.07
CA GLN A 1472 14.34 34.88 -38.26
C GLN A 1472 14.11 35.24 -39.72
N THR A 1473 14.78 34.52 -40.63
CA THR A 1473 14.59 34.79 -42.06
C THR A 1473 13.16 34.50 -42.48
N THR A 1474 12.59 33.38 -42.02
CA THR A 1474 11.24 33.05 -42.43
C THR A 1474 10.21 33.99 -41.78
N ILE A 1475 10.49 34.50 -40.59
CA ILE A 1475 9.61 35.49 -39.99
C ILE A 1475 9.65 36.79 -40.79
N ARG A 1476 10.87 37.23 -41.15
CA ARG A 1476 10.99 38.48 -41.89
C ARG A 1476 10.44 38.36 -43.31
N LYS A 1477 10.47 37.16 -43.89
CA LYS A 1477 9.98 36.97 -45.25
C LYS A 1477 8.51 36.59 -45.31
N GLU A 1478 7.92 36.16 -44.20
CA GLU A 1478 6.52 35.74 -44.19
C GLU A 1478 5.66 36.54 -43.24
N PHE A 1479 6.15 36.85 -42.04
CA PHE A 1479 5.37 37.57 -41.03
C PHE A 1479 5.76 39.03 -40.94
N SER A 1480 6.42 39.58 -41.96
CA SER A 1480 6.80 40.98 -41.94
C SER A 1480 5.56 41.87 -41.88
N GLN A 1481 4.54 41.55 -42.68
CA GLN A 1481 3.32 42.33 -42.70
C GLN A 1481 2.51 42.19 -41.42
N CYS A 1482 2.85 41.21 -40.57
CA CYS A 1482 2.13 40.97 -39.32
C CYS A 1482 2.94 41.49 -38.15
N THR A 1483 2.25 42.11 -37.19
CA THR A 1483 2.93 42.67 -36.03
C THR A 1483 3.58 41.56 -35.21
N VAL A 1484 4.80 41.81 -34.75
CA VAL A 1484 5.56 40.84 -33.96
C VAL A 1484 6.03 41.53 -32.69
N ILE A 1485 6.26 40.74 -31.65
CA ILE A 1485 6.61 41.25 -30.32
C ILE A 1485 8.05 40.93 -29.95
N THR A 1486 8.48 39.67 -30.12
CA THR A 1486 9.86 39.24 -29.90
C THR A 1486 10.33 39.56 -28.48
N ILE A 1487 9.71 38.88 -27.52
CA ILE A 1487 10.19 38.94 -26.14
C ILE A 1487 11.48 38.12 -26.07
N ALA A 1488 12.62 38.81 -26.11
CA ALA A 1488 13.92 38.16 -26.13
C ALA A 1488 14.79 38.70 -25.01
N HIS A 1489 15.39 37.80 -24.23
CA HIS A 1489 16.30 38.23 -23.18
C HIS A 1489 17.66 38.64 -23.73
N ARG A 1490 18.12 38.00 -24.80
CA ARG A 1490 19.42 38.33 -25.36
C ARG A 1490 19.35 39.67 -26.10
N LEU A 1491 20.49 40.35 -26.16
CA LEU A 1491 20.58 41.67 -26.75
C LEU A 1491 21.11 41.68 -28.18
N HIS A 1492 21.94 40.71 -28.53
CA HIS A 1492 22.61 40.70 -29.83
C HIS A 1492 21.67 40.37 -30.99
N THR A 1493 20.35 40.33 -30.83
CA THR A 1493 19.46 40.01 -31.94
C THR A 1493 18.23 40.92 -31.96
N ILE A 1494 18.35 42.13 -31.42
CA ILE A 1494 17.21 43.03 -31.32
C ILE A 1494 17.42 44.35 -32.05
N MET A 1495 18.64 44.67 -32.48
CA MET A 1495 18.87 45.92 -33.17
C MET A 1495 18.19 45.98 -34.53
N ASP A 1496 17.92 44.82 -35.14
CA ASP A 1496 17.25 44.78 -36.43
C ASP A 1496 15.75 45.06 -36.35
N SER A 1497 15.21 45.14 -35.13
CA SER A 1497 13.79 45.42 -34.98
C SER A 1497 13.46 46.81 -35.52
N ASP A 1498 12.27 46.93 -36.12
CA ASP A 1498 11.82 48.22 -36.60
C ASP A 1498 11.64 49.20 -35.45
N LYS A 1499 11.07 48.73 -34.34
CA LYS A 1499 10.83 49.55 -33.17
C LYS A 1499 11.32 48.80 -31.93
N ILE A 1500 11.76 49.56 -30.94
CA ILE A 1500 12.28 49.01 -29.69
C ILE A 1500 11.51 49.62 -28.53
N MET A 1501 11.02 48.77 -27.63
CA MET A 1501 10.30 49.20 -26.44
C MET A 1501 11.10 48.84 -25.20
N VAL A 1502 11.10 49.75 -24.22
CA VAL A 1502 11.78 49.53 -22.95
C VAL A 1502 10.78 49.75 -21.83
N LEU A 1503 10.65 48.77 -20.95
CA LEU A 1503 9.77 48.83 -19.79
C LEU A 1503 10.60 48.68 -18.53
N ASP A 1504 10.53 49.68 -17.65
CA ASP A 1504 11.31 49.69 -16.43
C ASP A 1504 10.38 49.72 -15.23
N ASN A 1505 10.67 48.86 -14.24
CA ASN A 1505 9.91 48.72 -13.00
C ASN A 1505 8.40 48.70 -13.23
N GLY A 1506 7.99 48.13 -14.36
CA GLY A 1506 6.59 48.12 -14.72
C GLY A 1506 6.08 49.37 -15.39
N LYS A 1507 6.97 50.26 -15.81
CA LYS A 1507 6.59 51.49 -16.50
C LYS A 1507 7.45 51.68 -17.73
N ILE A 1508 6.89 52.37 -18.73
CA ILE A 1508 7.57 52.66 -19.98
C ILE A 1508 7.96 54.13 -19.99
N VAL A 1509 9.22 54.41 -20.30
CA VAL A 1509 9.74 55.77 -20.31
C VAL A 1509 10.20 56.21 -21.69
N GLU A 1510 10.18 55.32 -22.68
CA GLU A 1510 10.66 55.65 -24.02
C GLU A 1510 9.78 54.96 -25.05
N TYR A 1511 9.83 55.49 -26.27
CA TYR A 1511 9.08 54.93 -27.38
C TYR A 1511 9.69 55.43 -28.68
N GLY A 1512 10.13 54.51 -29.53
CA GLY A 1512 10.70 54.89 -30.81
C GLY A 1512 11.53 53.77 -31.40
N SER A 1513 12.08 54.08 -32.57
CA SER A 1513 12.92 53.13 -33.29
C SER A 1513 14.27 52.99 -32.59
N PRO A 1514 15.03 51.93 -32.89
CA PRO A 1514 16.37 51.81 -32.31
C PRO A 1514 17.27 53.00 -32.61
N GLU A 1515 17.15 53.58 -33.81
CA GLU A 1515 17.92 54.77 -34.12
C GLU A 1515 17.55 55.92 -33.19
N GLU A 1516 16.25 56.10 -32.93
CA GLU A 1516 15.83 57.10 -31.96
C GLU A 1516 16.30 56.76 -30.56
N LEU A 1517 16.34 55.47 -30.23
CA LEU A 1517 16.83 55.05 -28.92
C LEU A 1517 18.29 55.42 -28.72
N LEU A 1518 19.13 55.17 -29.72
CA LEU A 1518 20.54 55.52 -29.63
C LEU A 1518 20.79 57.00 -29.87
N SER A 1519 19.81 57.74 -30.39
CA SER A 1519 19.96 59.17 -30.60
C SER A 1519 19.89 59.98 -29.30
N ASN A 1520 19.41 59.37 -28.21
CA ASN A 1520 19.28 60.08 -26.93
C ASN A 1520 20.67 60.20 -26.29
N ARG A 1521 21.41 61.21 -26.74
CA ARG A 1521 22.72 61.60 -26.23
C ARG A 1521 23.74 60.46 -26.26
N GLY A 1522 23.41 59.37 -26.94
CA GLY A 1522 24.35 58.30 -27.17
C GLY A 1522 24.26 57.17 -26.17
N SER A 1523 23.65 56.06 -26.57
CA SER A 1523 23.59 54.83 -25.77
C SER A 1523 23.08 55.10 -24.36
N PHE A 1524 21.99 55.87 -24.27
CA PHE A 1524 21.37 56.12 -22.98
C PHE A 1524 20.74 54.88 -22.38
N TYR A 1525 20.54 53.83 -23.17
CA TYR A 1525 20.07 52.54 -22.68
C TYR A 1525 20.91 51.45 -23.34
N LEU A 1526 20.72 50.22 -22.86
CA LEU A 1526 21.39 49.01 -23.36
C LEU A 1526 22.84 49.28 -23.75
N MET A 1527 23.55 49.96 -22.83
CA MET A 1527 24.93 50.37 -23.12
C MET A 1527 25.84 49.15 -23.31
N ALA A 1528 25.67 48.12 -22.49
CA ALA A 1528 26.56 46.96 -22.52
C ALA A 1528 26.37 46.21 -23.83
N LYS A 1529 27.34 46.36 -24.74
CA LYS A 1529 27.30 45.67 -26.02
C LYS A 1529 27.92 44.29 -25.97
N GLU A 1530 28.54 43.91 -24.85
CA GLU A 1530 29.16 42.60 -24.71
C GLU A 1530 28.60 41.85 -23.52
#